data_5J23
#
_entry.id   5J23
#
_cell.length_a   175.822
_cell.length_b   175.822
_cell.length_c   136.839
_cell.angle_alpha   90.000
_cell.angle_beta   90.000
_cell.angle_gamma   120.000
#
_symmetry.space_group_name_H-M   'H 3'
#
loop_
_entity.id
_entity.type
_entity.pdbx_description
1 polymer '2-hydroxyacid dehydrogenase'
2 non-polymer 'ACETATE ION'
3 non-polymer 'CHLORIDE ION'
4 non-polymer '[(2R,3R,4R,5R)-5-(6-AMINO-9H-PURIN-9-YL)-3-HYDROXY-4-(PHOSPHONOOXY)TETRAHYDROFURAN-2-YL]METHYL [(2R,3S,4R,5R)-3,4,5-TRIHYDROXYTETRAHYDROFURAN-2-YL]METHYL DIHYDROGEN DIPHOSPHATE'
5 water water
#
_entity_poly.entity_id   1
_entity_poly.type   'polypeptide(L)'
_entity_poly.pdbx_seq_one_letter_code
;SMSRPRILVPGKINPRVLERLPEMFETVRIERADAALVTADMRDVSGIAVSGKLPVPLMDAFPSLEIVANFGVGYDGVDV
SRAAARGIVVTNTPDVLTEEVADTAIGLLLNTLRLLPQAEQWLRQGRWVREGAFPLSPLSLRGRTVGLFGLGRIGLAIAR
RLEAFGVSIAYHTRTPREGLGFTYHPTLVGMAEAVDTLIVIVPGTASTLKAVNADVLSALGPKGVLINVGRGSTVDEAAL
VTALQNGTIAGAGLDVFENEPNVPEALLSFPNVSLLPHVASASVVTRNAMSDLVVDNLKAWFSTGEALTPVAETPFRRRA
IQN
;
_entity_poly.pdbx_strand_id   A,B,C,D
#
loop_
_chem_comp.id
_chem_comp.type
_chem_comp.name
_chem_comp.formula
A2R non-polymer '[(2R,3R,4R,5R)-5-(6-AMINO-9H-PURIN-9-YL)-3-HYDROXY-4-(PHOSPHONOOXY)TETRAHYDROFURAN-2-YL]METHYL [(2R,3S,4R,5R)-3,4,5-TRIHYDROXYTETRAHYDROFURAN-2-YL]METHYL DIHYDROGEN DIPHOSPHATE' 'C15 H24 N5 O17 P3'
ACT non-polymer 'ACETATE ION' 'C2 H3 O2 -1'
CL non-polymer 'CHLORIDE ION' 'Cl -1'
#
# COMPACT_ATOMS: atom_id res chain seq x y z
N ARG A 4 43.13 -47.70 -5.23
CA ARG A 4 41.68 -47.31 -5.17
C ARG A 4 41.16 -47.39 -3.76
N PRO A 5 40.74 -46.24 -3.19
CA PRO A 5 40.10 -46.29 -1.88
C PRO A 5 38.83 -47.13 -1.93
N ARG A 6 38.53 -47.77 -0.81
CA ARG A 6 37.45 -48.66 -0.70
C ARG A 6 36.33 -47.93 0.02
N ILE A 7 35.14 -47.96 -0.62
CA ILE A 7 33.97 -47.22 -0.13
C ILE A 7 32.92 -48.24 0.24
N LEU A 8 32.43 -48.15 1.48
CA LEU A 8 31.34 -48.97 1.92
C LEU A 8 29.99 -48.31 1.59
N VAL A 9 29.09 -49.12 1.06
CA VAL A 9 27.69 -48.73 0.85
C VAL A 9 26.79 -49.72 1.62
N PRO A 10 26.22 -49.30 2.76
CA PRO A 10 25.37 -50.15 3.55
C PRO A 10 23.90 -50.00 3.19
N GLY A 11 23.21 -51.11 2.96
CA GLY A 11 21.76 -51.09 2.66
C GLY A 11 21.48 -50.57 1.27
N LYS A 12 20.28 -50.07 1.06
CA LYS A 12 19.84 -49.61 -0.25
C LYS A 12 20.38 -48.21 -0.57
N ILE A 13 20.78 -48.02 -1.83
CA ILE A 13 21.05 -46.70 -2.36
C ILE A 13 20.73 -46.67 -3.83
N ASN A 14 20.54 -45.46 -4.38
CA ASN A 14 20.24 -45.27 -5.77
C ASN A 14 21.30 -45.91 -6.64
N PRO A 15 20.91 -46.75 -7.63
CA PRO A 15 21.92 -47.48 -8.44
C PRO A 15 22.91 -46.57 -9.18
N ARG A 16 22.51 -45.34 -9.46
CA ARG A 16 23.40 -44.37 -10.04
C ARG A 16 24.69 -44.17 -9.22
N VAL A 17 24.59 -44.21 -7.90
CA VAL A 17 25.76 -44.15 -7.03
C VAL A 17 26.67 -45.34 -7.30
N LEU A 18 26.09 -46.53 -7.31
CA LEU A 18 26.83 -47.79 -7.52
C LEU A 18 27.46 -47.94 -8.90
N GLU A 19 26.77 -47.45 -9.90
CA GLU A 19 27.28 -47.32 -11.27
C GLU A 19 28.47 -46.39 -11.40
N ARG A 20 28.50 -45.29 -10.64
CA ARG A 20 29.56 -44.28 -10.76
C ARG A 20 30.78 -44.43 -9.83
N LEU A 21 30.60 -45.07 -8.69
CA LEU A 21 31.74 -45.35 -7.76
C LEU A 21 32.98 -45.99 -8.40
N PRO A 22 32.82 -46.96 -9.31
CA PRO A 22 33.97 -47.48 -10.06
C PRO A 22 34.83 -46.52 -10.89
N GLU A 23 34.42 -45.28 -11.09
CA GLU A 23 35.26 -44.31 -11.77
C GLU A 23 36.57 -44.10 -11.05
N MET A 24 36.54 -44.26 -9.72
CA MET A 24 37.72 -44.11 -8.90
C MET A 24 37.88 -45.11 -7.76
N PHE A 25 36.83 -45.85 -7.39
CA PHE A 25 36.82 -46.59 -6.15
C PHE A 25 36.47 -48.08 -6.31
N GLU A 26 36.76 -48.79 -5.23
CA GLU A 26 36.35 -50.16 -5.03
C GLU A 26 35.21 -50.10 -4.04
N THR A 27 34.12 -50.79 -4.37
CA THR A 27 32.90 -50.72 -3.61
C THR A 27 32.77 -51.94 -2.73
N VAL A 28 32.37 -51.74 -1.48
CA VAL A 28 32.14 -52.84 -0.53
C VAL A 28 30.71 -52.70 -0.07
N ARG A 29 29.92 -53.74 -0.27
CA ARG A 29 28.53 -53.70 0.09
C ARG A 29 28.20 -54.59 1.26
N ILE A 30 27.34 -54.10 2.13
CA ILE A 30 26.67 -54.94 3.13
C ILE A 30 25.20 -54.66 2.98
N GLU A 31 24.38 -55.67 3.23
CA GLU A 31 22.95 -55.65 2.91
C GLU A 31 22.15 -54.74 3.84
N ARG A 32 22.66 -54.46 5.04
CA ARG A 32 22.00 -53.53 5.98
C ARG A 32 23.08 -52.71 6.71
N ALA A 33 22.71 -51.54 7.21
CA ALA A 33 23.59 -50.68 8.02
C ALA A 33 23.71 -51.24 9.44
N ASP A 34 24.52 -52.29 9.57
CA ASP A 34 24.62 -53.07 10.79
C ASP A 34 26.08 -53.49 10.98
N ALA A 35 26.64 -53.11 12.12
CA ALA A 35 28.04 -53.44 12.46
C ALA A 35 28.33 -54.96 12.43
N ALA A 36 27.31 -55.77 12.71
CA ALA A 36 27.47 -57.24 12.75
C ALA A 36 27.77 -57.89 11.38
N LEU A 37 27.52 -57.16 10.30
CA LEU A 37 27.85 -57.65 8.97
C LEU A 37 29.26 -57.29 8.52
N VAL A 38 30.00 -56.54 9.33
CA VAL A 38 31.37 -56.12 8.98
C VAL A 38 32.33 -57.26 9.23
N THR A 39 33.12 -57.61 8.21
CA THR A 39 34.16 -58.68 8.33
C THR A 39 35.54 -58.03 8.41
N ALA A 40 36.53 -58.80 8.87
CA ALA A 40 37.92 -58.33 8.98
C ALA A 40 38.51 -57.80 7.67
N ASP A 41 38.15 -58.38 6.54
CA ASP A 41 38.60 -57.92 5.21
C ASP A 41 38.12 -56.47 4.89
N MET A 42 37.10 -55.98 5.60
CA MET A 42 36.57 -54.61 5.41
C MET A 42 37.23 -53.51 6.28
N ARG A 43 38.21 -53.85 7.11
CA ARG A 43 38.83 -52.85 8.02
C ARG A 43 39.64 -51.77 7.31
N ASP A 44 39.99 -51.95 6.04
CA ASP A 44 40.67 -50.89 5.27
C ASP A 44 39.73 -49.89 4.55
N VAL A 45 38.44 -49.91 4.86
CA VAL A 45 37.48 -48.95 4.26
C VAL A 45 37.80 -47.49 4.63
N SER A 46 37.87 -46.63 3.61
CA SER A 46 38.23 -45.21 3.75
C SER A 46 37.04 -44.25 3.72
N GLY A 47 35.94 -44.72 3.17
CA GLY A 47 34.76 -43.89 3.01
C GLY A 47 33.49 -44.68 3.04
N ILE A 48 32.40 -43.96 3.29
CA ILE A 48 31.06 -44.50 3.31
C ILE A 48 30.15 -43.61 2.45
N ALA A 49 29.28 -44.24 1.65
CA ALA A 49 28.21 -43.55 0.94
C ALA A 49 26.96 -44.19 1.48
N VAL A 50 26.05 -43.37 1.98
CA VAL A 50 24.88 -43.91 2.67
C VAL A 50 23.63 -43.05 2.52
N SER A 51 22.47 -43.71 2.46
CA SER A 51 21.15 -43.06 2.51
C SER A 51 20.43 -43.52 3.77
N GLY A 52 20.09 -42.59 4.64
CA GLY A 52 19.42 -42.91 5.89
C GLY A 52 20.40 -43.01 7.06
N LYS A 53 20.15 -43.95 7.94
CA LYS A 53 20.81 -44.02 9.21
C LYS A 53 22.21 -44.65 9.11
N LEU A 54 23.17 -43.99 9.77
CA LEU A 54 24.48 -44.59 9.97
C LEU A 54 24.67 -44.75 11.47
N PRO A 55 24.43 -45.97 11.99
CA PRO A 55 24.65 -46.16 13.43
C PRO A 55 26.11 -46.05 13.79
N VAL A 56 26.35 -45.46 14.96
CA VAL A 56 27.71 -45.17 15.43
C VAL A 56 28.57 -46.42 15.46
N PRO A 57 28.06 -47.55 15.99
CA PRO A 57 28.90 -48.75 15.99
C PRO A 57 29.37 -49.17 14.59
N LEU A 58 28.56 -48.95 13.56
CA LEU A 58 28.98 -49.21 12.19
C LEU A 58 30.09 -48.23 11.76
N MET A 59 29.81 -46.95 11.92
CA MET A 59 30.81 -45.88 11.66
C MET A 59 32.11 -46.15 12.39
N ASP A 60 32.04 -46.58 13.65
CA ASP A 60 33.23 -46.94 14.47
C ASP A 60 33.86 -48.32 14.23
N ALA A 61 33.32 -49.10 13.31
CA ALA A 61 34.00 -50.33 12.89
C ALA A 61 35.21 -50.09 12.00
N PHE A 62 35.38 -48.86 11.50
CA PHE A 62 36.37 -48.52 10.46
C PHE A 62 37.44 -47.52 10.92
N PRO A 63 38.62 -48.00 11.37
CA PRO A 63 39.68 -47.13 11.85
C PRO A 63 40.25 -46.15 10.82
N SER A 64 40.20 -46.50 9.54
CA SER A 64 40.74 -45.62 8.49
C SER A 64 39.66 -44.80 7.80
N LEU A 65 38.46 -44.75 8.38
CA LEU A 65 37.37 -43.95 7.79
C LEU A 65 37.71 -42.46 7.76
N GLU A 66 37.60 -41.88 6.56
CA GLU A 66 37.92 -40.45 6.34
C GLU A 66 36.71 -39.59 6.06
N ILE A 67 35.70 -40.17 5.41
CA ILE A 67 34.59 -39.42 4.91
C ILE A 67 33.30 -40.23 4.89
N VAL A 68 32.20 -39.57 5.28
CA VAL A 68 30.85 -40.10 5.14
C VAL A 68 30.08 -39.19 4.19
N ALA A 69 29.71 -39.73 3.05
CA ALA A 69 28.97 -38.97 2.04
C ALA A 69 27.50 -39.37 2.14
N ASN A 70 26.72 -38.46 2.66
CA ASN A 70 25.33 -38.65 2.93
C ASN A 70 24.51 -38.30 1.67
N PHE A 71 23.56 -39.19 1.36
CA PHE A 71 22.66 -39.03 0.26
C PHE A 71 21.44 -38.34 0.87
N GLY A 72 21.26 -37.10 0.48
CA GLY A 72 20.23 -36.23 1.07
C GLY A 72 20.79 -34.94 1.61
N VAL A 73 19.91 -33.93 1.67
CA VAL A 73 20.31 -32.67 2.28
C VAL A 73 20.31 -32.79 3.79
N GLY A 74 19.38 -33.59 4.31
CA GLY A 74 19.29 -33.90 5.71
C GLY A 74 20.30 -34.97 6.07
N TYR A 75 21.07 -34.74 7.13
CA TYR A 75 22.08 -35.70 7.56
C TYR A 75 21.94 -36.04 9.02
N ASP A 76 20.73 -35.92 9.54
CA ASP A 76 20.42 -36.30 10.91
C ASP A 76 20.59 -37.81 11.23
N GLY A 77 20.66 -38.69 10.23
CA GLY A 77 21.00 -40.10 10.46
C GLY A 77 22.47 -40.36 10.77
N VAL A 78 23.31 -39.37 10.50
CA VAL A 78 24.72 -39.47 10.79
C VAL A 78 24.96 -38.73 12.10
N ASP A 79 25.69 -39.34 13.01
CA ASP A 79 26.10 -38.67 14.24
C ASP A 79 27.30 -37.75 13.94
N VAL A 80 27.04 -36.50 13.57
CA VAL A 80 28.11 -35.59 13.17
C VAL A 80 29.03 -35.17 14.27
N SER A 81 28.54 -35.12 15.51
CA SER A 81 29.43 -34.88 16.69
C SER A 81 30.47 -35.93 16.81
N ARG A 82 30.06 -37.18 16.63
CA ARG A 82 31.00 -38.27 16.78
C ARG A 82 31.96 -38.29 15.57
N ALA A 83 31.46 -37.99 14.38
CA ALA A 83 32.35 -37.87 13.18
C ALA A 83 33.38 -36.73 13.33
N ALA A 84 32.91 -35.56 13.78
CA ALA A 84 33.76 -34.37 14.02
C ALA A 84 34.84 -34.68 15.05
N ALA A 85 34.44 -35.34 16.16
CA ALA A 85 35.41 -35.82 17.17
C ALA A 85 36.49 -36.77 16.65
N ARG A 86 36.17 -37.55 15.62
CA ARG A 86 37.16 -38.45 14.99
C ARG A 86 37.90 -37.84 13.80
N GLY A 87 37.62 -36.58 13.46
CA GLY A 87 38.26 -35.93 12.30
C GLY A 87 37.70 -36.38 10.95
N ILE A 88 36.49 -36.94 10.97
CA ILE A 88 35.82 -37.52 9.78
C ILE A 88 34.90 -36.47 9.16
N VAL A 89 35.12 -36.19 7.89
CA VAL A 89 34.32 -35.21 7.16
C VAL A 89 33.00 -35.85 6.76
N VAL A 90 31.95 -35.03 6.80
CA VAL A 90 30.62 -35.42 6.43
C VAL A 90 30.12 -34.48 5.33
N THR A 91 29.55 -35.07 4.28
CA THR A 91 29.05 -34.28 3.16
C THR A 91 27.59 -34.62 2.99
N ASN A 92 26.84 -33.68 2.45
CA ASN A 92 25.46 -33.89 2.16
C ASN A 92 25.18 -33.48 0.71
N THR A 93 23.90 -33.39 0.34
CA THR A 93 23.51 -33.05 -1.01
C THR A 93 22.53 -31.87 -1.08
N PRO A 94 22.99 -30.67 -0.73
CA PRO A 94 22.16 -29.48 -0.89
C PRO A 94 22.15 -28.96 -2.33
N ASP A 95 21.29 -27.97 -2.58
CA ASP A 95 21.20 -27.23 -3.85
C ASP A 95 20.58 -27.96 -5.03
N VAL A 96 21.03 -29.19 -5.29
CA VAL A 96 20.56 -29.95 -6.44
C VAL A 96 19.14 -30.41 -6.31
N LEU A 97 18.60 -30.42 -5.08
CA LEU A 97 17.22 -30.80 -4.83
C LEU A 97 16.31 -29.68 -4.36
N THR A 98 16.85 -28.48 -4.23
CA THR A 98 16.09 -27.38 -3.64
C THR A 98 14.77 -27.09 -4.38
N GLU A 99 14.82 -26.96 -5.69
CA GLU A 99 13.64 -26.57 -6.48
C GLU A 99 12.61 -27.68 -6.48
N GLU A 100 13.07 -28.95 -6.52
CA GLU A 100 12.22 -30.11 -6.53
C GLU A 100 11.43 -30.19 -5.23
N VAL A 101 12.14 -30.05 -4.11
CA VAL A 101 11.51 -30.15 -2.80
C VAL A 101 10.49 -29.00 -2.65
N ALA A 102 10.84 -27.82 -3.14
CA ALA A 102 9.93 -26.68 -3.16
C ALA A 102 8.66 -26.93 -3.99
N ASP A 103 8.79 -27.53 -5.16
CA ASP A 103 7.64 -27.91 -5.99
C ASP A 103 6.73 -28.89 -5.25
N THR A 104 7.32 -29.95 -4.67
CA THR A 104 6.57 -30.90 -3.86
C THR A 104 5.83 -30.23 -2.71
N ALA A 105 6.46 -29.28 -2.05
CA ALA A 105 5.82 -28.58 -0.97
C ALA A 105 4.55 -27.88 -1.45
N ILE A 106 4.65 -27.22 -2.61
CA ILE A 106 3.49 -26.50 -3.14
C ILE A 106 2.39 -27.50 -3.53
N GLY A 107 2.75 -28.58 -4.19
CA GLY A 107 1.80 -29.58 -4.56
C GLY A 107 1.08 -30.20 -3.39
N LEU A 108 1.82 -30.43 -2.31
CA LEU A 108 1.21 -30.99 -1.10
C LEU A 108 0.24 -30.02 -0.46
N LEU A 109 0.64 -28.77 -0.41
CA LEU A 109 -0.23 -27.65 0.09
C LEU A 109 -1.51 -27.51 -0.71
N LEU A 110 -1.41 -27.50 -2.05
CA LEU A 110 -2.61 -27.47 -2.90
C LEU A 110 -3.49 -28.68 -2.75
N ASN A 111 -2.89 -29.85 -2.57
CA ASN A 111 -3.66 -31.08 -2.41
C ASN A 111 -4.40 -31.12 -1.07
N THR A 112 -3.74 -30.59 -0.05
CA THR A 112 -4.32 -30.51 1.26
C THR A 112 -5.51 -29.56 1.26
N LEU A 113 -5.33 -28.41 0.64
CA LEU A 113 -6.34 -27.38 0.67
C LEU A 113 -7.53 -27.73 -0.21
N ARG A 114 -7.24 -28.22 -1.40
CA ARG A 114 -8.28 -28.41 -2.39
C ARG A 114 -8.73 -29.84 -2.54
N LEU A 115 -8.08 -30.75 -1.80
CA LEU A 115 -8.48 -32.14 -1.81
C LEU A 115 -8.42 -32.79 -3.17
N LEU A 116 -7.43 -32.44 -3.96
CA LEU A 116 -7.38 -32.90 -5.34
C LEU A 116 -7.27 -34.44 -5.42
N PRO A 117 -6.51 -35.06 -4.48
CA PRO A 117 -6.40 -36.52 -4.58
C PRO A 117 -7.72 -37.28 -4.29
N GLN A 118 -8.46 -36.78 -3.31
CA GLN A 118 -9.81 -37.29 -3.02
C GLN A 118 -10.75 -37.07 -4.21
N ALA A 119 -10.65 -35.91 -4.84
CA ALA A 119 -11.47 -35.65 -6.01
C ALA A 119 -11.13 -36.64 -7.13
N GLU A 120 -9.85 -36.90 -7.35
CA GLU A 120 -9.47 -37.89 -8.35
C GLU A 120 -10.03 -39.29 -8.01
N GLN A 121 -10.01 -39.66 -6.73
CA GLN A 121 -10.61 -40.93 -6.28
C GLN A 121 -12.11 -40.99 -6.57
N TRP A 122 -12.80 -39.91 -6.26
CA TRP A 122 -14.23 -39.77 -6.50
C TRP A 122 -14.56 -40.06 -7.97
N LEU A 123 -13.79 -39.47 -8.87
CA LEU A 123 -13.89 -39.78 -10.29
C LEU A 123 -13.58 -41.23 -10.63
N ARG A 124 -12.43 -41.73 -10.22
CA ARG A 124 -11.97 -43.07 -10.54
C ARG A 124 -12.88 -44.16 -10.02
N GLN A 125 -13.52 -43.93 -8.90
CA GLN A 125 -14.41 -44.85 -8.28
C GLN A 125 -15.78 -44.85 -8.90
N GLY A 126 -16.00 -44.00 -9.88
CA GLY A 126 -17.26 -43.88 -10.55
C GLY A 126 -18.30 -42.97 -9.95
N ARG A 127 -17.97 -42.26 -8.91
CA ARG A 127 -18.87 -41.33 -8.25
C ARG A 127 -19.33 -40.11 -9.06
N TRP A 128 -18.52 -39.59 -9.94
CA TRP A 128 -18.90 -38.44 -10.72
C TRP A 128 -20.12 -38.75 -11.58
N VAL A 129 -20.12 -39.89 -12.23
CA VAL A 129 -21.26 -40.38 -13.04
C VAL A 129 -22.53 -40.67 -12.19
N ARG A 130 -22.37 -41.42 -11.10
CA ARG A 130 -23.50 -41.87 -10.22
C ARG A 130 -24.09 -40.83 -9.26
N GLU A 131 -23.22 -40.06 -8.61
CA GLU A 131 -23.66 -39.08 -7.60
C GLU A 131 -23.52 -37.62 -7.97
N GLY A 132 -22.78 -37.30 -9.04
CA GLY A 132 -22.58 -35.93 -9.46
C GLY A 132 -21.26 -35.35 -8.96
N ALA A 133 -21.26 -34.04 -8.74
CA ALA A 133 -20.05 -33.32 -8.47
C ALA A 133 -19.41 -33.71 -7.15
N PHE A 134 -18.09 -33.74 -7.15
CA PHE A 134 -17.33 -33.90 -5.92
C PHE A 134 -17.72 -32.71 -5.01
N PRO A 135 -17.87 -32.92 -3.71
CA PRO A 135 -18.22 -31.77 -2.87
C PRO A 135 -17.17 -30.68 -2.91
N LEU A 136 -17.61 -29.46 -2.69
CA LEU A 136 -16.70 -28.30 -2.76
C LEU A 136 -15.72 -28.38 -1.60
N SER A 137 -14.47 -28.02 -1.82
CA SER A 137 -13.46 -28.10 -0.76
C SER A 137 -13.72 -26.96 0.22
N PRO A 138 -13.81 -27.26 1.52
CA PRO A 138 -14.07 -26.19 2.45
C PRO A 138 -12.93 -25.19 2.52
N LEU A 139 -11.72 -25.60 2.15
CA LEU A 139 -10.60 -24.72 2.19
C LEU A 139 -10.14 -24.33 0.78
N SER A 140 -9.32 -23.30 0.78
CA SER A 140 -8.74 -22.70 -0.40
C SER A 140 -7.43 -22.01 0.00
N LEU A 141 -6.54 -21.84 -0.98
CA LEU A 141 -5.36 -21.00 -0.80
C LEU A 141 -5.69 -19.51 -0.86
N ARG A 142 -6.84 -19.13 -1.43
CA ARG A 142 -7.24 -17.72 -1.57
C ARG A 142 -7.38 -17.01 -0.21
N GLY A 143 -6.72 -15.86 -0.07
CA GLY A 143 -6.78 -15.08 1.15
C GLY A 143 -5.92 -15.59 2.31
N ARG A 144 -5.15 -16.66 2.13
CA ARG A 144 -4.36 -17.22 3.23
C ARG A 144 -3.09 -16.44 3.52
N THR A 145 -2.55 -16.69 4.70
CA THR A 145 -1.30 -16.08 5.15
C THR A 145 -0.42 -17.24 5.57
N VAL A 146 0.76 -17.30 4.97
CA VAL A 146 1.64 -18.45 5.15
C VAL A 146 2.84 -18.08 5.98
N GLY A 147 3.13 -18.91 6.98
CA GLY A 147 4.28 -18.76 7.85
C GLY A 147 5.25 -19.89 7.55
N LEU A 148 6.50 -19.54 7.23
CA LEU A 148 7.53 -20.53 7.00
C LEU A 148 8.35 -20.71 8.23
N PHE A 149 8.39 -21.93 8.74
CA PHE A 149 9.21 -22.27 9.88
C PHE A 149 10.50 -22.83 9.28
N GLY A 150 11.54 -22.00 9.31
CA GLY A 150 12.77 -22.26 8.56
C GLY A 150 12.71 -21.51 7.24
N LEU A 151 13.85 -20.99 6.79
CA LEU A 151 13.90 -20.18 5.57
C LEU A 151 15.25 -20.19 4.90
N GLY A 152 15.80 -21.37 4.73
CA GLY A 152 17.12 -21.49 4.10
C GLY A 152 16.95 -21.53 2.59
N ARG A 153 17.67 -22.41 1.93
CA ARG A 153 17.60 -22.49 0.48
C ARG A 153 16.19 -22.94 0.04
N ILE A 154 15.66 -23.96 0.71
CA ILE A 154 14.37 -24.55 0.36
C ILE A 154 13.22 -23.63 0.78
N GLY A 155 13.26 -23.18 2.03
CA GLY A 155 12.29 -22.21 2.55
C GLY A 155 12.17 -20.98 1.65
N LEU A 156 13.30 -20.43 1.26
CA LEU A 156 13.29 -19.32 0.35
C LEU A 156 12.68 -19.67 -1.02
N ALA A 157 12.99 -20.86 -1.54
CA ALA A 157 12.42 -21.29 -2.83
C ALA A 157 10.88 -21.47 -2.74
N ILE A 158 10.40 -21.89 -1.59
CA ILE A 158 8.95 -22.05 -1.37
C ILE A 158 8.25 -20.71 -1.28
N ALA A 159 8.88 -19.75 -0.57
CA ALA A 159 8.37 -18.40 -0.51
C ALA A 159 8.25 -17.73 -1.90
N ARG A 160 9.24 -17.91 -2.75
CA ARG A 160 9.24 -17.32 -4.09
C ARG A 160 8.06 -17.85 -4.90
N ARG A 161 7.76 -19.15 -4.76
CA ARG A 161 6.60 -19.70 -5.43
C ARG A 161 5.33 -19.07 -4.84
N LEU A 162 5.24 -19.02 -3.52
CA LEU A 162 4.05 -18.48 -2.84
C LEU A 162 3.73 -17.01 -3.16
N GLU A 163 4.75 -16.18 -3.33
CA GLU A 163 4.54 -14.78 -3.75
C GLU A 163 3.71 -14.69 -5.02
N ALA A 164 3.98 -15.59 -5.95
CA ALA A 164 3.25 -15.59 -7.21
C ALA A 164 1.79 -16.09 -7.08
N PHE A 165 1.46 -16.73 -5.96
CA PHE A 165 0.07 -17.15 -5.68
C PHE A 165 -0.75 -16.09 -4.89
N GLY A 166 -0.15 -14.92 -4.66
CA GLY A 166 -0.89 -13.76 -4.07
C GLY A 166 -1.22 -13.89 -2.59
N VAL A 167 -0.40 -14.62 -1.85
CA VAL A 167 -0.62 -14.79 -0.42
C VAL A 167 0.43 -14.00 0.38
N SER A 168 0.05 -13.58 1.58
CA SER A 168 1.01 -12.96 2.49
C SER A 168 1.97 -14.00 3.06
N ILE A 169 3.24 -13.61 3.18
CA ILE A 169 4.30 -14.50 3.61
C ILE A 169 4.99 -13.97 4.85
N ALA A 170 5.15 -14.85 5.82
CA ALA A 170 5.90 -14.56 7.04
C ALA A 170 6.88 -15.68 7.29
N TYR A 171 7.85 -15.46 8.18
CA TYR A 171 8.83 -16.52 8.53
C TYR A 171 9.37 -16.47 9.97
N HIS A 172 9.80 -17.63 10.44
CA HIS A 172 10.50 -17.75 11.71
C HIS A 172 11.79 -18.57 11.60
N THR A 173 12.86 -17.94 12.08
CA THR A 173 14.23 -18.50 12.16
C THR A 173 14.84 -17.98 13.44
N ARG A 174 15.95 -18.58 13.89
CA ARG A 174 16.60 -18.16 15.14
C ARG A 174 17.10 -16.74 15.02
N THR A 175 17.78 -16.46 13.92
CA THR A 175 18.18 -15.09 13.59
C THR A 175 17.55 -14.68 12.25
N PRO A 176 17.09 -13.42 12.17
CA PRO A 176 16.49 -12.89 10.96
C PRO A 176 17.41 -12.83 9.75
N ARG A 177 16.81 -12.57 8.59
CA ARG A 177 17.53 -12.38 7.34
C ARG A 177 17.30 -10.95 6.83
N GLU A 178 18.38 -10.22 6.63
CA GLU A 178 18.31 -8.84 6.11
C GLU A 178 18.04 -8.86 4.60
N GLY A 179 17.36 -7.81 4.13
CA GLY A 179 17.09 -7.63 2.70
C GLY A 179 15.94 -8.47 2.13
N LEU A 180 15.03 -8.93 2.99
CA LEU A 180 13.86 -9.65 2.57
C LEU A 180 12.60 -8.94 3.01
N GLY A 181 11.64 -8.84 2.10
CA GLY A 181 10.36 -8.18 2.36
C GLY A 181 9.35 -8.98 3.18
N PHE A 182 9.70 -10.19 3.63
CA PHE A 182 8.77 -11.02 4.38
C PHE A 182 8.83 -10.64 5.85
N THR A 183 7.70 -10.71 6.53
CA THR A 183 7.63 -10.40 7.95
C THR A 183 8.35 -11.44 8.78
N TYR A 184 9.34 -10.99 9.53
CA TYR A 184 10.05 -11.84 10.48
C TYR A 184 9.27 -11.92 11.80
N HIS A 185 9.22 -13.13 12.37
CA HIS A 185 8.66 -13.34 13.69
C HIS A 185 9.75 -13.97 14.56
N PRO A 186 10.06 -13.35 15.73
CA PRO A 186 11.09 -13.89 16.62
C PRO A 186 10.70 -15.19 17.33
N THR A 187 9.40 -15.49 17.40
CA THR A 187 8.93 -16.77 17.96
C THR A 187 8.06 -17.56 16.98
N LEU A 188 8.11 -18.88 17.13
CA LEU A 188 7.26 -19.79 16.40
C LEU A 188 5.79 -19.59 16.77
N VAL A 189 5.49 -19.53 18.08
CA VAL A 189 4.12 -19.34 18.56
C VAL A 189 3.56 -18.02 18.06
N GLY A 190 4.38 -16.98 18.09
CA GLY A 190 3.98 -15.65 17.60
C GLY A 190 3.62 -15.65 16.12
N MET A 191 4.44 -16.32 15.31
CA MET A 191 4.14 -16.48 13.88
C MET A 191 2.84 -17.26 13.68
N ALA A 192 2.71 -18.35 14.41
CA ALA A 192 1.53 -19.18 14.35
C ALA A 192 0.24 -18.39 14.66
N GLU A 193 0.28 -17.48 15.64
CA GLU A 193 -0.87 -16.60 15.94
C GLU A 193 -1.26 -15.75 14.73
N ALA A 194 -0.25 -15.18 14.08
CA ALA A 194 -0.43 -14.26 12.95
C ALA A 194 -0.85 -14.91 11.64
N VAL A 195 -0.51 -16.18 11.44
CA VAL A 195 -0.79 -16.88 10.16
C VAL A 195 -1.88 -17.95 10.31
N ASP A 196 -2.38 -18.46 9.18
CA ASP A 196 -3.33 -19.59 9.14
C ASP A 196 -2.81 -20.86 8.42
N THR A 197 -1.57 -20.80 7.97
CA THR A 197 -0.96 -21.85 7.17
C THR A 197 0.52 -21.88 7.57
N LEU A 198 0.99 -23.03 8.03
CA LEU A 198 2.32 -23.16 8.60
C LEU A 198 3.03 -24.25 7.84
N ILE A 199 4.13 -23.86 7.18
CA ILE A 199 4.95 -24.79 6.42
C ILE A 199 6.28 -25.03 7.17
N VAL A 200 6.51 -26.29 7.55
CA VAL A 200 7.69 -26.66 8.34
C VAL A 200 8.78 -27.12 7.39
N ILE A 201 9.93 -26.46 7.44
CA ILE A 201 11.05 -26.74 6.52
C ILE A 201 12.38 -26.46 7.23
N VAL A 202 12.57 -27.14 8.36
CA VAL A 202 13.79 -26.98 9.15
C VAL A 202 14.51 -28.31 9.22
N PRO A 203 15.81 -28.30 9.52
CA PRO A 203 16.50 -29.57 9.82
C PRO A 203 15.99 -30.32 11.06
N GLY A 204 16.17 -31.64 11.05
CA GLY A 204 15.89 -32.52 12.20
C GLY A 204 17.00 -32.48 13.23
N THR A 205 17.03 -31.39 14.00
CA THR A 205 17.99 -31.22 15.10
C THR A 205 17.30 -31.31 16.46
N ALA A 206 18.12 -31.35 17.51
CA ALA A 206 17.66 -31.27 18.91
C ALA A 206 16.87 -29.98 19.18
N SER A 207 17.32 -28.88 18.57
CA SER A 207 16.70 -27.56 18.76
C SER A 207 15.25 -27.50 18.26
N THR A 208 14.95 -28.22 17.18
CA THR A 208 13.61 -28.23 16.58
C THR A 208 12.73 -29.42 17.01
N LEU A 209 13.24 -30.30 17.87
CA LEU A 209 12.47 -31.46 18.37
C LEU A 209 11.16 -31.06 19.04
N LYS A 210 10.06 -31.62 18.50
CA LYS A 210 8.68 -31.34 18.92
C LYS A 210 8.35 -29.86 19.07
N ALA A 211 9.01 -29.02 18.27
CA ALA A 211 8.78 -27.58 18.29
C ALA A 211 7.33 -27.27 17.90
N VAL A 212 6.80 -27.98 16.88
CA VAL A 212 5.37 -27.86 16.53
C VAL A 212 4.56 -28.72 17.47
N ASN A 213 4.08 -28.08 18.54
CA ASN A 213 3.43 -28.77 19.65
C ASN A 213 2.01 -28.25 19.84
N ALA A 214 1.34 -28.74 20.87
CA ALA A 214 -0.06 -28.36 21.16
C ALA A 214 -0.31 -26.85 21.09
N ASP A 215 0.57 -26.08 21.74
CA ASP A 215 0.47 -24.62 21.80
C ASP A 215 0.59 -23.94 20.45
N VAL A 216 1.56 -24.40 19.66
CA VAL A 216 1.78 -23.86 18.31
C VAL A 216 0.54 -24.12 17.43
N LEU A 217 0.03 -25.34 17.48
CA LEU A 217 -1.18 -25.71 16.75
C LEU A 217 -2.40 -24.92 17.21
N SER A 218 -2.53 -24.77 18.52
CA SER A 218 -3.65 -24.00 19.08
C SER A 218 -3.64 -22.55 18.58
N ALA A 219 -2.45 -21.94 18.51
CA ALA A 219 -2.28 -20.57 18.00
C ALA A 219 -2.58 -20.46 16.51
N LEU A 220 -2.23 -21.51 15.77
CA LEU A 220 -2.50 -21.57 14.34
C LEU A 220 -3.98 -21.30 14.05
N GLY A 221 -4.87 -21.92 14.82
CA GLY A 221 -6.30 -21.57 14.80
C GLY A 221 -7.18 -22.56 14.06
N PRO A 222 -8.52 -22.34 14.07
CA PRO A 222 -9.47 -23.32 13.52
C PRO A 222 -9.58 -23.37 11.98
N LYS A 223 -8.93 -22.43 11.28
CA LYS A 223 -8.72 -22.51 9.83
C LYS A 223 -7.30 -22.97 9.48
N GLY A 224 -6.58 -23.42 10.50
CA GLY A 224 -5.17 -23.67 10.39
C GLY A 224 -4.83 -24.89 9.56
N VAL A 225 -3.79 -24.75 8.74
CA VAL A 225 -3.27 -25.85 7.95
C VAL A 225 -1.79 -26.00 8.22
N LEU A 226 -1.39 -27.21 8.56
CA LEU A 226 0.01 -27.56 8.78
C LEU A 226 0.55 -28.37 7.63
N ILE A 227 1.66 -27.93 7.04
CA ILE A 227 2.38 -28.65 6.04
C ILE A 227 3.77 -28.98 6.59
N ASN A 228 4.13 -30.26 6.62
CA ASN A 228 5.50 -30.64 7.03
C ASN A 228 6.24 -31.30 5.89
N VAL A 229 7.28 -30.62 5.42
CA VAL A 229 8.22 -31.17 4.45
C VAL A 229 9.68 -31.14 5.00
N GLY A 230 9.82 -31.09 6.32
CA GLY A 230 11.13 -30.99 6.96
C GLY A 230 11.54 -32.36 7.48
N ARG A 231 11.35 -32.56 8.77
CA ARG A 231 11.55 -33.84 9.41
C ARG A 231 10.39 -34.12 10.35
N GLY A 232 10.01 -35.39 10.42
CA GLY A 232 8.86 -35.80 11.27
C GLY A 232 9.02 -35.49 12.74
N SER A 233 10.26 -35.57 13.21
CA SER A 233 10.59 -35.34 14.64
C SER A 233 10.26 -33.92 15.13
N THR A 234 10.23 -32.96 14.22
CA THR A 234 9.87 -31.57 14.51
C THR A 234 8.41 -31.36 14.95
N VAL A 235 7.51 -32.23 14.50
CA VAL A 235 6.10 -32.18 14.87
C VAL A 235 5.80 -33.20 15.98
N ASP A 236 5.13 -32.72 17.02
CA ASP A 236 4.63 -33.61 18.08
C ASP A 236 3.43 -34.31 17.46
N GLU A 237 3.66 -35.53 16.99
CA GLU A 237 2.69 -36.30 16.20
C GLU A 237 1.43 -36.60 17.00
N ALA A 238 1.56 -36.81 18.30
CA ALA A 238 0.43 -37.05 19.18
C ALA A 238 -0.46 -35.83 19.30
N ALA A 239 0.15 -34.68 19.53
CA ALA A 239 -0.60 -33.41 19.66
C ALA A 239 -1.31 -33.02 18.35
N LEU A 240 -0.69 -33.35 17.21
CA LEU A 240 -1.26 -33.09 15.91
C LEU A 240 -2.53 -33.92 15.70
N VAL A 241 -2.46 -35.19 16.04
CA VAL A 241 -3.64 -36.10 15.99
C VAL A 241 -4.82 -35.57 16.82
N THR A 242 -4.51 -35.19 18.06
CA THR A 242 -5.51 -34.59 18.97
C THR A 242 -6.10 -33.29 18.38
N ALA A 243 -5.24 -32.45 17.81
CA ALA A 243 -5.67 -31.17 17.27
C ALA A 243 -6.61 -31.36 16.08
N LEU A 244 -6.31 -32.33 15.22
CA LEU A 244 -7.18 -32.68 14.10
C LEU A 244 -8.51 -33.26 14.60
N GLN A 245 -8.46 -34.21 15.51
CA GLN A 245 -9.66 -34.77 16.15
C GLN A 245 -10.60 -33.70 16.70
N ASN A 246 -10.05 -32.74 17.46
CA ASN A 246 -10.86 -31.70 18.14
C ASN A 246 -11.31 -30.57 17.24
N GLY A 247 -10.83 -30.52 15.99
CA GLY A 247 -11.08 -29.39 15.11
C GLY A 247 -10.33 -28.14 15.54
N THR A 248 -9.25 -28.34 16.27
CA THR A 248 -8.39 -27.25 16.72
C THR A 248 -7.71 -26.61 15.51
N ILE A 249 -7.41 -27.44 14.52
CA ILE A 249 -6.98 -26.98 13.20
C ILE A 249 -7.82 -27.63 12.13
N ALA A 250 -7.74 -27.05 10.94
CA ALA A 250 -8.62 -27.44 9.81
C ALA A 250 -8.04 -28.56 8.93
N GLY A 251 -6.73 -28.72 8.91
CA GLY A 251 -6.16 -29.73 8.03
C GLY A 251 -4.66 -29.83 8.12
N ALA A 252 -4.10 -30.80 7.45
CA ALA A 252 -2.65 -30.99 7.45
C ALA A 252 -2.21 -31.78 6.23
N GLY A 253 -0.98 -31.50 5.81
CA GLY A 253 -0.34 -32.25 4.77
C GLY A 253 1.07 -32.64 5.20
N LEU A 254 1.41 -33.92 5.11
CA LEU A 254 2.64 -34.43 5.69
C LEU A 254 3.37 -35.32 4.72
N ASP A 255 4.65 -34.97 4.48
CA ASP A 255 5.57 -35.76 3.67
C ASP A 255 6.53 -36.58 4.55
N VAL A 256 6.60 -36.28 5.85
CA VAL A 256 7.58 -36.88 6.77
C VAL A 256 6.88 -37.23 8.09
N PHE A 257 7.43 -38.24 8.79
CA PHE A 257 6.81 -38.85 9.99
C PHE A 257 7.89 -39.23 11.06
N GLU A 258 7.48 -39.28 12.33
CA GLU A 258 8.40 -39.55 13.45
C GLU A 258 9.20 -40.85 13.26
N ASN A 259 8.50 -41.89 12.82
CA ASN A 259 9.09 -43.20 12.66
C ASN A 259 8.70 -43.82 11.32
N GLU A 260 9.25 -43.26 10.25
CA GLU A 260 9.04 -43.77 8.90
C GLU A 260 9.64 -45.15 8.78
N PRO A 261 9.02 -46.06 8.03
CA PRO A 261 7.86 -45.81 7.14
C PRO A 261 6.49 -46.06 7.80
N ASN A 262 6.44 -46.07 9.13
CA ASN A 262 5.19 -46.25 9.83
C ASN A 262 4.48 -44.91 9.99
N VAL A 263 3.17 -44.94 9.73
CA VAL A 263 2.31 -43.77 9.87
C VAL A 263 1.23 -44.22 10.83
N PRO A 264 0.98 -43.45 11.89
CA PRO A 264 -0.07 -43.80 12.86
C PRO A 264 -1.43 -43.92 12.22
N GLU A 265 -2.10 -45.02 12.53
CA GLU A 265 -3.44 -45.29 12.00
C GLU A 265 -4.42 -44.09 12.10
N ALA A 266 -4.31 -43.29 13.15
CA ALA A 266 -5.26 -42.19 13.37
C ALA A 266 -5.17 -41.15 12.26
N LEU A 267 -3.95 -40.84 11.80
CA LEU A 267 -3.73 -39.91 10.69
C LEU A 267 -4.32 -40.38 9.38
N LEU A 268 -4.38 -41.69 9.18
CA LEU A 268 -4.97 -42.27 7.98
C LEU A 268 -6.51 -42.11 7.88
N SER A 269 -7.17 -41.83 9.00
CA SER A 269 -8.63 -41.80 9.07
C SER A 269 -9.25 -40.44 8.71
N PHE A 270 -8.47 -39.37 8.86
CA PHE A 270 -8.97 -38.04 8.64
C PHE A 270 -9.23 -37.71 7.16
N PRO A 271 -10.43 -37.18 6.83
CA PRO A 271 -10.66 -36.75 5.42
C PRO A 271 -9.97 -35.44 5.01
N ASN A 272 -9.42 -34.69 5.97
CA ASN A 272 -8.83 -33.35 5.73
C ASN A 272 -7.30 -33.38 5.84
N VAL A 273 -6.72 -34.55 5.59
CA VAL A 273 -5.28 -34.73 5.67
C VAL A 273 -4.73 -35.37 4.38
N SER A 274 -3.61 -34.85 3.88
CA SER A 274 -2.90 -35.47 2.74
C SER A 274 -1.56 -36.02 3.23
N LEU A 275 -1.23 -37.24 2.83
CA LEU A 275 -0.08 -38.00 3.34
C LEU A 275 0.74 -38.50 2.17
N LEU A 276 2.05 -38.21 2.22
CA LEU A 276 2.97 -38.64 1.16
C LEU A 276 4.15 -39.43 1.77
N PRO A 277 4.66 -40.45 1.05
CA PRO A 277 5.74 -41.25 1.71
C PRO A 277 7.09 -40.70 1.45
N HIS A 278 7.37 -39.54 2.04
CA HIS A 278 8.65 -38.86 1.90
C HIS A 278 9.12 -38.78 0.44
N VAL A 279 8.32 -38.15 -0.41
CA VAL A 279 8.63 -38.03 -1.84
C VAL A 279 9.16 -36.65 -2.26
N ALA A 280 9.45 -35.76 -1.33
CA ALA A 280 9.89 -34.43 -1.72
C ALA A 280 10.93 -34.33 -2.84
N SER A 281 11.99 -35.16 -2.80
CA SER A 281 13.03 -35.08 -3.85
C SER A 281 12.92 -36.22 -4.88
N ALA A 282 11.86 -37.01 -4.78
CA ALA A 282 11.83 -38.35 -5.40
C ALA A 282 11.40 -38.40 -6.89
N SER A 283 12.11 -37.64 -7.72
CA SER A 283 12.00 -37.76 -9.15
C SER A 283 13.30 -38.38 -9.65
N VAL A 284 13.26 -39.08 -10.78
CA VAL A 284 14.50 -39.65 -11.41
C VAL A 284 15.56 -38.57 -11.62
N VAL A 285 15.19 -37.43 -12.19
CA VAL A 285 16.21 -36.41 -12.52
C VAL A 285 16.90 -35.83 -11.27
N THR A 286 16.14 -35.57 -10.22
CA THR A 286 16.70 -34.99 -9.02
C THR A 286 17.49 -36.02 -8.23
N ARG A 287 17.01 -37.25 -8.14
CA ARG A 287 17.77 -38.30 -7.45
C ARG A 287 19.04 -38.68 -8.22
N ASN A 288 19.02 -38.58 -9.54
CA ASN A 288 20.28 -38.70 -10.32
C ASN A 288 21.29 -37.61 -9.97
N ALA A 289 20.83 -36.37 -9.81
CA ALA A 289 21.70 -35.24 -9.44
C ALA A 289 22.24 -35.38 -8.04
N MET A 290 21.40 -35.89 -7.14
CA MET A 290 21.82 -36.25 -5.77
C MET A 290 22.87 -37.38 -5.74
N SER A 291 22.61 -38.43 -6.50
CA SER A 291 23.56 -39.51 -6.66
C SER A 291 24.91 -38.99 -7.14
N ASP A 292 24.89 -38.19 -8.21
CA ASP A 292 26.12 -37.65 -8.76
C ASP A 292 26.92 -36.83 -7.73
N LEU A 293 26.21 -36.09 -6.89
CA LEU A 293 26.85 -35.24 -5.88
C LEU A 293 27.48 -36.04 -4.74
N VAL A 294 26.84 -37.13 -4.37
CA VAL A 294 27.46 -38.05 -3.42
C VAL A 294 28.82 -38.53 -3.93
N VAL A 295 28.80 -39.07 -5.14
CA VAL A 295 29.99 -39.60 -5.78
C VAL A 295 31.02 -38.54 -6.05
N ASP A 296 30.60 -37.40 -6.61
CA ASP A 296 31.53 -36.32 -6.89
C ASP A 296 32.21 -35.75 -5.63
N ASN A 297 31.51 -35.77 -4.51
CA ASN A 297 32.08 -35.37 -3.24
C ASN A 297 33.21 -36.34 -2.85
N LEU A 298 32.96 -37.64 -3.00
CA LEU A 298 33.99 -38.62 -2.69
C LEU A 298 35.18 -38.48 -3.62
N LYS A 299 34.89 -38.27 -4.90
CA LYS A 299 35.98 -38.08 -5.87
C LYS A 299 36.81 -36.84 -5.60
N ALA A 300 36.15 -35.73 -5.32
CA ALA A 300 36.88 -34.49 -4.97
C ALA A 300 37.72 -34.66 -3.70
N TRP A 301 37.16 -35.34 -2.69
CA TRP A 301 37.90 -35.54 -1.43
C TRP A 301 39.19 -36.33 -1.66
N PHE A 302 39.08 -37.51 -2.19
CA PHE A 302 40.24 -38.36 -2.43
C PHE A 302 41.19 -37.85 -3.50
N SER A 303 40.73 -37.05 -4.47
CA SER A 303 41.66 -36.53 -5.51
C SER A 303 42.27 -35.16 -5.22
N THR A 304 41.51 -34.24 -4.59
CA THR A 304 42.01 -32.89 -4.26
C THR A 304 42.14 -32.60 -2.78
N GLY A 305 41.55 -33.45 -1.93
CA GLY A 305 41.53 -33.21 -0.50
C GLY A 305 40.50 -32.23 0.00
N GLU A 306 39.68 -31.73 -0.91
CA GLU A 306 38.62 -30.80 -0.59
C GLU A 306 37.27 -31.40 -1.10
N ALA A 307 36.33 -31.63 -0.19
CA ALA A 307 34.96 -32.00 -0.55
C ALA A 307 34.20 -30.85 -1.21
N LEU A 308 33.13 -31.18 -1.93
CA LEU A 308 32.32 -30.14 -2.61
C LEU A 308 31.29 -29.50 -1.66
N THR A 309 30.60 -30.32 -0.89
CA THR A 309 29.56 -29.86 0.03
C THR A 309 29.67 -30.50 1.40
N PRO A 310 30.78 -30.21 2.11
CA PRO A 310 30.93 -30.63 3.52
C PRO A 310 29.88 -29.94 4.37
N VAL A 311 29.46 -30.58 5.46
CA VAL A 311 28.45 -29.97 6.31
C VAL A 311 29.14 -28.96 7.22
N ALA A 312 28.36 -28.08 7.85
CA ALA A 312 28.91 -26.97 8.63
C ALA A 312 29.76 -27.41 9.82
N GLU A 313 29.36 -28.53 10.42
CA GLU A 313 30.09 -29.12 11.54
C GLU A 313 31.45 -29.72 11.18
N THR A 314 31.71 -30.01 9.89
CA THR A 314 32.99 -30.61 9.48
C THR A 314 33.65 -29.85 8.32
N PRO A 315 34.16 -28.60 8.54
CA PRO A 315 34.87 -27.96 7.42
C PRO A 315 36.35 -28.44 7.31
N PHE A 316 36.51 -29.71 6.97
CA PHE A 316 37.80 -30.36 7.03
C PHE A 316 38.43 -30.47 5.68
N ARG A 317 39.74 -30.70 5.68
CA ARG A 317 40.51 -30.92 4.48
C ARG A 317 41.23 -32.20 4.74
N ARG A 318 41.47 -32.94 3.67
CA ARG A 318 42.10 -34.24 3.79
C ARG A 318 43.56 -34.23 4.21
N ARG A 319 43.88 -35.08 5.20
CA ARG A 319 45.28 -35.39 5.55
C ARG A 319 45.54 -36.85 5.20
N ALA A 320 46.45 -37.04 4.27
CA ALA A 320 46.72 -38.40 3.72
C ALA A 320 47.69 -39.15 4.64
N ILE A 321 47.14 -40.07 5.47
CA ILE A 321 47.89 -40.98 6.36
C ILE A 321 48.23 -42.26 5.57
N ARG B 4 -35.05 3.26 24.09
CA ARG B 4 -34.05 4.25 23.62
C ARG B 4 -33.61 5.13 24.77
N PRO B 5 -32.32 5.08 25.15
CA PRO B 5 -31.84 6.08 26.09
C PRO B 5 -32.01 7.51 25.59
N ARG B 6 -32.20 8.41 26.53
CA ARG B 6 -32.46 9.77 26.25
C ARG B 6 -31.17 10.54 26.51
N ILE B 7 -30.77 11.31 25.49
CA ILE B 7 -29.54 12.08 25.53
C ILE B 7 -29.88 13.57 25.50
N LEU B 8 -29.39 14.33 26.47
CA LEU B 8 -29.52 15.76 26.50
C LEU B 8 -28.39 16.42 25.71
N VAL B 9 -28.79 17.40 24.88
CA VAL B 9 -27.86 18.30 24.20
C VAL B 9 -28.20 19.74 24.60
N PRO B 10 -27.37 20.35 25.45
CA PRO B 10 -27.58 21.71 25.90
C PRO B 10 -26.85 22.73 25.03
N GLY B 11 -27.54 23.78 24.58
CA GLY B 11 -26.92 24.85 23.79
C GLY B 11 -26.57 24.37 22.39
N LYS B 12 -25.61 25.04 21.78
CA LYS B 12 -25.24 24.79 20.38
C LYS B 12 -24.32 23.59 20.23
N ILE B 13 -24.57 22.77 19.23
CA ILE B 13 -23.67 21.74 18.81
C ILE B 13 -23.77 21.55 17.31
N ASN B 14 -22.73 20.95 16.73
CA ASN B 14 -22.69 20.63 15.32
C ASN B 14 -23.91 19.82 14.92
N PRO B 15 -24.66 20.25 13.89
CA PRO B 15 -25.88 19.52 13.47
C PRO B 15 -25.67 18.05 13.10
N ARG B 16 -24.46 17.69 12.69
CA ARG B 16 -24.12 16.29 12.47
C ARG B 16 -24.40 15.40 13.70
N VAL B 17 -24.18 15.92 14.91
CA VAL B 17 -24.44 15.18 16.15
C VAL B 17 -25.94 14.93 16.25
N LEU B 18 -26.72 15.99 16.03
CA LEU B 18 -28.19 15.93 16.11
C LEU B 18 -28.86 15.04 15.05
N GLU B 19 -28.30 15.06 13.84
CA GLU B 19 -28.68 14.15 12.75
C GLU B 19 -28.44 12.68 13.07
N ARG B 20 -27.37 12.36 13.80
CA ARG B 20 -26.97 10.98 14.04
C ARG B 20 -27.50 10.33 15.33
N LEU B 21 -27.76 11.13 16.35
CA LEU B 21 -28.31 10.64 17.61
C LEU B 21 -29.53 9.73 17.43
N PRO B 22 -30.45 10.04 16.49
CA PRO B 22 -31.58 9.15 16.23
C PRO B 22 -31.30 7.73 15.74
N GLU B 23 -30.06 7.40 15.40
CA GLU B 23 -29.71 6.03 15.09
C GLU B 23 -30.00 5.09 16.22
N MET B 24 -29.88 5.61 17.44
CA MET B 24 -30.11 4.83 18.65
C MET B 24 -30.85 5.54 19.81
N PHE B 25 -30.95 6.86 19.80
CA PHE B 25 -31.39 7.61 20.94
C PHE B 25 -32.57 8.54 20.69
N GLU B 26 -33.14 8.97 21.80
CA GLU B 26 -34.07 10.04 21.85
C GLU B 26 -33.32 11.27 22.36
N THR B 27 -33.49 12.38 21.68
CA THR B 27 -32.73 13.59 21.96
C THR B 27 -33.59 14.55 22.76
N VAL B 28 -33.02 15.15 23.79
CA VAL B 28 -33.71 16.18 24.57
C VAL B 28 -32.86 17.45 24.48
N ARG B 29 -33.46 18.53 24.02
CA ARG B 29 -32.74 19.77 23.84
C ARG B 29 -33.15 20.85 24.82
N ILE B 30 -32.18 21.59 25.33
CA ILE B 30 -32.43 22.85 26.02
C ILE B 30 -31.55 23.89 25.35
N GLU B 31 -32.02 25.13 25.31
CA GLU B 31 -31.42 26.19 24.51
C GLU B 31 -30.10 26.69 25.09
N ARG B 32 -29.87 26.50 26.39
CA ARG B 32 -28.59 26.88 27.03
C ARG B 32 -28.23 25.84 28.09
N ALA B 33 -26.95 25.72 28.41
CA ALA B 33 -26.46 24.82 29.46
C ALA B 33 -26.73 25.42 30.83
N ASP B 34 -27.98 25.31 31.25
CA ASP B 34 -28.49 25.97 32.44
C ASP B 34 -29.47 25.01 33.14
N ALA B 35 -29.19 24.72 34.41
CA ALA B 35 -30.05 23.86 35.23
C ALA B 35 -31.50 24.34 35.35
N ALA B 36 -31.72 25.65 35.26
CA ALA B 36 -33.07 26.25 35.35
C ALA B 36 -34.03 25.89 34.20
N LEU B 37 -33.48 25.41 33.09
CA LEU B 37 -34.30 24.96 31.97
C LEU B 37 -34.73 23.51 32.06
N VAL B 38 -34.25 22.78 33.07
CA VAL B 38 -34.53 21.35 33.19
C VAL B 38 -35.92 21.18 33.78
N THR B 39 -36.76 20.39 33.10
CA THR B 39 -38.13 20.09 33.58
C THR B 39 -38.18 18.68 34.12
N ALA B 40 -39.23 18.39 34.91
CA ALA B 40 -39.43 17.06 35.54
C ALA B 40 -39.45 15.90 34.52
N ASP B 41 -39.99 16.14 33.32
CA ASP B 41 -39.99 15.15 32.27
C ASP B 41 -38.58 14.71 31.79
N MET B 42 -37.57 15.53 32.08
CA MET B 42 -36.18 15.26 31.70
C MET B 42 -35.38 14.48 32.71
N ARG B 43 -35.97 14.11 33.83
CA ARG B 43 -35.21 13.39 34.90
C ARG B 43 -34.75 11.98 34.54
N ASP B 44 -35.28 11.39 33.47
CA ASP B 44 -34.80 10.07 32.99
C ASP B 44 -33.65 10.15 31.98
N VAL B 45 -33.04 11.31 31.81
CA VAL B 45 -31.87 11.44 30.91
C VAL B 45 -30.69 10.54 31.36
N SER B 46 -30.16 9.75 30.43
CA SER B 46 -29.01 8.84 30.68
C SER B 46 -27.64 9.34 30.19
N GLY B 47 -27.66 10.28 29.27
CA GLY B 47 -26.42 10.82 28.70
C GLY B 47 -26.53 12.26 28.31
N ILE B 48 -25.36 12.88 28.15
CA ILE B 48 -25.22 14.25 27.67
C ILE B 48 -24.19 14.28 26.54
N ALA B 49 -24.48 15.05 25.51
CA ALA B 49 -23.54 15.37 24.46
C ALA B 49 -23.43 16.88 24.52
N VAL B 50 -22.21 17.39 24.64
CA VAL B 50 -22.03 18.82 24.86
C VAL B 50 -20.75 19.37 24.27
N SER B 51 -20.82 20.61 23.80
CA SER B 51 -19.65 21.38 23.36
C SER B 51 -19.51 22.60 24.28
N GLY B 52 -18.39 22.69 24.97
CA GLY B 52 -18.16 23.80 25.91
C GLY B 52 -18.46 23.43 27.36
N LYS B 53 -19.01 24.38 28.10
CA LYS B 53 -19.14 24.28 29.55
C LYS B 53 -20.33 23.37 29.93
N LEU B 54 -20.08 22.46 30.85
CA LEU B 54 -21.14 21.73 31.52
C LEU B 54 -21.11 22.13 32.99
N PRO B 55 -21.94 23.10 33.39
CA PRO B 55 -21.97 23.44 34.82
C PRO B 55 -22.46 22.28 35.68
N VAL B 56 -21.87 22.17 36.86
CA VAL B 56 -22.14 21.07 37.78
C VAL B 56 -23.62 20.98 38.13
N PRO B 57 -24.31 22.12 38.39
CA PRO B 57 -25.72 22.01 38.74
C PRO B 57 -26.56 21.41 37.63
N LEU B 58 -26.19 21.63 36.38
CA LEU B 58 -26.86 20.99 35.26
C LEU B 58 -26.56 19.47 35.30
N MET B 59 -25.29 19.12 35.33
CA MET B 59 -24.85 17.71 35.39
C MET B 59 -25.55 16.98 36.53
N ASP B 60 -25.66 17.64 37.68
CA ASP B 60 -26.36 17.07 38.86
C ASP B 60 -27.88 17.14 38.88
N ALA B 61 -28.49 17.68 37.84
CA ALA B 61 -29.95 17.62 37.71
C ALA B 61 -30.44 16.23 37.33
N PHE B 62 -29.53 15.33 36.92
CA PHE B 62 -29.88 14.05 36.28
C PHE B 62 -29.39 12.82 37.06
N PRO B 63 -30.28 12.24 37.90
CA PRO B 63 -29.90 11.09 38.73
C PRO B 63 -29.48 9.85 37.96
N SER B 64 -29.99 9.66 36.75
CA SER B 64 -29.67 8.48 35.96
C SER B 64 -28.57 8.74 34.93
N LEU B 65 -27.87 9.86 35.03
CA LEU B 65 -26.78 10.18 34.11
C LEU B 65 -25.66 9.14 34.18
N GLU B 66 -25.30 8.58 33.03
CA GLU B 66 -24.23 7.60 32.93
C GLU B 66 -22.99 8.09 32.22
N ILE B 67 -23.17 8.96 31.23
CA ILE B 67 -22.11 9.36 30.37
C ILE B 67 -22.23 10.81 29.92
N VAL B 68 -21.10 11.51 29.89
CA VAL B 68 -20.97 12.84 29.28
C VAL B 68 -20.00 12.70 28.09
N ALA B 69 -20.51 12.92 26.89
CA ALA B 69 -19.69 12.88 25.68
C ALA B 69 -19.37 14.28 25.24
N ASN B 70 -18.11 14.64 25.43
CA ASN B 70 -17.62 15.97 25.19
C ASN B 70 -17.16 16.10 23.75
N PHE B 71 -17.58 17.19 23.12
CA PHE B 71 -17.21 17.53 21.76
C PHE B 71 -15.96 18.36 21.89
N GLY B 72 -14.84 17.80 21.46
CA GLY B 72 -13.51 18.42 21.62
C GLY B 72 -12.53 17.51 22.30
N VAL B 73 -11.25 17.75 22.03
CA VAL B 73 -10.19 17.02 22.71
C VAL B 73 -10.03 17.54 24.13
N GLY B 74 -10.22 18.84 24.29
CA GLY B 74 -10.22 19.49 25.58
C GLY B 74 -11.56 19.31 26.27
N TYR B 75 -11.54 18.93 27.54
CA TYR B 75 -12.77 18.67 28.29
C TYR B 75 -12.77 19.44 29.59
N ASP B 76 -12.03 20.56 29.62
CA ASP B 76 -11.93 21.41 30.82
C ASP B 76 -13.26 22.08 31.24
N GLY B 77 -14.25 22.15 30.33
CA GLY B 77 -15.59 22.60 30.70
C GLY B 77 -16.40 21.61 31.50
N VAL B 78 -15.94 20.35 31.54
CA VAL B 78 -16.63 19.32 32.33
C VAL B 78 -15.88 19.16 33.62
N ASP B 79 -16.59 19.14 34.73
CA ASP B 79 -15.97 18.86 36.03
C ASP B 79 -15.74 17.34 36.20
N VAL B 80 -14.60 16.86 35.72
CA VAL B 80 -14.34 15.40 35.72
C VAL B 80 -14.18 14.77 37.09
N SER B 81 -13.70 15.53 38.06
CA SER B 81 -13.69 15.05 39.46
C SER B 81 -15.04 14.76 39.99
N ARG B 82 -15.98 15.63 39.69
CA ARG B 82 -17.34 15.43 40.15
C ARG B 82 -17.98 14.25 39.38
N ALA B 83 -17.69 14.14 38.07
CA ALA B 83 -18.22 13.02 37.28
C ALA B 83 -17.67 11.66 37.75
N ALA B 84 -16.35 11.60 37.98
CA ALA B 84 -15.68 10.43 38.53
C ALA B 84 -16.29 10.04 39.87
N ALA B 85 -16.49 11.01 40.76
CA ALA B 85 -17.16 10.75 42.06
C ALA B 85 -18.54 10.19 41.98
N ARG B 86 -19.27 10.50 40.92
CA ARG B 86 -20.62 9.93 40.71
C ARG B 86 -20.63 8.64 39.88
N GLY B 87 -19.47 8.16 39.45
CA GLY B 87 -19.41 7.00 38.56
C GLY B 87 -19.78 7.25 37.11
N ILE B 88 -19.67 8.50 36.68
CA ILE B 88 -20.09 8.93 35.34
C ILE B 88 -18.86 8.94 34.43
N VAL B 89 -18.95 8.22 33.32
CA VAL B 89 -17.88 8.23 32.34
C VAL B 89 -17.92 9.52 31.52
N VAL B 90 -16.74 10.01 31.19
CA VAL B 90 -16.55 11.16 30.33
C VAL B 90 -15.72 10.78 29.13
N THR B 91 -16.15 11.19 27.94
CA THR B 91 -15.41 10.90 26.72
C THR B 91 -15.07 12.19 26.05
N ASN B 92 -14.04 12.17 25.24
CA ASN B 92 -13.63 13.32 24.47
C ASN B 92 -13.43 12.92 23.02
N THR B 93 -12.85 13.82 22.22
CA THR B 93 -12.62 13.54 20.81
C THR B 93 -11.14 13.76 20.38
N PRO B 94 -10.23 12.90 20.83
CA PRO B 94 -8.83 12.97 20.39
C PRO B 94 -8.63 12.32 19.04
N ASP B 95 -7.41 12.48 18.50
CA ASP B 95 -6.94 11.79 17.27
C ASP B 95 -7.53 12.27 15.96
N VAL B 96 -8.85 12.40 15.90
CA VAL B 96 -9.54 12.77 14.65
C VAL B 96 -9.26 14.22 14.25
N LEU B 97 -8.80 15.05 15.19
CA LEU B 97 -8.50 16.43 14.93
C LEU B 97 -7.02 16.78 15.00
N THR B 98 -6.16 15.82 15.28
CA THR B 98 -4.75 16.10 15.54
C THR B 98 -4.07 16.80 14.37
N GLU B 99 -4.25 16.28 13.15
CA GLU B 99 -3.58 16.80 11.96
C GLU B 99 -4.10 18.19 11.57
N GLU B 100 -5.41 18.41 11.75
CA GLU B 100 -6.07 19.67 11.47
C GLU B 100 -5.57 20.76 12.40
N VAL B 101 -5.52 20.46 13.71
CA VAL B 101 -5.01 21.42 14.69
C VAL B 101 -3.52 21.78 14.37
N ALA B 102 -2.75 20.77 14.00
CA ALA B 102 -1.36 20.99 13.63
C ALA B 102 -1.22 21.91 12.39
N ASP B 103 -2.04 21.70 11.38
CA ASP B 103 -2.06 22.55 10.16
C ASP B 103 -2.40 24.00 10.51
N THR B 104 -3.43 24.18 11.34
CA THR B 104 -3.76 25.50 11.87
C THR B 104 -2.63 26.15 12.62
N ALA B 105 -1.91 25.38 13.43
CA ALA B 105 -0.79 25.94 14.14
C ALA B 105 0.29 26.50 13.19
N ILE B 106 0.60 25.72 12.14
CA ILE B 106 1.60 26.16 11.17
C ILE B 106 1.11 27.41 10.40
N GLY B 107 -0.14 27.39 9.97
CA GLY B 107 -0.70 28.55 9.31
C GLY B 107 -0.68 29.82 10.17
N LEU B 108 -0.98 29.67 11.47
CA LEU B 108 -0.95 30.80 12.38
C LEU B 108 0.46 31.34 12.56
N LEU B 109 1.41 30.44 12.70
CA LEU B 109 2.82 30.81 12.78
C LEU B 109 3.33 31.59 11.52
N LEU B 110 3.03 31.07 10.32
CA LEU B 110 3.39 31.73 9.08
C LEU B 110 2.72 33.07 8.90
N ASN B 111 1.48 33.18 9.36
CA ASN B 111 0.78 34.47 9.27
C ASN B 111 1.34 35.51 10.20
N THR B 112 1.77 35.05 11.35
CA THR B 112 2.36 35.91 12.37
C THR B 112 3.72 36.42 11.92
N LEU B 113 4.51 35.54 11.37
CA LEU B 113 5.84 35.88 10.93
C LEU B 113 5.81 36.74 9.68
N ARG B 114 5.02 36.34 8.70
CA ARG B 114 5.09 36.96 7.38
C ARG B 114 3.97 37.91 7.08
N LEU B 115 3.04 38.06 8.02
CA LEU B 115 2.04 39.11 7.94
C LEU B 115 1.17 38.95 6.74
N LEU B 116 0.88 37.71 6.41
CA LEU B 116 0.15 37.42 5.19
C LEU B 116 -1.23 38.00 5.20
N PRO B 117 -1.91 37.96 6.38
CA PRO B 117 -3.25 38.54 6.38
C PRO B 117 -3.27 40.08 6.14
N GLN B 118 -2.32 40.78 6.75
CA GLN B 118 -2.18 42.22 6.53
C GLN B 118 -1.81 42.51 5.06
N ALA B 119 -0.96 41.67 4.45
CA ALA B 119 -0.64 41.83 3.03
C ALA B 119 -1.87 41.62 2.18
N GLU B 120 -2.68 40.63 2.49
CA GLU B 120 -3.95 40.48 1.77
C GLU B 120 -4.91 41.71 1.92
N GLN B 121 -4.98 42.27 3.13
CA GLN B 121 -5.76 43.51 3.34
C GLN B 121 -5.23 44.68 2.51
N TRP B 122 -3.90 44.82 2.47
CA TRP B 122 -3.22 45.83 1.72
C TRP B 122 -3.67 45.78 0.24
N LEU B 123 -3.67 44.57 -0.31
CA LEU B 123 -4.14 44.35 -1.66
C LEU B 123 -5.64 44.67 -1.81
N ARG B 124 -6.46 44.11 -0.97
CA ARG B 124 -7.89 44.27 -1.01
C ARG B 124 -8.38 45.73 -0.83
N GLN B 125 -7.64 46.50 -0.08
CA GLN B 125 -7.96 47.85 0.18
C GLN B 125 -7.52 48.78 -0.92
N GLY B 126 -6.90 48.24 -1.95
CA GLY B 126 -6.43 49.02 -3.06
C GLY B 126 -5.08 49.62 -2.92
N ARG B 127 -4.41 49.30 -1.87
CA ARG B 127 -3.07 49.80 -1.62
C ARG B 127 -1.94 49.35 -2.55
N TRP B 128 -2.01 48.18 -3.13
CA TRP B 128 -0.97 47.71 -4.02
C TRP B 128 -0.86 48.61 -5.24
N VAL B 129 -2.00 48.93 -5.80
CA VAL B 129 -2.13 49.84 -6.97
C VAL B 129 -1.68 51.28 -6.68
N ARG B 130 -2.17 51.87 -5.59
CA ARG B 130 -1.91 53.28 -5.20
C ARG B 130 -0.55 53.58 -4.57
N GLU B 131 -0.10 52.74 -3.65
CA GLU B 131 1.16 52.96 -2.92
C GLU B 131 2.31 52.05 -3.28
N GLY B 132 2.06 50.95 -4.00
CA GLY B 132 3.09 49.98 -4.32
C GLY B 132 3.15 48.79 -3.36
N ALA B 133 4.34 48.21 -3.22
CA ALA B 133 4.51 46.97 -2.54
C ALA B 133 4.22 47.05 -1.08
N PHE B 134 3.64 45.98 -0.55
CA PHE B 134 3.41 45.85 0.88
C PHE B 134 4.81 45.91 1.51
N PRO B 135 4.97 46.54 2.69
CA PRO B 135 6.31 46.55 3.29
C PRO B 135 6.82 45.15 3.59
N LEU B 136 8.12 45.01 3.59
CA LEU B 136 8.74 43.71 3.82
C LEU B 136 8.51 43.31 5.29
N SER B 137 8.26 42.05 5.54
CA SER B 137 8.01 41.57 6.89
C SER B 137 9.30 41.57 7.64
N PRO B 138 9.35 42.20 8.83
CA PRO B 138 10.60 42.19 9.57
C PRO B 138 11.01 40.79 9.99
N LEU B 139 10.05 39.89 10.15
CA LEU B 139 10.36 38.57 10.59
C LEU B 139 10.23 37.58 9.44
N SER B 140 10.78 36.41 9.71
CA SER B 140 10.73 35.27 8.85
C SER B 140 10.87 33.99 9.70
N LEU B 141 10.41 32.86 9.16
CA LEU B 141 10.68 31.54 9.76
C LEU B 141 12.14 31.09 9.52
N ARG B 142 12.84 31.65 8.52
CA ARG B 142 14.21 31.24 8.19
C ARG B 142 15.17 31.48 9.37
N GLY B 143 15.91 30.45 9.72
CA GLY B 143 16.89 30.55 10.81
C GLY B 143 16.33 30.44 12.23
N ARG B 144 15.01 30.26 12.38
CA ARG B 144 14.38 30.22 13.69
C ARG B 144 14.55 28.88 14.42
N THR B 145 14.40 28.96 15.73
CA THR B 145 14.52 27.81 16.61
C THR B 145 13.21 27.78 17.35
N VAL B 146 12.52 26.64 17.27
CA VAL B 146 11.19 26.51 17.82
C VAL B 146 11.17 25.61 19.04
N GLY B 147 10.50 26.08 20.09
CA GLY B 147 10.36 25.35 21.35
C GLY B 147 8.91 25.00 21.52
N LEU B 148 8.61 23.71 21.67
CA LEU B 148 7.23 23.27 21.86
C LEU B 148 6.98 23.09 23.34
N PHE B 149 5.99 23.80 23.84
CA PHE B 149 5.61 23.67 25.23
C PHE B 149 4.45 22.70 25.21
N GLY B 150 4.74 21.47 25.61
CA GLY B 150 3.84 20.34 25.41
C GLY B 150 4.25 19.60 24.13
N LEU B 151 4.10 18.28 24.14
CA LEU B 151 4.52 17.44 23.00
C LEU B 151 3.76 16.13 22.88
N GLY B 152 2.44 16.20 22.94
CA GLY B 152 1.62 14.99 22.90
C GLY B 152 1.35 14.65 21.45
N ARG B 153 0.13 14.22 21.17
CA ARG B 153 -0.25 13.86 19.79
C ARG B 153 -0.10 15.08 18.86
N ILE B 154 -0.61 16.22 19.32
CA ILE B 154 -0.66 17.43 18.52
C ILE B 154 0.74 18.07 18.44
N GLY B 155 1.39 18.24 19.59
CA GLY B 155 2.75 18.74 19.66
C GLY B 155 3.67 17.99 18.73
N LEU B 156 3.59 16.67 18.79
CA LEU B 156 4.39 15.86 17.91
C LEU B 156 4.06 16.08 16.43
N ALA B 157 2.79 16.18 16.10
CA ALA B 157 2.37 16.46 14.71
C ALA B 157 2.86 17.83 14.22
N ILE B 158 2.93 18.82 15.10
CA ILE B 158 3.50 20.13 14.76
C ILE B 158 5.01 20.05 14.47
N ALA B 159 5.73 19.32 15.32
CA ALA B 159 7.17 19.13 15.19
C ALA B 159 7.54 18.45 13.88
N ARG B 160 6.74 17.46 13.46
CA ARG B 160 6.92 16.79 12.20
C ARG B 160 6.84 17.76 11.02
N ARG B 161 5.86 18.66 11.05
CA ARG B 161 5.72 19.67 10.02
C ARG B 161 6.91 20.59 10.06
N LEU B 162 7.26 21.06 11.25
CA LEU B 162 8.42 21.96 11.42
C LEU B 162 9.77 21.43 10.93
N GLU B 163 10.04 20.15 11.13
CA GLU B 163 11.30 19.52 10.61
C GLU B 163 11.46 19.73 9.13
N ALA B 164 10.35 19.64 8.40
CA ALA B 164 10.40 19.85 6.95
C ALA B 164 10.65 21.32 6.54
N PHE B 165 10.47 22.25 7.46
CA PHE B 165 10.74 23.70 7.17
C PHE B 165 12.19 24.09 7.52
N GLY B 166 13.00 23.12 7.93
CA GLY B 166 14.42 23.37 8.19
C GLY B 166 14.73 24.18 9.42
N VAL B 167 13.88 24.11 10.44
CA VAL B 167 14.16 24.81 11.69
C VAL B 167 14.59 23.84 12.80
N SER B 168 15.38 24.34 13.73
CA SER B 168 15.71 23.55 14.91
C SER B 168 14.50 23.45 15.85
N ILE B 169 14.32 22.27 16.45
CA ILE B 169 13.18 21.96 17.28
C ILE B 169 13.64 21.54 18.68
N ALA B 170 13.00 22.13 19.69
CA ALA B 170 13.20 21.77 21.09
C ALA B 170 11.83 21.58 21.72
N TYR B 171 11.79 20.95 22.90
CA TYR B 171 10.54 20.79 23.64
C TYR B 171 10.66 20.80 25.15
N HIS B 172 9.56 21.15 25.80
CA HIS B 172 9.42 21.06 27.25
C HIS B 172 8.14 20.34 27.67
N THR B 173 8.34 19.31 28.49
CA THR B 173 7.29 18.49 29.12
C THR B 173 7.76 18.15 30.53
N ARG B 174 6.85 17.68 31.39
CA ARG B 174 7.21 17.36 32.79
C ARG B 174 8.22 16.24 32.84
N THR B 175 7.94 15.19 32.07
CA THR B 175 8.89 14.12 31.88
C THR B 175 9.22 14.00 30.39
N PRO B 176 10.50 13.73 30.09
CA PRO B 176 10.97 13.58 28.71
C PRO B 176 10.35 12.42 27.95
N ARG B 177 10.57 12.42 26.64
CA ARG B 177 10.14 11.35 25.74
C ARG B 177 11.38 10.68 25.13
N GLU B 178 11.51 9.37 25.34
CA GLU B 178 12.63 8.61 24.78
C GLU B 178 12.42 8.35 23.29
N GLY B 179 13.54 8.25 22.56
CA GLY B 179 13.51 7.92 21.13
C GLY B 179 13.15 9.06 20.20
N LEU B 180 13.34 10.30 20.66
CA LEU B 180 13.11 11.49 19.84
C LEU B 180 14.38 12.32 19.73
N GLY B 181 14.69 12.73 18.51
CA GLY B 181 15.86 13.55 18.23
C GLY B 181 15.75 15.03 18.62
N PHE B 182 14.63 15.48 19.21
CA PHE B 182 14.48 16.89 19.57
C PHE B 182 15.11 17.13 20.94
N THR B 183 15.69 18.31 21.12
CA THR B 183 16.31 18.68 22.39
C THR B 183 15.26 18.86 23.48
N TYR B 184 15.38 18.06 24.54
CA TYR B 184 14.54 18.20 25.72
C TYR B 184 15.11 19.31 26.63
N HIS B 185 14.21 20.11 27.19
CA HIS B 185 14.55 21.10 28.21
C HIS B 185 13.72 20.77 29.45
N PRO B 186 14.38 20.62 30.63
CA PRO B 186 13.65 20.33 31.86
C PRO B 186 12.85 21.50 32.44
N THR B 187 13.16 22.73 32.01
CA THR B 187 12.35 23.91 32.38
C THR B 187 11.81 24.68 31.17
N LEU B 188 10.67 25.32 31.38
CA LEU B 188 10.05 26.22 30.42
C LEU B 188 10.94 27.43 30.19
N VAL B 189 11.39 28.07 31.28
CA VAL B 189 12.24 29.26 31.18
C VAL B 189 13.55 28.94 30.46
N GLY B 190 14.12 27.78 30.77
CA GLY B 190 15.35 27.31 30.09
C GLY B 190 15.18 27.12 28.59
N MET B 191 14.09 26.51 28.18
CA MET B 191 13.77 26.35 26.75
C MET B 191 13.61 27.73 26.11
N ALA B 192 12.86 28.60 26.78
CA ALA B 192 12.61 29.95 26.29
C ALA B 192 13.90 30.70 26.04
N GLU B 193 14.90 30.55 26.91
CA GLU B 193 16.21 31.19 26.73
C GLU B 193 16.84 30.71 25.41
N ALA B 194 16.76 29.40 25.19
CA ALA B 194 17.43 28.75 24.05
C ALA B 194 16.75 28.99 22.69
N VAL B 195 15.45 29.26 22.68
CA VAL B 195 14.70 29.40 21.42
C VAL B 195 14.28 30.86 21.18
N ASP B 196 13.77 31.13 19.97
CA ASP B 196 13.17 32.43 19.61
C ASP B 196 11.70 32.36 19.19
N THR B 197 11.13 31.16 19.26
CA THR B 197 9.78 30.91 18.82
C THR B 197 9.24 29.87 19.80
N LEU B 198 8.13 30.18 20.45
CA LEU B 198 7.53 29.32 21.45
C LEU B 198 6.10 28.99 21.08
N ILE B 199 5.82 27.70 20.89
CA ILE B 199 4.50 27.22 20.53
C ILE B 199 3.87 26.50 21.74
N VAL B 200 2.76 27.02 22.22
CA VAL B 200 2.10 26.50 23.41
C VAL B 200 1.02 25.52 22.96
N ILE B 201 1.13 24.29 23.41
CA ILE B 201 0.20 23.22 23.01
C ILE B 201 0.02 22.22 24.17
N VAL B 202 -0.41 22.75 25.30
CA VAL B 202 -0.63 21.94 26.50
C VAL B 202 -2.08 22.01 26.90
N PRO B 203 -2.57 21.02 27.69
CA PRO B 203 -3.92 21.13 28.26
C PRO B 203 -4.10 22.32 29.25
N GLY B 204 -5.34 22.79 29.36
CA GLY B 204 -5.74 23.83 30.32
C GLY B 204 -5.95 23.24 31.70
N THR B 205 -4.85 22.93 32.38
CA THR B 205 -4.86 22.41 33.76
C THR B 205 -4.34 23.47 34.75
N ALA B 206 -4.52 23.16 36.04
CA ALA B 206 -3.96 23.96 37.14
C ALA B 206 -2.42 24.08 37.05
N SER B 207 -1.78 22.99 36.62
CA SER B 207 -0.32 22.93 36.51
C SER B 207 0.24 23.92 35.49
N THR B 208 -0.49 24.17 34.40
CA THR B 208 -0.05 25.08 33.33
C THR B 208 -0.62 26.51 33.44
N LEU B 209 -1.43 26.78 34.48
CA LEU B 209 -2.02 28.12 34.67
C LEU B 209 -0.95 29.21 34.74
N LYS B 210 -1.09 30.19 33.85
CA LYS B 210 -0.16 31.34 33.70
C LYS B 210 1.33 30.97 33.64
N ALA B 211 1.61 29.78 33.12
CA ALA B 211 2.96 29.29 33.02
C ALA B 211 3.79 30.18 32.08
N VAL B 212 3.18 30.62 30.96
CA VAL B 212 3.81 31.60 30.09
C VAL B 212 3.61 33.00 30.68
N ASN B 213 4.60 33.45 31.44
CA ASN B 213 4.52 34.65 32.25
C ASN B 213 5.62 35.62 31.87
N ALA B 214 5.70 36.73 32.59
CA ALA B 214 6.67 37.80 32.31
C ALA B 214 8.11 37.29 32.11
N ASP B 215 8.55 36.42 33.00
CA ASP B 215 9.90 35.81 32.95
C ASP B 215 10.13 34.95 31.74
N VAL B 216 9.16 34.12 31.40
CA VAL B 216 9.25 33.24 30.21
C VAL B 216 9.36 34.09 28.94
N LEU B 217 8.49 35.09 28.83
CA LEU B 217 8.51 36.02 27.69
C LEU B 217 9.83 36.78 27.63
N SER B 218 10.32 37.23 28.78
CA SER B 218 11.57 37.98 28.82
C SER B 218 12.75 37.14 28.29
N ALA B 219 12.76 35.86 28.67
CA ALA B 219 13.79 34.90 28.22
C ALA B 219 13.69 34.60 26.72
N LEU B 220 12.45 34.60 26.21
CA LEU B 220 12.20 34.36 24.79
C LEU B 220 13.00 35.36 23.92
N GLY B 221 13.01 36.63 24.31
CA GLY B 221 13.95 37.62 23.75
C GLY B 221 13.29 38.57 22.76
N PRO B 222 14.04 39.56 22.26
CA PRO B 222 13.47 40.62 21.41
C PRO B 222 13.15 40.24 19.94
N LYS B 223 13.56 39.04 19.52
CA LYS B 223 13.09 38.43 18.28
C LYS B 223 11.99 37.37 18.55
N GLY B 224 11.51 37.31 19.79
CA GLY B 224 10.65 36.25 20.24
C GLY B 224 9.29 36.29 19.60
N VAL B 225 8.78 35.12 19.26
CA VAL B 225 7.42 34.97 18.78
C VAL B 225 6.69 33.90 19.59
N LEU B 226 5.53 34.26 20.10
CA LEU B 226 4.70 33.34 20.87
C LEU B 226 3.48 32.92 20.07
N ILE B 227 3.27 31.61 19.94
CA ILE B 227 2.10 31.05 19.27
C ILE B 227 1.34 30.22 20.31
N ASN B 228 0.05 30.52 20.52
CA ASN B 228 -0.76 29.72 21.46
C ASN B 228 -1.92 29.09 20.78
N VAL B 229 -1.89 27.76 20.74
CA VAL B 229 -2.96 26.96 20.19
C VAL B 229 -3.44 25.94 21.24
N GLY B 230 -3.17 26.22 22.52
CA GLY B 230 -3.48 25.29 23.59
C GLY B 230 -4.72 25.78 24.29
N ARG B 231 -4.53 26.43 25.42
CA ARG B 231 -5.63 27.08 26.14
C ARG B 231 -5.17 28.46 26.58
N GLY B 232 -6.12 29.39 26.55
CA GLY B 232 -5.82 30.80 26.88
C GLY B 232 -5.29 31.01 28.29
N SER B 233 -5.76 30.19 29.20
CA SER B 233 -5.41 30.30 30.63
C SER B 233 -3.93 30.05 30.91
N THR B 234 -3.27 29.31 30.03
CA THR B 234 -1.83 29.04 30.12
C THR B 234 -0.93 30.29 29.94
N VAL B 235 -1.40 31.26 29.19
CA VAL B 235 -0.66 32.53 28.99
C VAL B 235 -1.20 33.61 29.94
N ASP B 236 -0.28 34.27 30.63
CA ASP B 236 -0.61 35.44 31.45
C ASP B 236 -0.86 36.56 30.44
N GLU B 237 -2.13 36.79 30.14
CA GLU B 237 -2.57 37.70 29.07
C GLU B 237 -2.11 39.14 29.32
N ALA B 238 -2.07 39.55 30.59
CA ALA B 238 -1.59 40.88 30.98
C ALA B 238 -0.12 41.09 30.73
N ALA B 239 0.70 40.12 31.12
CA ALA B 239 2.14 40.15 30.89
C ALA B 239 2.51 40.10 29.41
N LEU B 240 1.71 39.37 28.63
CA LEU B 240 1.89 39.32 27.18
C LEU B 240 1.67 40.68 26.53
N VAL B 241 0.60 41.35 26.92
CA VAL B 241 0.31 42.71 26.43
C VAL B 241 1.46 43.67 26.71
N THR B 242 1.94 43.65 27.95
CA THR B 242 3.06 44.48 28.39
C THR B 242 4.32 44.17 27.60
N ALA B 243 4.57 42.89 27.36
CA ALA B 243 5.75 42.46 26.64
C ALA B 243 5.74 42.94 25.19
N LEU B 244 4.56 42.89 24.55
CA LEU B 244 4.39 43.40 23.20
C LEU B 244 4.56 44.93 23.17
N GLN B 245 3.91 45.63 24.09
CA GLN B 245 4.06 47.10 24.24
C GLN B 245 5.52 47.55 24.36
N ASN B 246 6.27 46.88 25.22
CA ASN B 246 7.69 47.24 25.47
C ASN B 246 8.69 46.76 24.42
N GLY B 247 8.25 45.93 23.46
CA GLY B 247 9.16 45.35 22.49
C GLY B 247 10.02 44.26 23.12
N THR B 248 9.54 43.73 24.23
CA THR B 248 10.24 42.66 24.93
C THR B 248 10.26 41.41 24.05
N ILE B 249 9.17 41.20 23.29
CA ILE B 249 9.12 40.21 22.23
C ILE B 249 8.64 40.87 20.94
N ALA B 250 8.84 40.15 19.85
CA ALA B 250 8.67 40.68 18.48
C ALA B 250 7.29 40.45 17.93
N GLY B 251 6.58 39.42 18.40
CA GLY B 251 5.27 39.16 17.85
C GLY B 251 4.57 37.99 18.50
N ALA B 252 3.30 37.81 18.15
CA ALA B 252 2.51 36.73 18.74
C ALA B 252 1.37 36.34 17.82
N GLY B 253 0.99 35.08 17.91
CA GLY B 253 -0.17 34.56 17.19
C GLY B 253 -1.01 33.73 18.14
N LEU B 254 -2.28 34.01 18.24
CA LEU B 254 -3.13 33.44 19.30
C LEU B 254 -4.44 32.94 18.73
N ASP B 255 -4.74 31.67 18.97
CA ASP B 255 -5.99 31.02 18.57
C ASP B 255 -6.93 30.89 19.78
N VAL B 256 -6.43 31.14 20.99
CA VAL B 256 -7.16 30.91 22.24
C VAL B 256 -6.87 32.07 23.21
N PHE B 257 -7.84 32.32 24.10
CA PHE B 257 -7.85 33.52 25.00
C PHE B 257 -8.40 33.16 26.39
N GLU B 258 -8.02 33.94 27.40
CA GLU B 258 -8.44 33.66 28.82
C GLU B 258 -9.94 33.56 28.97
N ASN B 259 -10.66 34.48 28.35
CA ASN B 259 -12.10 34.55 28.46
C ASN B 259 -12.77 34.73 27.09
N GLU B 260 -12.75 33.67 26.30
CA GLU B 260 -13.38 33.65 24.98
C GLU B 260 -14.88 33.77 25.12
N PRO B 261 -15.57 34.46 24.21
CA PRO B 261 -15.02 35.02 22.98
C PRO B 261 -14.50 36.46 23.09
N ASN B 262 -14.19 36.91 24.30
CA ASN B 262 -13.68 38.28 24.49
C ASN B 262 -12.18 38.29 24.31
N VAL B 263 -11.70 39.30 23.59
CA VAL B 263 -10.29 39.51 23.35
C VAL B 263 -10.02 40.93 23.84
N PRO B 264 -8.98 41.11 24.69
CA PRO B 264 -8.66 42.43 25.20
C PRO B 264 -8.33 43.42 24.11
N GLU B 265 -8.92 44.61 24.18
CA GLU B 265 -8.71 45.65 23.17
C GLU B 265 -7.24 45.92 22.84
N ALA B 266 -6.35 45.80 23.83
CA ALA B 266 -4.93 46.08 23.61
C ALA B 266 -4.29 45.15 22.58
N LEU B 267 -4.65 43.87 22.63
CA LEU B 267 -4.17 42.88 21.65
C LEU B 267 -4.63 43.17 20.23
N LEU B 268 -5.79 43.79 20.08
CA LEU B 268 -6.30 44.16 18.75
C LEU B 268 -5.54 45.30 18.07
N SER B 269 -4.76 46.05 18.83
CA SER B 269 -4.09 47.26 18.32
C SER B 269 -2.72 46.99 17.67
N PHE B 270 -2.08 45.89 18.05
CA PHE B 270 -0.73 45.61 17.64
C PHE B 270 -0.65 45.20 16.16
N PRO B 271 0.25 45.82 15.38
CA PRO B 271 0.43 45.36 13.99
C PRO B 271 1.20 44.04 13.85
N ASN B 272 1.84 43.53 14.92
CA ASN B 272 2.71 42.34 14.87
C ASN B 272 2.06 41.11 15.53
N VAL B 273 0.74 41.10 15.54
CA VAL B 273 -0.01 40.07 16.19
C VAL B 273 -1.08 39.53 15.26
N SER B 274 -1.22 38.20 15.22
CA SER B 274 -2.29 37.56 14.46
C SER B 274 -3.25 36.88 15.45
N LEU B 275 -4.56 37.05 15.26
CA LEU B 275 -5.59 36.62 16.18
C LEU B 275 -6.60 35.81 15.43
N LEU B 276 -6.90 34.64 15.95
CA LEU B 276 -7.91 33.76 15.34
C LEU B 276 -8.99 33.37 16.39
N PRO B 277 -10.26 33.31 15.97
CA PRO B 277 -11.29 32.92 16.99
C PRO B 277 -11.41 31.44 17.23
N HIS B 278 -10.42 30.84 17.86
CA HIS B 278 -10.40 29.43 18.20
C HIS B 278 -10.84 28.54 17.03
N VAL B 279 -10.11 28.65 15.92
CA VAL B 279 -10.46 27.89 14.70
C VAL B 279 -9.62 26.64 14.47
N ALA B 280 -8.78 26.25 15.44
CA ALA B 280 -7.84 25.15 15.22
C ALA B 280 -8.41 23.87 14.59
N SER B 281 -9.64 23.46 14.95
CA SER B 281 -10.24 22.25 14.34
C SER B 281 -11.37 22.53 13.39
N ALA B 282 -11.63 23.81 13.14
CA ALA B 282 -12.87 24.29 12.58
C ALA B 282 -13.03 24.20 11.03
N SER B 283 -12.88 23.00 10.49
CA SER B 283 -13.20 22.72 9.12
C SER B 283 -14.39 21.77 9.13
N VAL B 284 -15.22 21.80 8.08
CA VAL B 284 -16.34 20.88 7.97
C VAL B 284 -15.90 19.41 8.14
N VAL B 285 -14.85 18.97 7.45
CA VAL B 285 -14.47 17.56 7.50
C VAL B 285 -14.04 17.10 8.92
N THR B 286 -13.27 17.93 9.62
CA THR B 286 -12.77 17.56 10.93
C THR B 286 -13.83 17.66 12.00
N ARG B 287 -14.68 18.68 11.92
CA ARG B 287 -15.82 18.75 12.81
C ARG B 287 -16.84 17.62 12.57
N ASN B 288 -17.05 17.19 11.32
CA ASN B 288 -17.86 16.00 11.03
C ASN B 288 -17.27 14.73 11.70
N ALA B 289 -15.95 14.59 11.68
CA ALA B 289 -15.28 13.47 12.33
C ALA B 289 -15.42 13.52 13.82
N MET B 290 -15.31 14.71 14.36
CA MET B 290 -15.55 14.96 15.79
C MET B 290 -16.99 14.66 16.21
N SER B 291 -17.95 15.14 15.43
CA SER B 291 -19.34 14.85 15.64
C SER B 291 -19.58 13.34 15.66
N ASP B 292 -19.04 12.63 14.66
CA ASP B 292 -19.19 11.17 14.58
C ASP B 292 -18.62 10.44 15.79
N LEU B 293 -17.50 10.93 16.31
CA LEU B 293 -16.87 10.34 17.47
C LEU B 293 -17.65 10.57 18.79
N VAL B 294 -18.25 11.72 18.95
CA VAL B 294 -19.17 11.95 20.05
C VAL B 294 -20.33 10.92 20.05
N VAL B 295 -21.03 10.83 18.92
CA VAL B 295 -22.10 9.89 18.73
C VAL B 295 -21.70 8.43 18.84
N ASP B 296 -20.61 8.04 18.18
CA ASP B 296 -20.13 6.70 18.25
C ASP B 296 -19.70 6.27 19.66
N ASN B 297 -19.15 7.18 20.44
CA ASN B 297 -18.88 6.93 21.84
C ASN B 297 -20.17 6.61 22.59
N LEU B 298 -21.21 7.39 22.38
CA LEU B 298 -22.50 7.13 23.07
C LEU B 298 -23.10 5.78 22.62
N LYS B 299 -23.04 5.50 21.32
CA LYS B 299 -23.51 4.21 20.81
C LYS B 299 -22.74 3.02 21.36
N ALA B 300 -21.42 3.11 21.39
CA ALA B 300 -20.60 2.04 21.95
C ALA B 300 -20.91 1.84 23.43
N TRP B 301 -21.07 2.92 24.18
CA TRP B 301 -21.36 2.80 25.60
C TRP B 301 -22.65 2.05 25.85
N PHE B 302 -23.74 2.53 25.29
CA PHE B 302 -25.03 1.94 25.53
C PHE B 302 -25.23 0.57 24.88
N SER B 303 -24.49 0.25 23.81
CA SER B 303 -24.63 -1.06 23.18
C SER B 303 -23.65 -2.13 23.67
N THR B 304 -22.38 -1.76 23.96
CA THR B 304 -21.38 -2.71 24.42
C THR B 304 -20.91 -2.49 25.87
N GLY B 305 -21.22 -1.35 26.45
CA GLY B 305 -20.76 -1.00 27.77
C GLY B 305 -19.35 -0.47 27.86
N GLU B 306 -18.70 -0.34 26.72
CA GLU B 306 -17.37 0.21 26.65
C GLU B 306 -17.39 1.47 25.69
N ALA B 307 -17.00 2.64 26.20
CA ALA B 307 -16.77 3.81 25.38
C ALA B 307 -15.54 3.65 24.48
N LEU B 308 -15.47 4.45 23.42
CA LEU B 308 -14.31 4.41 22.49
C LEU B 308 -13.11 5.23 23.01
N THR B 309 -13.38 6.44 23.47
CA THR B 309 -12.32 7.38 23.95
C THR B 309 -12.67 8.04 25.27
N PRO B 310 -12.89 7.20 26.32
CA PRO B 310 -13.03 7.73 27.65
C PRO B 310 -11.79 8.52 28.04
N VAL B 311 -11.97 9.52 28.89
CA VAL B 311 -10.84 10.30 29.37
C VAL B 311 -10.08 9.51 30.47
N ALA B 312 -8.84 9.91 30.76
CA ALA B 312 -7.97 9.14 31.70
C ALA B 312 -8.53 9.04 33.12
N GLU B 313 -9.21 10.09 33.56
CA GLU B 313 -9.86 10.15 34.88
C GLU B 313 -11.07 9.20 35.02
N THR B 314 -11.65 8.72 33.93
CA THR B 314 -12.83 7.84 34.01
C THR B 314 -12.70 6.56 33.15
N PRO B 315 -11.86 5.56 33.57
CA PRO B 315 -11.78 4.34 32.73
C PRO B 315 -12.87 3.32 33.11
N PHE B 316 -14.10 3.72 32.88
CA PHE B 316 -15.24 3.03 33.40
C PHE B 316 -15.86 2.13 32.37
N ARG B 317 -16.64 1.18 32.86
CA ARG B 317 -17.42 0.28 32.02
C ARG B 317 -18.81 0.41 32.53
N ARG B 318 -19.76 0.26 31.63
CA ARG B 318 -21.17 0.40 31.99
C ARG B 318 -21.73 -0.68 32.90
N ARG B 319 -22.43 -0.23 33.95
CA ARG B 319 -23.25 -1.10 34.77
C ARG B 319 -24.70 -0.71 34.54
N ALA B 320 -25.46 -1.66 34.00
CA ALA B 320 -26.84 -1.37 33.59
C ALA B 320 -27.79 -1.49 34.82
N ILE B 321 -28.19 -0.33 35.38
CA ILE B 321 -29.13 -0.20 36.51
C ILE B 321 -30.56 -0.08 35.93
N ARG C 4 -41.76 -7.68 -8.11
CA ARG C 4 -40.56 -8.56 -8.07
C ARG C 4 -40.47 -9.41 -9.31
N PRO C 5 -39.38 -9.23 -10.09
CA PRO C 5 -39.21 -10.10 -11.26
C PRO C 5 -39.01 -11.55 -10.81
N ARG C 6 -39.47 -12.46 -11.65
CA ARG C 6 -39.46 -13.84 -11.35
C ARG C 6 -38.27 -14.43 -12.10
N ILE C 7 -37.44 -15.14 -11.33
CA ILE C 7 -36.23 -15.74 -11.86
C ILE C 7 -36.38 -17.26 -11.79
N LEU C 8 -36.18 -17.91 -12.92
CA LEU C 8 -36.14 -19.39 -12.98
C LEU C 8 -34.74 -19.90 -12.70
N VAL C 9 -34.69 -20.92 -11.86
CA VAL C 9 -33.48 -21.70 -11.60
C VAL C 9 -33.77 -23.17 -11.94
N PRO C 10 -33.25 -23.67 -13.07
CA PRO C 10 -33.44 -25.03 -13.48
C PRO C 10 -32.31 -25.97 -13.01
N GLY C 11 -32.67 -27.11 -12.39
CA GLY C 11 -31.69 -28.06 -11.94
C GLY C 11 -30.92 -27.56 -10.72
N LYS C 12 -29.76 -28.14 -10.51
CA LYS C 12 -28.94 -27.85 -9.34
C LYS C 12 -28.20 -26.53 -9.52
N ILE C 13 -28.13 -25.78 -8.43
CA ILE C 13 -27.23 -24.66 -8.35
C ILE C 13 -26.76 -24.54 -6.91
N ASN C 14 -25.64 -23.86 -6.72
CA ASN C 14 -25.17 -23.50 -5.41
C ASN C 14 -26.28 -22.80 -4.56
N PRO C 15 -26.61 -23.37 -3.39
CA PRO C 15 -27.57 -22.74 -2.50
C PRO C 15 -27.40 -21.24 -2.21
N ARG C 16 -26.17 -20.74 -2.21
CA ARG C 16 -25.93 -19.33 -2.02
C ARG C 16 -26.72 -18.43 -3.03
N VAL C 17 -26.87 -18.91 -4.26
CA VAL C 17 -27.70 -18.21 -5.27
C VAL C 17 -29.15 -18.15 -4.84
N LEU C 18 -29.66 -19.28 -4.37
CA LEU C 18 -31.02 -19.40 -3.90
C LEU C 18 -31.28 -18.54 -2.67
N GLU C 19 -30.33 -18.51 -1.76
CA GLU C 19 -30.40 -17.71 -0.55
C GLU C 19 -30.48 -16.23 -0.81
N ARG C 20 -29.80 -15.79 -1.86
CA ARG C 20 -29.70 -14.36 -2.16
C ARG C 20 -30.75 -13.78 -3.11
N LEU C 21 -31.30 -14.61 -3.98
CA LEU C 21 -32.35 -14.20 -4.88
C LEU C 21 -33.50 -13.44 -4.24
N PRO C 22 -33.97 -13.87 -3.05
CA PRO C 22 -35.03 -13.16 -2.36
C PRO C 22 -34.74 -11.73 -1.93
N GLU C 23 -33.51 -11.26 -2.04
CA GLU C 23 -33.25 -9.83 -1.79
C GLU C 23 -34.08 -8.93 -2.70
N MET C 24 -34.35 -9.40 -3.91
CA MET C 24 -35.09 -8.63 -4.91
C MET C 24 -36.09 -9.44 -5.76
N PHE C 25 -36.03 -10.77 -5.75
CA PHE C 25 -36.76 -11.56 -6.71
C PHE C 25 -37.64 -12.65 -6.11
N GLU C 26 -38.54 -13.14 -6.96
CA GLU C 26 -39.29 -14.31 -6.70
C GLU C 26 -38.65 -15.43 -7.49
N THR C 27 -38.42 -16.57 -6.83
CA THR C 27 -37.71 -17.69 -7.43
C THR C 27 -38.68 -18.76 -7.89
N VAL C 28 -38.46 -19.27 -9.08
CA VAL C 28 -39.25 -20.36 -9.64
C VAL C 28 -38.27 -21.50 -9.93
N ARG C 29 -38.51 -22.66 -9.34
CA ARG C 29 -37.62 -23.81 -9.52
C ARG C 29 -38.24 -24.93 -10.32
N ILE C 30 -37.45 -25.53 -11.19
CA ILE C 30 -37.79 -26.80 -11.85
C ILE C 30 -36.63 -27.70 -11.63
N GLU C 31 -36.91 -28.98 -11.47
CA GLU C 31 -35.92 -29.95 -10.97
C GLU C 31 -34.86 -30.27 -12.01
N ARG C 32 -35.14 -30.04 -13.29
CA ARG C 32 -34.17 -30.25 -14.38
C ARG C 32 -34.35 -29.19 -15.43
N ALA C 33 -33.29 -28.92 -16.19
CA ALA C 33 -33.32 -27.98 -17.30
C ALA C 33 -34.03 -28.64 -18.49
N ASP C 34 -35.35 -28.67 -18.43
CA ASP C 34 -36.19 -29.37 -19.39
C ASP C 34 -37.47 -28.56 -19.63
N ALA C 35 -37.72 -28.24 -20.90
CA ALA C 35 -38.90 -27.47 -21.30
C ALA C 35 -40.22 -28.14 -20.90
N ALA C 36 -40.24 -29.49 -20.81
CA ALA C 36 -41.44 -30.23 -20.42
C ALA C 36 -41.94 -29.98 -18.99
N LEU C 37 -41.07 -29.43 -18.13
CA LEU C 37 -41.44 -29.09 -16.76
C LEU C 37 -42.02 -27.70 -16.61
N VAL C 38 -42.06 -26.93 -17.68
CA VAL C 38 -42.57 -25.56 -17.62
C VAL C 38 -44.09 -25.59 -17.65
N THR C 39 -44.71 -24.92 -16.68
CA THR C 39 -46.18 -24.76 -16.62
C THR C 39 -46.60 -23.35 -17.04
N ALA C 40 -47.88 -23.20 -17.39
CA ALA C 40 -48.44 -21.91 -17.82
C ALA C 40 -48.22 -20.77 -16.81
N ASP C 41 -48.24 -21.07 -15.52
CA ASP C 41 -47.97 -20.06 -14.48
C ASP C 41 -46.56 -19.48 -14.52
N MET C 42 -45.63 -20.17 -15.19
CA MET C 42 -44.26 -19.72 -15.34
C MET C 42 -43.98 -18.81 -16.54
N ARG C 43 -44.98 -18.50 -17.36
CA ARG C 43 -44.75 -17.72 -18.59
C ARG C 43 -44.35 -16.27 -18.33
N ASP C 44 -44.52 -15.75 -17.11
CA ASP C 44 -44.06 -14.40 -16.78
C ASP C 44 -42.61 -14.32 -16.24
N VAL C 45 -41.84 -15.39 -16.36
CA VAL C 45 -40.41 -15.39 -15.96
C VAL C 45 -39.58 -14.37 -16.80
N SER C 46 -38.82 -13.53 -16.09
CA SER C 46 -38.01 -12.46 -16.69
C SER C 46 -36.52 -12.78 -16.77
N GLY C 47 -36.09 -13.75 -15.99
CA GLY C 47 -34.66 -14.10 -15.93
C GLY C 47 -34.45 -15.53 -15.55
N ILE C 48 -33.26 -16.01 -15.85
CA ILE C 48 -32.79 -17.33 -15.56
C ILE C 48 -31.42 -17.25 -14.91
N ALA C 49 -31.20 -18.09 -13.90
CA ALA C 49 -29.92 -18.29 -13.28
C ALA C 49 -29.67 -19.75 -13.44
N VAL C 50 -28.52 -20.10 -14.01
CA VAL C 50 -28.30 -21.49 -14.37
C VAL C 50 -26.80 -21.87 -14.33
N SER C 51 -26.56 -23.10 -13.92
CA SER C 51 -25.22 -23.72 -13.98
C SER C 51 -25.29 -24.89 -14.97
N GLY C 52 -24.51 -24.84 -16.02
CA GLY C 52 -24.50 -25.91 -16.99
C GLY C 52 -25.37 -25.59 -18.19
N LYS C 53 -26.04 -26.60 -18.72
CA LYS C 53 -26.70 -26.51 -20.01
C LYS C 53 -28.02 -25.77 -19.91
N LEU C 54 -28.23 -24.83 -20.84
CA LEU C 54 -29.56 -24.25 -21.02
C LEU C 54 -30.04 -24.60 -22.42
N PRO C 55 -30.88 -25.65 -22.54
CA PRO C 55 -31.37 -26.01 -23.88
C PRO C 55 -32.26 -24.94 -24.44
N VAL C 56 -32.16 -24.75 -25.74
CA VAL C 56 -32.88 -23.69 -26.46
C VAL C 56 -34.39 -23.77 -26.25
N PRO C 57 -34.99 -24.98 -26.34
CA PRO C 57 -36.42 -25.05 -26.08
C PRO C 57 -36.86 -24.57 -24.70
N LEU C 58 -36.01 -24.77 -23.68
CA LEU C 58 -36.29 -24.22 -22.36
C LEU C 58 -36.20 -22.69 -22.39
N MET C 59 -35.06 -22.19 -22.88
CA MET C 59 -34.88 -20.73 -23.05
C MET C 59 -36.05 -20.11 -23.81
N ASP C 60 -36.48 -20.76 -24.89
CA ASP C 60 -37.63 -20.29 -25.73
C ASP C 60 -39.02 -20.56 -25.19
N ALA C 61 -39.13 -21.19 -24.02
CA ALA C 61 -40.44 -21.27 -23.35
C ALA C 61 -40.91 -19.96 -22.73
N PHE C 62 -40.03 -18.96 -22.61
CA PHE C 62 -40.28 -17.73 -21.84
C PHE C 62 -40.27 -16.45 -22.69
N PRO C 63 -41.46 -15.96 -23.12
CA PRO C 63 -41.55 -14.79 -23.97
C PRO C 63 -41.03 -13.50 -23.35
N SER C 64 -41.08 -13.38 -22.03
CA SER C 64 -40.62 -12.19 -21.34
C SER C 64 -39.21 -12.30 -20.80
N LEU C 65 -38.47 -13.33 -21.23
CA LEU C 65 -37.07 -13.52 -20.77
C LEU C 65 -36.16 -12.37 -21.21
N GLU C 66 -35.51 -11.76 -20.23
CA GLU C 66 -34.62 -10.63 -20.50
C GLU C 66 -33.14 -10.98 -20.34
N ILE C 67 -32.86 -11.88 -19.42
CA ILE C 67 -31.48 -12.12 -19.00
C ILE C 67 -31.27 -13.56 -18.60
N VAL C 68 -30.11 -14.08 -18.99
CA VAL C 68 -29.61 -15.37 -18.55
C VAL C 68 -28.32 -15.11 -17.80
N ALA C 69 -28.33 -15.42 -16.51
CA ALA C 69 -27.14 -15.28 -15.69
C ALA C 69 -26.53 -16.67 -15.53
N ASN C 70 -25.38 -16.86 -16.19
CA ASN C 70 -24.64 -18.12 -16.19
C ASN C 70 -23.68 -18.17 -15.01
N PHE C 71 -23.74 -19.29 -14.30
CA PHE C 71 -22.87 -19.59 -13.19
C PHE C 71 -21.63 -20.25 -13.83
N GLY C 72 -20.51 -19.53 -13.80
CA GLY C 72 -19.27 -19.97 -14.47
C GLY C 72 -18.71 -18.94 -15.41
N VAL C 73 -17.40 -19.01 -15.63
CA VAL C 73 -16.77 -18.12 -16.60
C VAL C 73 -17.05 -18.62 -18.02
N GLY C 74 -17.09 -19.93 -18.17
CA GLY C 74 -17.51 -20.57 -19.42
C GLY C 74 -19.02 -20.60 -19.54
N TYR C 75 -19.53 -20.22 -20.71
CA TYR C 75 -20.98 -20.13 -20.95
C TYR C 75 -21.36 -20.85 -22.21
N ASP C 76 -20.57 -21.85 -22.59
CA ASP C 76 -20.83 -22.68 -23.78
C ASP C 76 -22.10 -23.56 -23.68
N GLY C 77 -22.66 -23.74 -22.49
CA GLY C 77 -23.99 -24.37 -22.34
C GLY C 77 -25.19 -23.49 -22.75
N VAL C 78 -24.97 -22.18 -22.85
CA VAL C 78 -26.00 -21.27 -23.26
C VAL C 78 -25.81 -21.04 -24.74
N ASP C 79 -26.88 -21.10 -25.51
CA ASP C 79 -26.79 -20.75 -26.94
C ASP C 79 -26.81 -19.22 -27.08
N VAL C 80 -25.62 -18.59 -27.03
CA VAL C 80 -25.55 -17.13 -27.05
C VAL C 80 -26.00 -16.49 -28.36
N SER C 81 -25.79 -17.18 -29.49
CA SER C 81 -26.37 -16.70 -30.80
C SER C 81 -27.86 -16.57 -30.78
N ARG C 82 -28.53 -17.57 -30.21
CA ARG C 82 -29.98 -17.53 -30.12
C ARG C 82 -30.42 -16.46 -29.10
N ALA C 83 -29.71 -16.33 -27.97
CA ALA C 83 -30.02 -15.28 -26.99
C ALA C 83 -29.84 -13.85 -27.55
N ALA C 84 -28.72 -13.63 -28.24
CA ALA C 84 -28.43 -12.38 -28.95
C ALA C 84 -29.52 -12.06 -29.98
N ALA C 85 -29.91 -13.04 -30.79
CA ALA C 85 -31.04 -12.88 -31.74
C ALA C 85 -32.35 -12.49 -31.13
N ARG C 86 -32.60 -12.86 -29.88
CA ARG C 86 -33.80 -12.48 -29.15
C ARG C 86 -33.64 -11.24 -28.26
N GLY C 87 -32.47 -10.61 -28.30
CA GLY C 87 -32.22 -9.43 -27.48
C GLY C 87 -32.06 -9.75 -26.01
N ILE C 88 -31.70 -10.98 -25.70
CA ILE C 88 -31.53 -11.45 -24.32
C ILE C 88 -30.06 -11.33 -23.90
N VAL C 89 -29.82 -10.64 -22.78
CA VAL C 89 -28.44 -10.43 -22.29
C VAL C 89 -28.02 -11.70 -21.56
N VAL C 90 -26.74 -12.04 -21.75
CA VAL C 90 -26.12 -13.19 -21.08
C VAL C 90 -24.94 -12.70 -20.25
N THR C 91 -24.88 -13.15 -19.00
CA THR C 91 -23.81 -12.74 -18.10
C THR C 91 -23.10 -13.99 -17.66
N ASN C 92 -21.84 -13.83 -17.28
CA ASN C 92 -21.03 -14.94 -16.78
C ASN C 92 -20.35 -14.50 -15.49
N THR C 93 -19.40 -15.31 -15.00
CA THR C 93 -18.73 -15.00 -13.75
C THR C 93 -17.20 -15.02 -13.90
N PRO C 94 -16.64 -14.04 -14.60
CA PRO C 94 -15.17 -13.95 -14.71
C PRO C 94 -14.57 -13.27 -13.48
N ASP C 95 -13.25 -13.27 -13.41
CA ASP C 95 -12.47 -12.55 -12.40
C ASP C 95 -12.46 -13.11 -10.97
N VAL C 96 -13.65 -13.40 -10.45
CA VAL C 96 -13.78 -13.91 -9.11
C VAL C 96 -13.21 -15.32 -8.92
N LEU C 97 -13.01 -16.06 -10.01
CA LEU C 97 -12.48 -17.42 -9.95
C LEU C 97 -11.10 -17.55 -10.59
N THR C 98 -10.54 -16.47 -11.06
CA THR C 98 -9.29 -16.52 -11.86
C THR C 98 -8.11 -17.16 -11.10
N GLU C 99 -7.89 -16.72 -9.88
CA GLU C 99 -6.79 -17.19 -9.07
C GLU C 99 -6.96 -18.67 -8.61
N GLU C 100 -8.20 -19.05 -8.30
CA GLU C 100 -8.56 -20.40 -7.91
C GLU C 100 -8.35 -21.39 -9.02
N VAL C 101 -8.84 -21.05 -10.21
CA VAL C 101 -8.62 -21.90 -11.39
C VAL C 101 -7.08 -22.05 -11.67
N ALA C 102 -6.37 -20.95 -11.56
CA ALA C 102 -4.91 -20.96 -11.78
C ALA C 102 -4.19 -21.87 -10.76
N ASP C 103 -4.61 -21.82 -9.49
CA ASP C 103 -4.07 -22.69 -8.47
C ASP C 103 -4.31 -24.18 -8.84
N THR C 104 -5.54 -24.51 -9.21
CA THR C 104 -5.89 -25.86 -9.64
C THR C 104 -5.11 -26.32 -10.80
N ALA C 105 -4.87 -25.43 -11.75
CA ALA C 105 -4.02 -25.79 -12.88
C ALA C 105 -2.62 -26.23 -12.43
N ILE C 106 -2.04 -25.46 -11.50
CA ILE C 106 -0.71 -25.77 -11.04
C ILE C 106 -0.70 -27.11 -10.27
N GLY C 107 -1.67 -27.27 -9.37
CA GLY C 107 -1.79 -28.51 -8.65
C GLY C 107 -1.97 -29.75 -9.53
N LEU C 108 -2.75 -29.62 -10.59
CA LEU C 108 -2.90 -30.71 -11.55
C LEU C 108 -1.61 -31.02 -12.29
N LEU C 109 -0.90 -29.97 -12.68
CA LEU C 109 0.41 -30.12 -13.32
C LEU C 109 1.41 -30.83 -12.44
N LEU C 110 1.54 -30.38 -11.20
CA LEU C 110 2.46 -31.03 -10.23
C LEU C 110 2.06 -32.49 -9.92
N ASN C 111 0.75 -32.74 -9.82
CA ASN C 111 0.27 -34.09 -9.61
C ASN C 111 0.56 -35.03 -10.80
N THR C 112 0.44 -34.49 -12.00
CA THR C 112 0.71 -35.24 -13.24
C THR C 112 2.21 -35.56 -13.38
N LEU C 113 3.02 -34.58 -13.09
CA LEU C 113 4.47 -34.74 -13.21
C LEU C 113 5.05 -35.63 -12.11
N ARG C 114 4.64 -35.39 -10.86
CA ARG C 114 5.25 -36.04 -9.73
C ARG C 114 4.43 -37.15 -9.13
N LEU C 115 3.24 -37.40 -9.68
CA LEU C 115 2.44 -38.58 -9.31
C LEU C 115 2.04 -38.57 -7.86
N LEU C 116 1.82 -37.37 -7.32
CA LEU C 116 1.59 -37.23 -5.90
C LEU C 116 0.34 -38.01 -5.42
N PRO C 117 -0.73 -38.03 -6.24
CA PRO C 117 -1.92 -38.82 -5.79
C PRO C 117 -1.73 -40.32 -5.73
N GLN C 118 -1.03 -40.85 -6.72
CA GLN C 118 -0.56 -42.25 -6.69
C GLN C 118 0.36 -42.55 -5.50
N ALA C 119 1.26 -41.63 -5.17
CA ALA C 119 2.13 -41.82 -4.01
C ALA C 119 1.34 -41.86 -2.73
N GLU C 120 0.35 -41.00 -2.62
CA GLU C 120 -0.51 -41.06 -1.46
C GLU C 120 -1.29 -42.37 -1.36
N GLN C 121 -1.82 -42.86 -2.47
CA GLN C 121 -2.48 -44.19 -2.51
C GLN C 121 -1.56 -45.33 -2.10
N TRP C 122 -0.32 -45.28 -2.56
CA TRP C 122 0.70 -46.24 -2.18
C TRP C 122 0.83 -46.31 -0.67
N LEU C 123 0.97 -45.14 -0.06
CA LEU C 123 1.08 -45.06 1.39
C LEU C 123 -0.17 -45.58 2.06
N ARG C 124 -1.31 -45.11 1.63
CA ARG C 124 -2.59 -45.48 2.21
C ARG C 124 -2.96 -46.95 2.10
N GLN C 125 -2.47 -47.59 1.08
CA GLN C 125 -2.73 -48.97 0.87
C GLN C 125 -1.77 -49.83 1.65
N GLY C 126 -0.89 -49.23 2.43
CA GLY C 126 0.05 -49.96 3.22
C GLY C 126 1.30 -50.42 2.51
N ARG C 127 1.47 -50.01 1.27
CA ARG C 127 2.63 -50.35 0.48
C ARG C 127 3.99 -49.85 0.91
N TRP C 128 4.06 -48.72 1.59
CA TRP C 128 5.34 -48.16 1.98
C TRP C 128 6.06 -49.05 2.94
N VAL C 129 5.31 -49.57 3.88
CA VAL C 129 5.88 -50.47 4.89
C VAL C 129 6.48 -51.75 4.29
N ARG C 130 5.74 -52.43 3.43
CA ARG C 130 6.30 -53.67 2.88
C ARG C 130 6.96 -53.72 1.54
N GLU C 131 6.56 -52.87 0.61
CA GLU C 131 7.26 -52.88 -0.68
C GLU C 131 8.29 -51.77 -0.78
N GLY C 132 8.33 -50.89 0.23
CA GLY C 132 9.34 -49.83 0.26
C GLY C 132 8.85 -48.57 -0.43
N ALA C 133 9.81 -47.82 -0.93
CA ALA C 133 9.57 -46.50 -1.45
C ALA C 133 8.71 -46.55 -2.68
N PHE C 134 7.86 -45.55 -2.80
CA PHE C 134 7.10 -45.37 -4.00
C PHE C 134 8.12 -45.22 -5.13
N PRO C 135 7.88 -45.79 -6.30
CA PRO C 135 8.83 -45.54 -7.39
C PRO C 135 9.07 -44.07 -7.72
N LEU C 136 10.28 -43.78 -8.17
CA LEU C 136 10.66 -42.40 -8.46
C LEU C 136 9.87 -41.96 -9.67
N SER C 137 9.42 -40.71 -9.68
CA SER C 137 8.57 -40.25 -10.78
C SER C 137 9.49 -40.05 -11.96
N PRO C 138 9.17 -40.63 -13.12
CA PRO C 138 10.02 -40.43 -14.27
C PRO C 138 10.09 -38.97 -14.71
N LEU C 139 9.06 -38.18 -14.39
CA LEU C 139 9.03 -36.80 -14.80
C LEU C 139 9.22 -35.86 -13.62
N SER C 140 9.45 -34.60 -13.99
CA SER C 140 9.66 -33.49 -13.09
C SER C 140 9.29 -32.19 -13.82
N LEU C 141 8.97 -31.17 -13.04
CA LEU C 141 8.85 -29.84 -13.59
C LEU C 141 10.23 -29.21 -13.93
N ARG C 142 11.31 -29.71 -13.32
CA ARG C 142 12.63 -29.11 -13.47
C ARG C 142 13.07 -29.14 -14.92
N GLY C 143 13.47 -27.99 -15.44
CA GLY C 143 14.01 -27.88 -16.79
C GLY C 143 12.97 -27.80 -17.89
N ARG C 144 11.69 -27.80 -17.53
CA ARG C 144 10.62 -27.83 -18.53
C ARG C 144 10.35 -26.49 -19.18
N THR C 145 9.70 -26.53 -20.33
CA THR C 145 9.29 -25.33 -21.07
C THR C 145 7.78 -25.48 -21.25
N VAL C 146 7.05 -24.48 -20.80
CA VAL C 146 5.59 -24.52 -20.81
C VAL C 146 4.99 -23.60 -21.86
N GLY C 147 4.04 -24.13 -22.64
CA GLY C 147 3.34 -23.40 -23.69
C GLY C 147 1.91 -23.27 -23.25
N LEU C 148 1.41 -22.03 -23.18
CA LEU C 148 0.01 -21.78 -22.80
C LEU C 148 -0.80 -21.59 -24.04
N PHE C 149 -1.81 -22.43 -24.18
CA PHE C 149 -2.72 -22.31 -25.30
C PHE C 149 -3.89 -21.53 -24.76
N GLY C 150 -3.94 -20.25 -25.13
CA GLY C 150 -4.83 -19.28 -24.49
C GLY C 150 -4.07 -18.54 -23.39
N LEU C 151 -4.38 -17.25 -23.22
CA LEU C 151 -3.62 -16.39 -22.31
C LEU C 151 -4.39 -15.20 -21.83
N GLY C 152 -5.61 -15.43 -21.40
CA GLY C 152 -6.47 -14.37 -20.95
C GLY C 152 -6.22 -14.12 -19.48
N ARG C 153 -7.27 -13.90 -18.72
CA ARG C 153 -7.11 -13.60 -17.30
C ARG C 153 -6.48 -14.81 -16.58
N ILE C 154 -6.99 -16.01 -16.88
CA ILE C 154 -6.57 -17.24 -16.25
C ILE C 154 -5.19 -17.69 -16.75
N GLY C 155 -5.01 -17.73 -18.07
CA GLY C 155 -3.72 -18.02 -18.68
C GLY C 155 -2.62 -17.14 -18.13
N LEU C 156 -2.89 -15.86 -18.05
CA LEU C 156 -1.91 -14.96 -17.46
C LEU C 156 -1.62 -15.26 -15.98
N ALA C 157 -2.66 -15.55 -15.21
CA ALA C 157 -2.45 -15.95 -13.80
C ALA C 157 -1.62 -17.23 -13.65
N ILE C 158 -1.77 -18.17 -14.59
CA ILE C 158 -0.98 -19.44 -14.58
C ILE C 158 0.49 -19.17 -14.89
N ALA C 159 0.74 -18.30 -15.88
CA ALA C 159 2.05 -17.89 -16.27
C ALA C 159 2.81 -17.21 -15.12
N ARG C 160 2.14 -16.37 -14.38
CA ARG C 160 2.71 -15.69 -13.23
C ARG C 160 3.19 -16.70 -12.20
N ARG C 161 2.40 -17.74 -11.96
CA ARG C 161 2.79 -18.79 -11.01
C ARG C 161 3.99 -19.57 -11.55
N LEU C 162 3.92 -19.97 -12.81
CA LEU C 162 5.01 -20.67 -13.49
C LEU C 162 6.35 -19.94 -13.51
N GLU C 163 6.36 -18.61 -13.69
CA GLU C 163 7.64 -17.82 -13.62
C GLU C 163 8.39 -18.06 -12.31
N ALA C 164 7.64 -18.13 -11.22
CA ALA C 164 8.24 -18.35 -9.91
C ALA C 164 8.77 -19.81 -9.71
N PHE C 165 8.38 -20.74 -10.58
CA PHE C 165 8.93 -22.12 -10.57
C PHE C 165 10.16 -22.29 -11.50
N GLY C 166 10.63 -21.21 -12.11
CA GLY C 166 11.89 -21.25 -12.89
C GLY C 166 11.81 -21.98 -14.22
N VAL C 167 10.65 -21.98 -14.84
CA VAL C 167 10.48 -22.61 -16.15
C VAL C 167 10.30 -21.56 -17.24
N SER C 168 10.73 -21.90 -18.44
CA SER C 168 10.50 -21.02 -19.60
C SER C 168 9.02 -21.08 -20.00
N ILE C 169 8.48 -19.92 -20.35
CA ILE C 169 7.08 -19.77 -20.70
C ILE C 169 6.93 -19.25 -22.13
N ALA C 170 6.04 -19.89 -22.87
CA ALA C 170 5.60 -19.47 -24.18
C ALA C 170 4.07 -19.46 -24.23
N TYR C 171 3.50 -18.80 -25.26
CA TYR C 171 2.05 -18.80 -25.46
C TYR C 171 1.57 -18.74 -26.91
N HIS C 172 0.35 -19.24 -27.12
CA HIS C 172 -0.34 -19.13 -28.40
C HIS C 172 -1.75 -18.60 -28.23
N THR C 173 -2.03 -17.52 -28.97
CA THR C 173 -3.35 -16.87 -29.08
C THR C 173 -3.50 -16.43 -30.53
N ARG C 174 -4.73 -16.07 -30.93
CA ARG C 174 -4.98 -15.66 -32.33
C ARG C 174 -4.23 -14.39 -32.65
N THR C 175 -4.32 -13.42 -31.75
CA THR C 175 -3.51 -12.21 -31.85
C THR C 175 -2.64 -12.08 -30.60
N PRO C 176 -1.38 -11.64 -30.80
CA PRO C 176 -0.42 -11.46 -29.69
C PRO C 176 -0.82 -10.40 -28.66
N ARG C 177 -0.08 -10.39 -27.56
CA ARG C 177 -0.25 -9.43 -26.49
C ARG C 177 1.03 -8.60 -26.35
N GLU C 178 0.91 -7.28 -26.48
CA GLU C 178 2.07 -6.38 -26.32
C GLU C 178 2.42 -6.21 -24.83
N GLY C 179 3.70 -5.97 -24.58
CA GLY C 179 4.20 -5.70 -23.22
C GLY C 179 4.39 -6.92 -22.33
N LEU C 180 4.51 -8.09 -22.93
CA LEU C 180 4.76 -9.33 -22.18
C LEU C 180 6.06 -9.99 -22.64
N GLY C 181 6.86 -10.42 -21.65
CA GLY C 181 8.14 -11.05 -21.92
C GLY C 181 8.08 -12.50 -22.38
N PHE C 182 6.88 -13.07 -22.53
CA PHE C 182 6.77 -14.49 -22.91
C PHE C 182 6.84 -14.59 -24.42
N THR C 183 7.43 -15.66 -24.91
CA THR C 183 7.54 -15.89 -26.34
C THR C 183 6.18 -16.18 -26.95
N TYR C 184 5.77 -15.35 -27.90
CA TYR C 184 4.56 -15.59 -28.68
C TYR C 184 4.85 -16.56 -29.83
N HIS C 185 3.91 -17.48 -30.06
CA HIS C 185 3.94 -18.38 -31.22
C HIS C 185 2.66 -18.16 -32.02
N PRO C 186 2.80 -17.88 -33.34
CA PRO C 186 1.61 -17.65 -34.19
C PRO C 186 0.80 -18.91 -34.47
N THR C 187 1.39 -20.09 -34.29
CA THR C 187 0.68 -21.36 -34.44
C THR C 187 0.73 -22.23 -33.19
N LEU C 188 -0.32 -23.02 -33.00
CA LEU C 188 -0.38 -24.03 -31.96
C LEU C 188 0.67 -25.12 -32.19
N VAL C 189 0.74 -25.65 -33.41
CA VAL C 189 1.72 -26.71 -33.75
C VAL C 189 3.16 -26.20 -33.54
N GLY C 190 3.42 -24.96 -33.92
CA GLY C 190 4.73 -24.35 -33.76
C GLY C 190 5.14 -24.22 -32.30
N MET C 191 4.21 -23.79 -31.46
CA MET C 191 4.45 -23.74 -30.02
C MET C 191 4.73 -25.13 -29.45
N ALA C 192 3.98 -26.11 -29.88
CA ALA C 192 4.17 -27.45 -29.41
C ALA C 192 5.52 -28.00 -29.73
N GLU C 193 6.07 -27.68 -30.89
CA GLU C 193 7.40 -28.18 -31.23
C GLU C 193 8.42 -27.63 -30.28
N ALA C 194 8.29 -26.36 -29.99
CA ALA C 194 9.17 -25.65 -29.09
C ALA C 194 9.11 -26.03 -27.63
N VAL C 195 7.94 -26.43 -27.16
CA VAL C 195 7.76 -26.73 -25.71
C VAL C 195 7.65 -28.24 -25.45
N ASP C 196 7.70 -28.63 -24.16
CA ASP C 196 7.46 -30.01 -23.73
C ASP C 196 6.25 -30.18 -22.76
N THR C 197 5.56 -29.08 -22.48
CA THR C 197 4.46 -29.05 -21.54
C THR C 197 3.45 -28.06 -22.13
N LEU C 198 2.22 -28.51 -22.35
CA LEU C 198 1.20 -27.74 -23.01
C LEU C 198 -0.03 -27.63 -22.10
N ILE C 199 -0.37 -26.40 -21.72
CA ILE C 199 -1.50 -26.13 -20.83
C ILE C 199 -2.61 -25.47 -21.65
N VAL C 200 -3.75 -26.15 -21.71
CA VAL C 200 -4.89 -25.69 -22.52
C VAL C 200 -5.82 -24.91 -21.63
N ILE C 201 -6.04 -23.64 -21.98
CA ILE C 201 -6.87 -22.73 -21.17
C ILE C 201 -7.61 -21.74 -22.09
N VAL C 202 -8.39 -22.30 -23.02
CA VAL C 202 -9.15 -21.51 -23.99
C VAL C 202 -10.63 -21.78 -23.80
N PRO C 203 -11.49 -20.87 -24.25
CA PRO C 203 -12.94 -21.18 -24.29
C PRO C 203 -13.33 -22.34 -25.22
N GLY C 204 -14.45 -22.99 -24.88
CA GLY C 204 -15.07 -24.05 -25.71
C GLY C 204 -15.86 -23.46 -26.87
N THR C 205 -15.14 -22.98 -27.89
CA THR C 205 -15.74 -22.43 -29.10
C THR C 205 -15.52 -23.36 -30.30
N ALA C 206 -16.21 -23.04 -31.39
CA ALA C 206 -16.03 -23.72 -32.68
C ALA C 206 -14.58 -23.61 -33.19
N SER C 207 -13.97 -22.46 -32.94
CA SER C 207 -12.59 -22.19 -33.39
C SER C 207 -11.55 -23.12 -32.74
N THR C 208 -11.79 -23.51 -31.49
CA THR C 208 -10.84 -24.36 -30.74
C THR C 208 -11.22 -25.85 -30.75
N LEU C 209 -12.33 -26.21 -31.42
CA LEU C 209 -12.79 -27.62 -31.49
C LEU C 209 -11.71 -28.56 -32.06
N LYS C 210 -11.37 -29.56 -31.26
CA LYS C 210 -10.32 -30.55 -31.57
C LYS C 210 -8.99 -29.95 -32.04
N ALA C 211 -8.68 -28.75 -31.55
CA ALA C 211 -7.46 -28.06 -31.92
C ALA C 211 -6.22 -28.84 -31.44
N VAL C 212 -6.29 -29.41 -30.24
CA VAL C 212 -5.25 -30.32 -29.77
C VAL C 212 -5.50 -31.71 -30.36
N ASN C 213 -4.82 -31.97 -31.46
CA ASN C 213 -5.04 -33.17 -32.28
C ASN C 213 -3.77 -33.96 -32.42
N ALA C 214 -3.84 -35.03 -33.20
CA ALA C 214 -2.70 -35.95 -33.40
C ALA C 214 -1.38 -35.24 -33.72
N ASP C 215 -1.43 -34.28 -34.64
CA ASP C 215 -0.27 -33.48 -35.04
C ASP C 215 0.32 -32.62 -33.93
N VAL C 216 -0.54 -31.96 -33.18
CA VAL C 216 -0.12 -31.11 -32.06
C VAL C 216 0.58 -31.98 -31.00
N LEU C 217 -0.04 -33.11 -30.66
CA LEU C 217 0.55 -34.06 -29.68
C LEU C 217 1.87 -34.61 -30.18
N SER C 218 1.91 -34.94 -31.46
CA SER C 218 3.14 -35.49 -32.04
C SER C 218 4.31 -34.48 -31.95
N ALA C 219 4.01 -33.21 -32.20
CA ALA C 219 4.98 -32.11 -32.08
C ALA C 219 5.43 -31.85 -30.64
N LEU C 220 4.50 -32.03 -29.70
CA LEU C 220 4.81 -31.91 -28.29
C LEU C 220 6.00 -32.79 -27.90
N GLY C 221 6.01 -34.04 -28.35
CA GLY C 221 7.22 -34.90 -28.24
C GLY C 221 7.12 -35.96 -27.16
N PRO C 222 8.14 -36.85 -27.06
CA PRO C 222 8.07 -38.00 -26.13
C PRO C 222 8.27 -37.69 -24.63
N LYS C 223 8.65 -36.45 -24.30
CA LYS C 223 8.64 -35.96 -22.93
C LYS C 223 7.43 -35.05 -22.69
N GLY C 224 6.51 -35.05 -23.66
CA GLY C 224 5.39 -34.14 -23.66
C GLY C 224 4.37 -34.41 -22.57
N VAL C 225 3.91 -33.33 -21.95
CA VAL C 225 2.83 -33.39 -20.96
C VAL C 225 1.73 -32.43 -21.35
N LEU C 226 0.51 -32.96 -21.44
CA LEU C 226 -0.65 -32.16 -21.73
C LEU C 226 -1.49 -31.93 -20.48
N ILE C 227 -1.82 -30.69 -20.19
CA ILE C 227 -2.72 -30.30 -19.11
C ILE C 227 -3.94 -29.56 -19.72
N ASN C 228 -5.15 -30.04 -19.45
CA ASN C 228 -6.36 -29.36 -19.93
C ASN C 228 -7.24 -28.91 -18.83
N VAL C 229 -7.33 -27.60 -18.69
CA VAL C 229 -8.21 -26.95 -17.72
C VAL C 229 -9.16 -25.98 -18.41
N GLY C 230 -9.35 -26.19 -19.70
CA GLY C 230 -10.18 -25.31 -20.51
C GLY C 230 -11.52 -26.00 -20.71
N ARG C 231 -11.70 -26.61 -21.87
CA ARG C 231 -12.89 -27.38 -22.17
C ARG C 231 -12.47 -28.66 -22.85
N GLY C 232 -13.19 -29.73 -22.55
CA GLY C 232 -12.87 -31.05 -23.09
C GLY C 232 -12.90 -31.13 -24.60
N SER C 233 -13.83 -30.36 -25.20
CA SER C 233 -14.03 -30.38 -26.65
C SER C 233 -12.80 -29.94 -27.45
N THR C 234 -11.95 -29.13 -26.83
CA THR C 234 -10.72 -28.62 -27.43
C THR C 234 -9.65 -29.71 -27.71
N VAL C 235 -9.68 -30.79 -26.93
CA VAL C 235 -8.78 -31.94 -27.13
C VAL C 235 -9.48 -33.07 -27.87
N ASP C 236 -8.81 -33.58 -28.90
CA ASP C 236 -9.29 -34.75 -29.62
C ASP C 236 -8.97 -35.89 -28.71
N GLU C 237 -9.99 -36.32 -27.96
CA GLU C 237 -9.87 -37.33 -26.90
C GLU C 237 -9.37 -38.68 -27.44
N ALA C 238 -9.75 -39.03 -28.66
CA ALA C 238 -9.33 -40.29 -29.29
C ALA C 238 -7.84 -40.27 -29.63
N ALA C 239 -7.38 -39.17 -30.21
CA ALA C 239 -5.97 -39.00 -30.55
C ALA C 239 -5.06 -38.95 -29.33
N LEU C 240 -5.58 -38.38 -28.23
CA LEU C 240 -4.87 -38.33 -26.96
C LEU C 240 -4.63 -39.73 -26.41
N VAL C 241 -5.67 -40.55 -26.40
CA VAL C 241 -5.60 -41.96 -25.96
C VAL C 241 -4.54 -42.75 -26.73
N THR C 242 -4.57 -42.61 -28.05
CA THR C 242 -3.59 -43.25 -28.93
C THR C 242 -2.18 -42.75 -28.63
N ALA C 243 -2.03 -41.45 -28.42
CA ALA C 243 -0.72 -40.85 -28.19
C ALA C 243 -0.12 -41.37 -26.87
N LEU C 244 -0.95 -41.50 -25.84
CA LEU C 244 -0.52 -42.06 -24.56
C LEU C 244 -0.15 -43.53 -24.72
N GLN C 245 -1.00 -44.31 -25.39
CA GLN C 245 -0.71 -45.73 -25.69
C GLN C 245 0.63 -45.94 -26.35
N ASN C 246 0.92 -45.14 -27.38
CA ASN C 246 2.14 -45.29 -28.17
C ASN C 246 3.38 -44.71 -27.53
N GLY C 247 3.25 -43.98 -26.42
CA GLY C 247 4.36 -43.27 -25.82
C GLY C 247 4.76 -42.06 -26.66
N THR C 248 3.84 -41.57 -27.47
CA THR C 248 4.05 -40.40 -28.31
C THR C 248 4.23 -39.18 -27.40
N ILE C 249 3.52 -39.16 -26.28
CA ILE C 249 3.75 -38.22 -25.21
C ILE C 249 3.92 -38.98 -23.89
N ALA C 250 4.44 -38.27 -22.90
CA ALA C 250 4.83 -38.86 -21.62
C ALA C 250 3.75 -38.85 -20.54
N GLY C 251 2.79 -37.95 -20.64
CA GLY C 251 1.73 -37.90 -19.61
C GLY C 251 0.69 -36.84 -19.87
N ALA C 252 -0.36 -36.84 -19.06
CA ALA C 252 -1.40 -35.89 -19.21
C ALA C 252 -2.16 -35.70 -17.92
N GLY C 253 -2.70 -34.49 -17.78
CA GLY C 253 -3.56 -34.17 -16.62
C GLY C 253 -4.79 -33.43 -17.11
N LEU C 254 -5.95 -33.93 -16.75
CA LEU C 254 -7.22 -33.44 -17.34
C LEU C 254 -8.25 -33.16 -16.26
N ASP C 255 -8.73 -31.91 -16.26
CA ASP C 255 -9.85 -31.46 -15.41
C ASP C 255 -11.19 -31.47 -16.16
N VAL C 256 -11.17 -31.65 -17.48
CA VAL C 256 -12.36 -31.51 -18.36
C VAL C 256 -12.32 -32.56 -19.46
N PHE C 257 -13.51 -32.95 -19.95
CA PHE C 257 -13.69 -34.09 -20.85
C PHE C 257 -14.78 -33.78 -21.91
N GLU C 258 -14.72 -34.46 -23.05
CA GLU C 258 -15.66 -34.23 -24.16
C GLU C 258 -17.13 -34.36 -23.75
N ASN C 259 -17.42 -35.39 -22.99
CA ASN C 259 -18.77 -35.67 -22.56
C ASN C 259 -18.84 -36.00 -21.06
N GLU C 260 -18.64 -34.96 -20.26
CA GLU C 260 -18.71 -35.06 -18.82
C GLU C 260 -20.11 -35.45 -18.41
N PRO C 261 -20.28 -36.29 -17.38
CA PRO C 261 -19.23 -36.76 -16.47
C PRO C 261 -18.59 -38.07 -16.87
N ASN C 262 -18.71 -38.45 -18.14
CA ASN C 262 -18.16 -39.72 -18.61
C ASN C 262 -16.72 -39.51 -19.02
N VAL C 263 -15.88 -40.44 -18.59
CA VAL C 263 -14.47 -40.43 -18.89
C VAL C 263 -14.19 -41.79 -19.52
N PRO C 264 -13.55 -41.80 -20.71
CA PRO C 264 -13.35 -43.05 -21.43
C PRO C 264 -12.51 -44.01 -20.63
N GLU C 265 -12.94 -45.26 -20.56
CA GLU C 265 -12.21 -46.29 -19.80
C GLU C 265 -10.71 -46.35 -20.08
N ALA C 266 -10.29 -46.09 -21.32
CA ALA C 266 -8.87 -46.16 -21.67
C ALA C 266 -7.99 -45.15 -20.89
N LEU C 267 -8.50 -43.93 -20.70
CA LEU C 267 -7.82 -42.91 -19.87
C LEU C 267 -7.64 -43.33 -18.41
N LEU C 268 -8.56 -44.14 -17.89
CA LEU C 268 -8.50 -44.59 -16.49
C LEU C 268 -7.44 -45.65 -16.24
N SER C 269 -6.93 -46.29 -17.30
CA SER C 269 -5.94 -47.37 -17.17
C SER C 269 -4.46 -46.89 -17.10
N PHE C 270 -4.18 -45.70 -17.61
CA PHE C 270 -2.81 -45.21 -17.71
C PHE C 270 -2.23 -44.84 -16.33
N PRO C 271 -1.00 -45.31 -15.99
CA PRO C 271 -0.34 -44.86 -14.76
C PRO C 271 0.27 -43.47 -14.81
N ASN C 272 0.34 -42.84 -15.99
CA ASN C 272 0.95 -41.50 -16.17
C ASN C 272 -0.05 -40.37 -16.45
N VAL C 273 -1.27 -40.56 -15.93
CA VAL C 273 -2.35 -39.64 -16.18
C VAL C 273 -3.03 -39.28 -14.85
N SER C 274 -3.27 -38.00 -14.65
CA SER C 274 -4.07 -37.53 -13.50
C SER C 274 -5.43 -36.98 -14.02
N LEU C 275 -6.50 -37.36 -13.36
CA LEU C 275 -7.88 -37.04 -13.78
C LEU C 275 -8.62 -36.40 -12.65
N LEU C 276 -9.30 -35.29 -12.95
CA LEU C 276 -10.11 -34.56 -11.96
C LEU C 276 -11.52 -34.31 -12.49
N PRO C 277 -12.54 -34.39 -11.62
CA PRO C 277 -13.89 -34.14 -12.14
C PRO C 277 -14.30 -32.64 -12.20
N HIS C 278 -13.70 -31.91 -13.11
CA HIS C 278 -13.98 -30.50 -13.31
C HIS C 278 -14.03 -29.68 -12.02
N VAL C 279 -12.91 -29.72 -11.26
CA VAL C 279 -12.87 -29.06 -9.92
C VAL C 279 -12.11 -27.72 -9.94
N ALA C 280 -11.78 -27.19 -11.10
CA ALA C 280 -10.95 -25.96 -11.15
C ALA C 280 -11.38 -24.78 -10.26
N SER C 281 -12.68 -24.51 -10.13
CA SER C 281 -13.15 -23.43 -9.24
C SER C 281 -13.84 -23.91 -7.94
N ALA C 282 -13.80 -25.21 -7.70
CA ALA C 282 -14.69 -25.87 -6.75
C ALA C 282 -14.27 -25.83 -5.25
N SER C 283 -14.07 -24.62 -4.72
CA SER C 283 -13.89 -24.41 -3.31
C SER C 283 -15.12 -23.65 -2.84
N VAL C 284 -15.46 -23.80 -1.55
CA VAL C 284 -16.56 -23.00 -0.95
C VAL C 284 -16.37 -21.49 -1.21
N VAL C 285 -15.19 -20.93 -0.92
CA VAL C 285 -15.03 -19.45 -1.00
C VAL C 285 -15.22 -18.94 -2.42
N THR C 286 -14.67 -19.65 -3.40
CA THR C 286 -14.74 -19.22 -4.78
C THR C 286 -16.12 -19.44 -5.39
N ARG C 287 -16.77 -20.55 -5.04
CA ARG C 287 -18.15 -20.77 -5.48
C ARG C 287 -19.15 -19.78 -4.82
N ASN C 288 -18.94 -19.43 -3.57
CA ASN C 288 -19.69 -18.34 -2.94
C ASN C 288 -19.53 -17.00 -3.70
N ALA C 289 -18.32 -16.66 -4.12
CA ALA C 289 -18.08 -15.43 -4.89
C ALA C 289 -18.75 -15.48 -6.24
N MET C 290 -18.70 -16.65 -6.86
CA MET C 290 -19.43 -16.89 -8.12
C MET C 290 -20.94 -16.76 -7.97
N SER C 291 -21.48 -17.39 -6.93
CA SER C 291 -22.90 -17.26 -6.60
C SER C 291 -23.32 -15.81 -6.43
N ASP C 292 -22.55 -15.05 -5.66
CA ASP C 292 -22.81 -13.63 -5.47
C ASP C 292 -22.85 -12.83 -6.79
N LEU C 293 -21.94 -13.14 -7.69
CA LEU C 293 -21.84 -12.43 -8.95
C LEU C 293 -23.00 -12.74 -9.90
N VAL C 294 -23.46 -13.97 -9.89
CA VAL C 294 -24.70 -14.31 -10.63
C VAL C 294 -25.87 -13.44 -10.14
N VAL C 295 -26.10 -13.45 -8.83
CA VAL C 295 -27.16 -12.67 -8.25
C VAL C 295 -26.99 -11.16 -8.42
N ASP C 296 -25.81 -10.66 -8.13
CA ASP C 296 -25.54 -9.22 -8.28
C ASP C 296 -25.69 -8.73 -9.72
N ASN C 297 -25.39 -9.59 -10.69
CA ASN C 297 -25.67 -9.27 -12.08
C ASN C 297 -27.18 -9.09 -12.31
N LEU C 298 -27.96 -10.03 -11.80
CA LEU C 298 -29.44 -9.93 -11.93
C LEU C 298 -29.99 -8.66 -11.24
N LYS C 299 -29.50 -8.41 -10.03
CA LYS C 299 -29.86 -7.19 -9.30
C LYS C 299 -29.47 -5.88 -10.03
N ALA C 300 -28.25 -5.81 -10.54
CA ALA C 300 -27.85 -4.65 -11.34
C ALA C 300 -28.69 -4.46 -12.65
N TRP C 301 -28.99 -5.55 -13.32
CA TRP C 301 -29.83 -5.47 -14.53
C TRP C 301 -31.19 -4.88 -14.23
N PHE C 302 -31.92 -5.51 -13.32
CA PHE C 302 -33.28 -5.09 -13.06
C PHE C 302 -33.35 -3.75 -12.35
N SER C 303 -32.30 -3.33 -11.65
CA SER C 303 -32.35 -2.05 -10.92
C SER C 303 -31.74 -0.85 -11.65
N THR C 304 -30.67 -1.06 -12.43
CA THR C 304 -30.02 0.01 -13.20
C THR C 304 -30.13 -0.17 -14.72
N GLY C 305 -30.55 -1.33 -15.18
CA GLY C 305 -30.55 -1.63 -16.62
C GLY C 305 -29.20 -1.98 -17.26
N GLU C 306 -28.16 -2.06 -16.44
CA GLU C 306 -26.83 -2.43 -16.87
C GLU C 306 -26.34 -3.63 -16.04
N ALA C 307 -26.07 -4.75 -16.69
CA ALA C 307 -25.39 -5.90 -16.05
C ALA C 307 -23.93 -5.59 -15.65
N LEU C 308 -23.38 -6.39 -14.74
CA LEU C 308 -21.99 -6.20 -14.27
C LEU C 308 -21.00 -6.86 -15.23
N THR C 309 -21.28 -8.10 -15.66
CA THR C 309 -20.36 -8.88 -16.49
C THR C 309 -21.09 -9.56 -17.61
N PRO C 310 -21.74 -8.77 -18.48
CA PRO C 310 -22.30 -9.31 -19.69
C PRO C 310 -21.23 -9.94 -20.53
N VAL C 311 -21.58 -10.94 -21.31
CA VAL C 311 -20.61 -11.56 -22.19
C VAL C 311 -20.44 -10.68 -23.46
N ALA C 312 -19.35 -10.91 -24.20
CA ALA C 312 -18.97 -10.04 -25.34
C ALA C 312 -20.04 -10.03 -26.44
N GLU C 313 -20.68 -11.16 -26.68
CA GLU C 313 -21.73 -11.30 -27.67
C GLU C 313 -23.00 -10.51 -27.33
N THR C 314 -23.20 -10.10 -26.07
CA THR C 314 -24.41 -9.40 -25.66
C THR C 314 -24.09 -8.14 -24.86
N PRO C 315 -23.55 -7.08 -25.49
CA PRO C 315 -23.38 -5.84 -24.69
C PRO C 315 -24.66 -4.94 -24.62
N PHE C 316 -25.67 -5.46 -23.96
CA PHE C 316 -27.03 -4.93 -24.03
C PHE C 316 -27.30 -4.06 -22.82
N ARG C 317 -28.28 -3.17 -23.00
CA ARG C 317 -28.83 -2.40 -21.91
C ARG C 317 -30.30 -2.73 -21.88
N ARG C 318 -30.87 -2.73 -20.67
CA ARG C 318 -32.26 -3.07 -20.49
C ARG C 318 -33.23 -2.03 -21.10
N ARG C 319 -34.21 -2.54 -21.86
CA ARG C 319 -35.35 -1.80 -22.27
C ARG C 319 -36.62 -2.31 -21.57
N ALA C 320 -37.28 -1.40 -20.88
CA ALA C 320 -38.50 -1.61 -20.12
C ALA C 320 -39.46 -0.50 -20.46
N ILE C 321 -40.75 -0.83 -20.48
CA ILE C 321 -41.81 0.19 -20.68
C ILE C 321 -41.98 1.17 -19.50
N ARG D 4 36.20 52.58 -12.30
CA ARG D 4 34.95 52.00 -11.74
C ARG D 4 33.91 51.88 -12.83
N PRO D 5 33.46 50.65 -13.11
CA PRO D 5 32.33 50.52 -14.03
C PRO D 5 31.10 51.21 -13.50
N ARG D 6 30.29 51.68 -14.42
CA ARG D 6 29.11 52.40 -14.10
C ARG D 6 27.92 51.48 -14.29
N ILE D 7 27.10 51.41 -13.22
CA ILE D 7 25.96 50.51 -13.17
C ILE D 7 24.69 51.35 -13.11
N LEU D 8 23.78 51.13 -14.05
CA LEU D 8 22.49 51.76 -14.03
C LEU D 8 21.49 50.95 -13.19
N VAL D 9 20.74 51.68 -12.37
CA VAL D 9 19.62 51.16 -11.62
C VAL D 9 18.39 51.97 -11.99
N PRO D 10 17.47 51.37 -12.75
CA PRO D 10 16.27 52.05 -13.17
C PRO D 10 15.09 51.72 -12.26
N GLY D 11 14.38 52.75 -11.82
CA GLY D 11 13.20 52.57 -10.96
C GLY D 11 13.59 52.12 -9.55
N LYS D 12 12.65 51.50 -8.87
CA LYS D 12 12.82 51.11 -7.48
C LYS D 12 13.60 49.86 -7.35
N ILE D 13 14.49 49.83 -6.36
CA ILE D 13 15.16 48.62 -5.95
C ILE D 13 15.44 48.67 -4.47
N ASN D 14 15.63 47.51 -3.84
CA ASN D 14 15.99 47.39 -2.46
C ASN D 14 17.24 48.23 -2.12
N PRO D 15 17.15 49.14 -1.13
CA PRO D 15 18.29 50.00 -0.80
C PRO D 15 19.62 49.25 -0.54
N ARG D 16 19.54 48.02 -0.04
CA ARG D 16 20.72 47.22 0.18
C ARG D 16 21.60 47.03 -1.09
N VAL D 17 20.95 46.94 -2.24
CA VAL D 17 21.68 47.01 -3.54
C VAL D 17 22.43 48.31 -3.74
N LEU D 18 21.75 49.43 -3.49
CA LEU D 18 22.32 50.74 -3.65
C LEU D 18 23.47 50.99 -2.69
N GLU D 19 23.31 50.51 -1.47
CA GLU D 19 24.31 50.60 -0.42
C GLU D 19 25.59 49.88 -0.75
N ARG D 20 25.48 48.75 -1.42
CA ARG D 20 26.62 47.89 -1.71
C ARG D 20 27.33 48.10 -3.03
N LEU D 21 26.64 48.68 -4.00
CA LEU D 21 27.25 49.02 -5.27
C LEU D 21 28.52 49.84 -5.19
N PRO D 22 28.61 50.81 -4.26
CA PRO D 22 29.85 51.58 -4.09
C PRO D 22 31.09 50.81 -3.64
N GLU D 23 30.96 49.56 -3.25
CA GLU D 23 32.16 48.74 -2.98
C GLU D 23 33.09 48.66 -4.19
N MET D 24 32.50 48.69 -5.40
CA MET D 24 33.28 48.59 -6.63
C MET D 24 32.81 49.49 -7.78
N PHE D 25 31.61 50.07 -7.70
CA PHE D 25 31.00 50.73 -8.84
C PHE D 25 30.55 52.15 -8.61
N GLU D 26 30.29 52.81 -9.72
CA GLU D 26 29.62 54.11 -9.77
C GLU D 26 28.18 53.83 -10.18
N THR D 27 27.24 54.41 -9.47
CA THR D 27 25.83 54.13 -9.66
C THR D 27 25.17 55.27 -10.41
N VAL D 28 24.37 54.93 -11.40
CA VAL D 28 23.64 55.89 -12.22
C VAL D 28 22.16 55.52 -12.04
N ARG D 29 21.38 56.46 -11.55
CA ARG D 29 19.94 56.23 -11.31
C ARG D 29 19.04 56.97 -12.25
N ILE D 30 18.00 56.30 -12.72
CA ILE D 30 16.90 56.96 -13.44
C ILE D 30 15.65 56.52 -12.74
N GLU D 31 14.66 57.39 -12.70
CA GLU D 31 13.51 57.20 -11.82
C GLU D 31 12.57 56.11 -12.28
N ARG D 32 12.60 55.82 -13.58
CA ARG D 32 11.76 54.75 -14.15
C ARG D 32 12.56 54.04 -15.22
N ALA D 33 12.21 52.78 -15.48
CA ALA D 33 12.81 51.98 -16.55
C ALA D 33 12.29 52.44 -17.90
N ASP D 34 12.81 53.57 -18.37
CA ASP D 34 12.31 54.25 -19.59
C ASP D 34 13.51 54.83 -20.36
N ALA D 35 13.62 54.43 -21.62
CA ALA D 35 14.70 54.90 -22.51
C ALA D 35 14.74 56.43 -22.65
N ALA D 36 13.58 57.09 -22.51
CA ALA D 36 13.49 58.56 -22.63
C ALA D 36 14.23 59.34 -21.53
N LEU D 37 14.57 58.67 -20.43
CA LEU D 37 15.33 59.29 -19.36
C LEU D 37 16.83 59.15 -19.51
N VAL D 38 17.30 58.45 -20.52
CA VAL D 38 18.72 58.23 -20.73
C VAL D 38 19.34 59.47 -21.38
N THR D 39 20.40 60.00 -20.77
CA THR D 39 21.13 61.16 -21.31
C THR D 39 22.45 60.70 -21.93
N ALA D 40 23.04 61.54 -22.75
CA ALA D 40 24.33 61.26 -23.42
C ALA D 40 25.49 60.91 -22.46
N ASP D 41 25.52 61.52 -21.28
CA ASP D 41 26.52 61.18 -20.25
C ASP D 41 26.42 59.75 -19.71
N MET D 42 25.28 59.07 -19.92
CA MET D 42 25.06 57.70 -19.53
C MET D 42 25.43 56.62 -20.56
N ARG D 43 25.95 57.00 -21.73
CA ARG D 43 26.31 56.02 -22.76
C ARG D 43 27.49 55.09 -22.39
N ASP D 44 28.28 55.41 -21.37
CA ASP D 44 29.37 54.52 -20.92
C ASP D 44 28.94 53.50 -19.85
N VAL D 45 27.65 53.33 -19.62
CA VAL D 45 27.16 52.31 -18.66
C VAL D 45 27.55 50.89 -19.08
N SER D 46 28.13 50.12 -18.14
CA SER D 46 28.57 48.72 -18.39
C SER D 46 27.65 47.63 -17.83
N GLY D 47 26.81 47.99 -16.89
CA GLY D 47 25.91 47.05 -16.25
C GLY D 47 24.63 47.67 -15.80
N ILE D 48 23.65 46.81 -15.56
CA ILE D 48 22.33 47.17 -15.07
C ILE D 48 21.96 46.24 -13.90
N ALA D 49 21.40 46.82 -12.84
CA ALA D 49 20.81 46.09 -11.70
C ALA D 49 19.39 46.52 -11.70
N VAL D 50 18.47 45.56 -11.82
CA VAL D 50 17.08 45.89 -12.04
C VAL D 50 16.11 44.89 -11.41
N SER D 51 15.01 45.43 -10.88
CA SER D 51 13.89 44.61 -10.37
C SER D 51 12.67 44.89 -11.25
N GLY D 52 12.15 43.87 -11.88
CA GLY D 52 11.00 44.04 -12.76
C GLY D 52 11.40 44.14 -14.22
N LYS D 53 10.70 44.99 -14.95
CA LYS D 53 10.78 45.02 -16.40
C LYS D 53 12.01 45.78 -16.88
N LEU D 54 12.69 45.20 -17.86
CA LEU D 54 13.74 45.92 -18.57
C LEU D 54 13.33 45.99 -20.01
N PRO D 55 12.73 47.12 -20.42
CA PRO D 55 12.31 47.21 -21.82
C PRO D 55 13.50 47.26 -22.75
N VAL D 56 13.34 46.63 -23.93
CA VAL D 56 14.42 46.43 -24.86
C VAL D 56 15.03 47.77 -25.27
N PRO D 57 14.18 48.80 -25.54
CA PRO D 57 14.78 50.07 -25.93
C PRO D 57 15.69 50.68 -24.85
N LEU D 58 15.40 50.43 -23.58
CA LEU D 58 16.29 50.86 -22.49
C LEU D 58 17.58 50.07 -22.52
N MET D 59 17.45 48.75 -22.50
CA MET D 59 18.62 47.85 -22.64
C MET D 59 19.49 48.22 -23.85
N ASP D 60 18.85 48.51 -24.99
CA ASP D 60 19.57 48.94 -26.23
C ASP D 60 20.02 50.39 -26.33
N ALA D 61 19.75 51.20 -25.30
CA ALA D 61 20.37 52.52 -25.20
C ALA D 61 21.87 52.50 -24.86
N PHE D 62 22.41 51.36 -24.45
CA PHE D 62 23.77 51.23 -23.87
C PHE D 62 24.72 50.34 -24.67
N PRO D 63 25.53 50.94 -25.56
CA PRO D 63 26.44 50.16 -26.42
C PRO D 63 27.50 49.35 -25.68
N SER D 64 27.91 49.79 -24.49
CA SER D 64 28.92 49.06 -23.72
C SER D 64 28.34 48.14 -22.66
N LEU D 65 27.04 47.86 -22.71
CA LEU D 65 26.39 47.01 -21.71
C LEU D 65 26.91 45.59 -21.73
N GLU D 66 27.39 45.10 -20.58
CA GLU D 66 27.94 43.76 -20.48
C GLU D 66 27.04 42.75 -19.73
N ILE D 67 26.32 43.27 -18.74
CA ILE D 67 25.64 42.43 -17.81
C ILE D 67 24.38 43.08 -17.32
N VAL D 68 23.31 42.28 -17.24
CA VAL D 68 22.08 42.64 -16.57
C VAL D 68 21.93 41.71 -15.34
N ALA D 69 21.96 42.30 -14.17
CA ALA D 69 21.75 41.56 -12.92
C ALA D 69 20.32 41.77 -12.43
N ASN D 70 19.52 40.71 -12.57
CA ASN D 70 18.12 40.72 -12.28
C ASN D 70 17.90 40.37 -10.80
N PHE D 71 17.08 41.20 -10.14
CA PHE D 71 16.71 41.03 -8.76
C PHE D 71 15.46 40.15 -8.79
N GLY D 72 15.62 38.90 -8.34
CA GLY D 72 14.58 37.91 -8.45
C GLY D 72 15.06 36.62 -9.10
N VAL D 73 14.39 35.50 -8.75
CA VAL D 73 14.68 34.25 -9.43
C VAL D 73 14.05 34.22 -10.84
N GLY D 74 12.89 34.80 -10.96
CA GLY D 74 12.22 35.03 -12.26
C GLY D 74 12.85 36.20 -12.99
N TYR D 75 13.14 36.02 -14.28
CA TYR D 75 13.79 37.07 -15.08
C TYR D 75 13.06 37.27 -16.39
N ASP D 76 11.76 36.99 -16.39
CA ASP D 76 10.89 37.22 -17.56
C ASP D 76 10.69 38.68 -17.96
N GLY D 77 11.00 39.63 -17.08
CA GLY D 77 11.00 41.06 -17.47
C GLY D 77 12.21 41.45 -18.32
N VAL D 78 13.23 40.59 -18.38
CA VAL D 78 14.40 40.83 -19.23
C VAL D 78 14.21 40.02 -20.51
N ASP D 79 14.41 40.65 -21.66
CA ASP D 79 14.37 39.92 -22.94
C ASP D 79 15.70 39.16 -23.11
N VAL D 80 15.78 37.93 -22.59
CA VAL D 80 17.05 37.17 -22.62
C VAL D 80 17.51 36.74 -24.00
N SER D 81 16.59 36.53 -24.93
CA SER D 81 16.96 36.32 -26.36
C SER D 81 17.71 37.47 -26.94
N ARG D 82 17.25 38.68 -26.65
CA ARG D 82 17.89 39.86 -27.18
C ARG D 82 19.25 40.07 -26.47
N ALA D 83 19.31 39.81 -25.17
CA ALA D 83 20.58 39.94 -24.43
C ALA D 83 21.61 38.92 -24.91
N ALA D 84 21.17 37.66 -25.09
CA ALA D 84 22.02 36.59 -25.64
C ALA D 84 22.56 36.96 -27.02
N ALA D 85 21.68 37.46 -27.90
CA ALA D 85 22.09 37.96 -29.22
C ALA D 85 23.11 39.05 -29.20
N ARG D 86 23.14 39.86 -28.16
CA ARG D 86 24.14 40.92 -28.03
C ARG D 86 25.37 40.50 -27.22
N GLY D 87 25.41 39.25 -26.75
CA GLY D 87 26.52 38.79 -25.92
C GLY D 87 26.52 39.33 -24.51
N ILE D 88 25.34 39.75 -24.04
CA ILE D 88 25.13 40.30 -22.69
C ILE D 88 24.69 39.21 -21.71
N VAL D 89 25.43 39.08 -20.61
CA VAL D 89 25.14 38.03 -19.62
C VAL D 89 23.99 38.53 -18.72
N VAL D 90 23.12 37.59 -18.36
CA VAL D 90 21.99 37.86 -17.48
C VAL D 90 22.12 36.97 -16.26
N THR D 91 21.95 37.58 -15.10
CA THR D 91 22.03 36.83 -13.85
C THR D 91 20.70 36.98 -13.13
N ASN D 92 20.41 36.03 -12.29
CA ASN D 92 19.24 36.08 -11.45
C ASN D 92 19.60 35.77 -10.00
N THR D 93 18.59 35.54 -9.13
CA THR D 93 18.85 35.29 -7.73
C THR D 93 18.15 34.01 -7.26
N PRO D 94 18.58 32.85 -7.74
CA PRO D 94 18.08 31.59 -7.21
C PRO D 94 18.69 31.23 -5.83
N ASP D 95 18.15 30.18 -5.24
CA ASP D 95 18.66 29.52 -4.02
C ASP D 95 18.45 30.29 -2.71
N VAL D 96 18.82 31.55 -2.67
CA VAL D 96 18.75 32.36 -1.47
C VAL D 96 17.30 32.61 -1.02
N LEU D 97 16.33 32.44 -1.92
CA LEU D 97 14.92 32.66 -1.62
C LEU D 97 14.09 31.40 -1.63
N THR D 98 14.70 30.28 -1.91
CA THR D 98 13.95 29.02 -2.14
C THR D 98 13.08 28.60 -0.97
N GLU D 99 13.66 28.59 0.23
CA GLU D 99 12.92 28.21 1.42
C GLU D 99 11.82 29.21 1.81
N GLU D 100 12.09 30.51 1.62
CA GLU D 100 11.12 31.58 1.89
C GLU D 100 9.91 31.50 1.01
N VAL D 101 10.14 31.34 -0.28
CA VAL D 101 9.07 31.19 -1.25
C VAL D 101 8.22 29.96 -0.94
N ALA D 102 8.90 28.88 -0.55
CA ALA D 102 8.23 27.64 -0.21
C ALA D 102 7.36 27.82 1.04
N ASP D 103 7.86 28.54 2.04
CA ASP D 103 7.07 28.86 3.24
C ASP D 103 5.80 29.68 2.92
N THR D 104 5.96 30.75 2.13
CA THR D 104 4.83 31.50 1.60
C THR D 104 3.81 30.61 0.88
N ALA D 105 4.28 29.66 0.06
CA ALA D 105 3.36 28.82 -0.70
C ALA D 105 2.47 28.00 0.24
N ILE D 106 3.09 27.45 1.30
CA ILE D 106 2.37 26.70 2.26
C ILE D 106 1.36 27.58 3.03
N GLY D 107 1.80 28.75 3.47
CA GLY D 107 0.93 29.67 4.14
C GLY D 107 -0.26 30.10 3.30
N LEU D 108 -0.04 30.36 2.01
CA LEU D 108 -1.12 30.70 1.09
C LEU D 108 -2.12 29.57 0.92
N LEU D 109 -1.58 28.37 0.76
CA LEU D 109 -2.40 27.15 0.68
C LEU D 109 -3.27 26.96 1.92
N LEU D 110 -2.69 27.08 3.11
CA LEU D 110 -3.46 26.96 4.37
C LEU D 110 -4.48 28.01 4.53
N ASN D 111 -4.14 29.23 4.10
CA ASN D 111 -5.07 30.35 4.20
C ASN D 111 -6.22 30.23 3.25
N THR D 112 -5.96 29.68 2.09
CA THR D 112 -7.02 29.39 1.08
C THR D 112 -7.96 28.33 1.55
N LEU D 113 -7.38 27.27 2.12
CA LEU D 113 -8.18 26.10 2.53
C LEU D 113 -8.98 26.36 3.79
N ARG D 114 -8.35 27.00 4.76
CA ARG D 114 -8.98 27.17 6.07
C ARG D 114 -9.51 28.54 6.32
N LEU D 115 -9.31 29.45 5.36
CA LEU D 115 -9.87 30.80 5.44
C LEU D 115 -9.38 31.57 6.66
N LEU D 116 -8.14 31.39 7.02
CA LEU D 116 -7.62 31.99 8.24
C LEU D 116 -7.67 33.53 8.24
N PRO D 117 -7.41 34.15 7.08
CA PRO D 117 -7.48 35.63 7.07
C PRO D 117 -8.87 36.22 7.24
N GLN D 118 -9.85 35.58 6.61
CA GLN D 118 -11.27 35.90 6.85
C GLN D 118 -11.68 35.65 8.32
N ALA D 119 -11.21 34.56 8.92
CA ALA D 119 -11.54 34.28 10.34
C ALA D 119 -10.94 35.37 11.22
N GLU D 120 -9.71 35.78 10.92
CA GLU D 120 -9.13 36.89 11.70
C GLU D 120 -9.97 38.20 11.53
N GLN D 121 -10.44 38.48 10.32
CA GLN D 121 -11.31 39.64 10.07
C GLN D 121 -12.60 39.57 10.88
N TRP D 122 -13.20 38.40 10.92
CA TRP D 122 -14.38 38.14 11.69
C TRP D 122 -14.18 38.55 13.15
N LEU D 123 -13.09 38.06 13.74
CA LEU D 123 -12.73 38.39 15.12
C LEU D 123 -12.49 39.90 15.28
N ARG D 124 -11.66 40.49 14.45
CA ARG D 124 -11.32 41.91 14.51
C ARG D 124 -12.53 42.86 14.31
N GLN D 125 -13.48 42.45 13.51
CA GLN D 125 -14.65 43.24 13.28
C GLN D 125 -15.67 43.06 14.39
N GLY D 126 -15.37 42.27 15.39
CA GLY D 126 -16.23 42.04 16.52
C GLY D 126 -17.31 41.00 16.38
N ARG D 127 -17.34 40.31 15.28
CA ARG D 127 -18.31 39.29 15.03
C ARG D 127 -18.28 38.05 15.93
N TRP D 128 -17.15 37.68 16.53
CA TRP D 128 -17.09 36.50 17.39
C TRP D 128 -17.98 36.62 18.59
N VAL D 129 -17.90 37.76 19.24
CA VAL D 129 -18.71 38.03 20.45
C VAL D 129 -20.24 37.96 20.17
N ARG D 130 -20.70 38.62 19.13
CA ARG D 130 -22.13 38.56 18.90
C ARG D 130 -22.74 37.60 17.92
N GLU D 131 -22.08 37.27 16.85
CA GLU D 131 -22.66 36.30 15.91
C GLU D 131 -22.14 34.91 16.16
N GLY D 132 -21.14 34.78 17.04
CA GLY D 132 -20.63 33.45 17.42
C GLY D 132 -19.46 33.03 16.50
N ALA D 133 -19.30 31.73 16.37
CA ALA D 133 -18.17 31.16 15.74
C ALA D 133 -18.12 31.50 14.28
N PHE D 134 -16.93 31.72 13.79
CA PHE D 134 -16.69 31.88 12.37
C PHE D 134 -17.20 30.61 11.67
N PRO D 135 -17.85 30.72 10.50
CA PRO D 135 -18.34 29.51 9.89
C PRO D 135 -17.22 28.50 9.62
N LEU D 136 -17.57 27.22 9.66
CA LEU D 136 -16.60 26.17 9.47
C LEU D 136 -16.10 26.26 8.02
N SER D 137 -14.82 26.09 7.83
CA SER D 137 -14.26 26.18 6.45
C SER D 137 -14.72 24.95 5.68
N PRO D 138 -15.28 25.12 4.49
CA PRO D 138 -15.75 23.95 3.80
C PRO D 138 -14.60 23.03 3.38
N LEU D 139 -13.41 23.59 3.27
CA LEU D 139 -12.28 22.83 2.84
C LEU D 139 -11.27 22.65 3.95
N SER D 140 -10.35 21.74 3.66
CA SER D 140 -9.28 21.32 4.55
C SER D 140 -8.13 20.78 3.70
N LEU D 141 -6.93 20.77 4.26
CA LEU D 141 -5.81 20.04 3.68
C LEU D 141 -5.86 18.53 3.92
N ARG D 142 -6.66 18.08 4.90
CA ARG D 142 -6.78 16.65 5.22
C ARG D 142 -7.29 15.85 4.03
N GLY D 143 -6.59 14.76 3.68
CA GLY D 143 -7.05 13.86 2.61
C GLY D 143 -6.74 14.30 1.18
N ARG D 144 -6.11 15.48 1.02
CA ARG D 144 -5.89 16.04 -0.31
C ARG D 144 -4.74 15.39 -1.05
N THR D 145 -4.73 15.59 -2.37
CA THR D 145 -3.66 15.11 -3.22
C THR D 145 -3.17 16.36 -3.96
N VAL D 146 -1.87 16.62 -3.85
CA VAL D 146 -1.28 17.83 -4.41
C VAL D 146 -0.47 17.52 -5.66
N GLY D 147 -0.69 18.31 -6.71
CA GLY D 147 0.08 18.21 -7.96
C GLY D 147 0.90 19.48 -8.09
N LEU D 148 2.19 19.32 -8.28
CA LEU D 148 3.09 20.46 -8.47
C LEU D 148 3.31 20.62 -9.94
N PHE D 149 3.00 21.80 -10.46
CA PHE D 149 3.29 22.14 -11.82
C PHE D 149 4.59 22.89 -11.76
N GLY D 150 5.67 22.21 -12.16
CA GLY D 150 7.03 22.68 -11.96
C GLY D 150 7.58 22.06 -10.68
N LEU D 151 8.88 21.70 -10.70
CA LEU D 151 9.49 20.99 -9.58
C LEU D 151 10.96 21.21 -9.47
N GLY D 152 11.37 22.47 -9.53
CA GLY D 152 12.79 22.79 -9.51
C GLY D 152 13.22 22.90 -8.05
N ARG D 153 14.02 23.90 -7.75
CA ARG D 153 14.48 24.10 -6.40
C ARG D 153 13.28 24.42 -5.46
N ILE D 154 12.40 25.31 -5.91
CA ILE D 154 11.28 25.75 -5.11
C ILE D 154 10.19 24.66 -5.01
N GLY D 155 9.81 24.11 -6.17
CA GLY D 155 8.86 23.04 -6.23
C GLY D 155 9.27 21.88 -5.33
N LEU D 156 10.52 21.47 -5.41
CA LEU D 156 11.02 20.47 -4.50
C LEU D 156 10.94 20.86 -3.03
N ALA D 157 11.27 22.12 -2.69
CA ALA D 157 11.15 22.57 -1.30
C ALA D 157 9.69 22.53 -0.80
N ILE D 158 8.74 22.82 -1.67
CA ILE D 158 7.32 22.78 -1.33
C ILE D 158 6.85 21.36 -1.08
N ALA D 159 7.29 20.43 -1.93
CA ALA D 159 7.02 19.00 -1.79
C ALA D 159 7.54 18.42 -0.48
N ARG D 160 8.74 18.81 -0.07
CA ARG D 160 9.30 18.37 1.20
C ARG D 160 8.41 18.82 2.37
N ARG D 161 7.88 20.02 2.33
CA ARG D 161 7.01 20.52 3.40
C ARG D 161 5.71 19.71 3.38
N LEU D 162 5.14 19.54 2.18
CA LEU D 162 3.92 18.79 2.01
C LEU D 162 3.95 17.35 2.46
N GLU D 163 5.07 16.66 2.28
CA GLU D 163 5.23 15.28 2.78
C GLU D 163 4.98 15.19 4.27
N ALA D 164 5.45 16.17 5.00
CA ALA D 164 5.25 16.20 6.44
C ALA D 164 3.80 16.49 6.87
N PHE D 165 2.96 16.98 5.97
CA PHE D 165 1.53 17.21 6.23
C PHE D 165 0.65 16.00 5.88
N GLY D 166 1.27 14.91 5.47
CA GLY D 166 0.53 13.64 5.21
C GLY D 166 -0.34 13.61 3.97
N VAL D 167 0.04 14.37 2.94
CA VAL D 167 -0.73 14.40 1.69
C VAL D 167 0.04 13.71 0.57
N SER D 168 -0.71 13.13 -0.37
CA SER D 168 -0.09 12.54 -1.55
C SER D 168 0.42 13.63 -2.49
N ILE D 169 1.60 13.41 -3.07
CA ILE D 169 2.26 14.38 -3.91
C ILE D 169 2.47 13.80 -5.31
N ALA D 170 2.13 14.61 -6.31
CA ALA D 170 2.43 14.33 -7.71
C ALA D 170 3.09 15.56 -8.35
N TYR D 171 3.68 15.39 -9.53
CA TYR D 171 4.29 16.51 -10.26
C TYR D 171 4.27 16.43 -11.78
N HIS D 172 4.31 17.59 -12.41
CA HIS D 172 4.43 17.69 -13.88
C HIS D 172 5.53 18.65 -14.28
N THR D 173 6.44 18.13 -15.11
CA THR D 173 7.55 18.85 -15.72
C THR D 173 7.73 18.30 -17.13
N ARG D 174 8.49 18.99 -17.99
CA ARG D 174 8.68 18.54 -19.39
C ARG D 174 9.39 17.20 -19.42
N THR D 175 10.47 17.11 -18.65
CA THR D 175 11.18 15.84 -18.47
C THR D 175 11.17 15.48 -16.98
N PRO D 176 10.96 14.18 -16.69
CA PRO D 176 10.93 13.69 -15.31
C PRO D 176 12.22 13.87 -14.54
N ARG D 177 12.14 13.62 -13.24
CA ARG D 177 13.30 13.63 -12.35
C ARG D 177 13.49 12.23 -11.76
N GLU D 178 14.67 11.65 -11.98
CA GLU D 178 14.98 10.32 -11.44
C GLU D 178 15.30 10.43 -9.94
N GLY D 179 15.00 9.35 -9.21
CA GLY D 179 15.33 9.24 -7.79
C GLY D 179 14.37 9.96 -6.86
N LEU D 180 13.15 10.22 -7.32
CA LEU D 180 12.11 10.84 -6.49
C LEU D 180 10.89 9.95 -6.40
N GLY D 181 10.38 9.81 -5.17
CA GLY D 181 9.21 8.97 -4.90
C GLY D 181 7.86 9.57 -5.29
N PHE D 182 7.84 10.76 -5.88
CA PHE D 182 6.58 11.41 -6.25
C PHE D 182 6.15 10.92 -7.60
N THR D 183 4.84 10.78 -7.78
CA THR D 183 4.29 10.36 -9.07
C THR D 183 4.50 11.42 -10.16
N TYR D 184 5.21 11.05 -11.21
CA TYR D 184 5.36 11.91 -12.39
C TYR D 184 4.13 11.77 -13.31
N HIS D 185 3.68 12.91 -13.85
CA HIS D 185 2.64 12.96 -14.89
C HIS D 185 3.22 13.63 -16.12
N PRO D 186 3.15 12.96 -17.30
CA PRO D 186 3.70 13.56 -18.53
C PRO D 186 2.89 14.75 -19.06
N THR D 187 1.63 14.88 -18.64
CA THR D 187 0.78 16.02 -19.01
C THR D 187 0.24 16.77 -17.79
N LEU D 188 0.04 18.07 -17.99
CA LEU D 188 -0.60 18.92 -17.03
C LEU D 188 -2.05 18.52 -16.81
N VAL D 189 -2.80 18.34 -17.88
CA VAL D 189 -4.24 17.90 -17.79
C VAL D 189 -4.36 16.55 -17.07
N GLY D 190 -3.46 15.63 -17.38
CA GLY D 190 -3.45 14.30 -16.75
C GLY D 190 -3.21 14.38 -15.24
N MET D 191 -2.25 15.19 -14.82
CA MET D 191 -2.02 15.44 -13.40
C MET D 191 -3.25 16.06 -12.73
N ALA D 192 -3.79 17.07 -13.39
CA ALA D 192 -4.98 17.75 -12.90
C ALA D 192 -6.13 16.79 -12.67
N GLU D 193 -6.32 15.80 -13.56
CA GLU D 193 -7.36 14.77 -13.39
C GLU D 193 -7.14 13.99 -12.10
N ALA D 194 -5.89 13.62 -11.85
CA ALA D 194 -5.51 12.78 -10.72
C ALA D 194 -5.50 13.49 -9.35
N VAL D 195 -5.31 14.80 -9.34
CA VAL D 195 -5.19 15.54 -8.09
C VAL D 195 -6.39 16.45 -7.84
N ASP D 196 -6.46 17.01 -6.63
CA ASP D 196 -7.49 18.01 -6.25
C ASP D 196 -6.94 19.38 -5.81
N THR D 197 -5.62 19.51 -5.84
CA THR D 197 -4.91 20.68 -5.39
C THR D 197 -3.73 20.86 -6.31
N LEU D 198 -3.66 22.00 -6.98
CA LEU D 198 -2.65 22.26 -8.03
C LEU D 198 -1.86 23.50 -7.66
N ILE D 199 -0.56 23.31 -7.47
CA ILE D 199 0.35 24.40 -7.09
C ILE D 199 1.24 24.75 -8.28
N VAL D 200 1.14 25.98 -8.76
CA VAL D 200 1.83 26.41 -9.94
C VAL D 200 3.10 27.10 -9.52
N ILE D 201 4.24 26.58 -9.99
CA ILE D 201 5.55 27.08 -9.59
C ILE D 201 6.55 26.89 -10.75
N VAL D 202 6.18 27.48 -11.88
CA VAL D 202 7.01 27.43 -13.10
C VAL D 202 7.44 28.83 -13.47
N PRO D 203 8.52 28.95 -14.25
CA PRO D 203 8.86 30.27 -14.83
C PRO D 203 7.79 30.84 -15.79
N GLY D 204 7.76 32.16 -15.91
CA GLY D 204 6.93 32.87 -16.88
C GLY D 204 7.54 32.88 -18.27
N THR D 205 7.45 31.74 -18.95
CA THR D 205 7.94 31.59 -20.34
C THR D 205 6.79 31.48 -21.32
N ALA D 206 7.12 31.55 -22.61
CA ALA D 206 6.19 31.30 -23.70
C ALA D 206 5.56 29.90 -23.59
N SER D 207 6.36 28.92 -23.16
CA SER D 207 5.91 27.52 -23.08
C SER D 207 4.79 27.33 -22.05
N THR D 208 4.82 28.10 -20.97
CA THR D 208 3.81 28.00 -19.90
C THR D 208 2.67 29.02 -20.02
N LEU D 209 2.69 29.88 -21.02
CA LEU D 209 1.65 30.91 -21.21
C LEU D 209 0.25 30.30 -21.31
N LYS D 210 -0.63 30.76 -20.41
CA LYS D 210 -2.01 30.28 -20.25
C LYS D 210 -2.16 28.76 -20.19
N ALA D 211 -1.14 28.09 -19.66
CA ALA D 211 -1.13 26.64 -19.54
C ALA D 211 -2.25 26.17 -18.62
N VAL D 212 -2.47 26.88 -17.51
CA VAL D 212 -3.59 26.61 -16.63
C VAL D 212 -4.83 27.29 -17.22
N ASN D 213 -5.58 26.50 -17.99
CA ASN D 213 -6.69 27.00 -18.79
C ASN D 213 -7.98 26.29 -18.41
N ALA D 214 -9.06 26.59 -19.12
CA ALA D 214 -10.39 26.03 -18.84
C ALA D 214 -10.39 24.51 -18.65
N ASP D 215 -9.71 23.81 -19.56
CA ASP D 215 -9.59 22.35 -19.54
C ASP D 215 -8.86 21.82 -18.32
N VAL D 216 -7.74 22.46 -17.95
CA VAL D 216 -6.96 22.06 -16.77
C VAL D 216 -7.78 22.23 -15.50
N LEU D 217 -8.44 23.38 -15.38
CA LEU D 217 -9.33 23.66 -14.23
C LEU D 217 -10.50 22.69 -14.16
N SER D 218 -11.07 22.40 -15.32
CA SER D 218 -12.19 21.48 -15.37
C SER D 218 -11.78 20.08 -14.87
N ALA D 219 -10.58 19.63 -15.26
CA ALA D 219 -10.02 18.33 -14.83
C ALA D 219 -9.67 18.30 -13.36
N LEU D 220 -9.22 19.45 -12.85
CA LEU D 220 -8.97 19.59 -11.41
C LEU D 220 -10.18 19.14 -10.59
N GLY D 221 -11.39 19.58 -10.97
CA GLY D 221 -12.64 19.07 -10.37
C GLY D 221 -13.31 20.00 -9.38
N PRO D 222 -14.50 19.63 -8.88
CA PRO D 222 -15.27 20.52 -7.98
C PRO D 222 -14.75 20.69 -6.54
N LYS D 223 -13.76 19.88 -6.13
CA LYS D 223 -13.05 20.08 -4.86
C LYS D 223 -11.68 20.70 -5.13
N GLY D 224 -11.49 21.17 -6.36
CA GLY D 224 -10.20 21.67 -6.81
C GLY D 224 -9.78 22.98 -6.16
N VAL D 225 -8.51 23.05 -5.81
CA VAL D 225 -7.91 24.29 -5.31
C VAL D 225 -6.66 24.60 -6.13
N LEU D 226 -6.60 25.82 -6.63
CA LEU D 226 -5.47 26.31 -7.41
C LEU D 226 -4.66 27.29 -6.62
N ILE D 227 -3.36 27.04 -6.48
CA ILE D 227 -2.43 27.95 -5.82
C ILE D 227 -1.39 28.39 -6.85
N ASN D 228 -1.28 29.68 -7.08
CA ASN D 228 -0.25 30.19 -8.03
C ASN D 228 0.76 31.04 -7.29
N VAL D 229 1.99 30.52 -7.22
CA VAL D 229 3.15 31.26 -6.71
C VAL D 229 4.25 31.37 -7.77
N GLY D 230 3.88 31.25 -9.04
CA GLY D 230 4.86 31.22 -10.15
C GLY D 230 4.80 32.58 -10.83
N ARG D 231 4.12 32.63 -11.96
CA ARG D 231 3.87 33.88 -12.68
C ARG D 231 2.40 33.93 -13.10
N GLY D 232 1.84 35.13 -13.03
CA GLY D 232 0.43 35.33 -13.38
C GLY D 232 0.06 34.92 -14.80
N SER D 233 1.01 35.10 -15.72
CA SER D 233 0.78 34.81 -17.14
C SER D 233 0.49 33.34 -17.43
N THR D 234 0.97 32.47 -16.56
CA THR D 234 0.73 31.04 -16.64
C THR D 234 -0.74 30.61 -16.48
N VAL D 235 -1.51 31.38 -15.72
CA VAL D 235 -2.94 31.10 -15.52
C VAL D 235 -3.77 31.97 -16.46
N ASP D 236 -4.70 31.34 -17.15
CA ASP D 236 -5.70 32.06 -17.94
C ASP D 236 -6.65 32.65 -16.90
N GLU D 237 -6.43 33.92 -16.59
CA GLU D 237 -7.16 34.64 -15.54
C GLU D 237 -8.68 34.69 -15.79
N ALA D 238 -9.07 34.80 -17.06
CA ALA D 238 -10.50 34.85 -17.43
C ALA D 238 -11.20 33.52 -17.18
N ALA D 239 -10.55 32.42 -17.59
CA ALA D 239 -11.07 31.08 -17.38
C ALA D 239 -11.16 30.72 -15.89
N LEU D 240 -10.20 31.22 -15.11
CA LEU D 240 -10.19 31.01 -13.66
C LEU D 240 -11.42 31.67 -13.00
N VAL D 241 -11.71 32.91 -13.38
CA VAL D 241 -12.88 33.64 -12.88
C VAL D 241 -14.17 32.89 -13.16
N THR D 242 -14.31 32.42 -14.39
CA THR D 242 -15.47 31.65 -14.82
C THR D 242 -15.59 30.37 -14.01
N ALA D 243 -14.46 29.69 -13.80
CA ALA D 243 -14.46 28.41 -13.12
C ALA D 243 -14.88 28.59 -11.64
N LEU D 244 -14.44 29.67 -11.02
CA LEU D 244 -14.85 30.00 -9.66
C LEU D 244 -16.35 30.35 -9.61
N GLN D 245 -16.79 31.19 -10.53
CA GLN D 245 -18.22 31.55 -10.65
C GLN D 245 -19.13 30.32 -10.75
N ASN D 246 -18.76 29.38 -11.62
CA ASN D 246 -19.57 28.19 -11.88
C ASN D 246 -19.46 27.08 -10.83
N GLY D 247 -18.55 27.22 -9.86
CA GLY D 247 -18.27 26.16 -8.91
C GLY D 247 -17.54 25.00 -9.57
N THR D 248 -16.88 25.27 -10.70
CA THR D 248 -16.11 24.25 -11.43
C THR D 248 -14.93 23.82 -10.56
N ILE D 249 -14.38 24.76 -9.79
CA ILE D 249 -13.44 24.46 -8.74
C ILE D 249 -13.89 25.10 -7.46
N ALA D 250 -13.27 24.66 -6.38
CA ALA D 250 -13.67 25.04 -5.00
C ALA D 250 -13.01 26.26 -4.42
N GLY D 251 -11.80 26.58 -4.88
CA GLY D 251 -11.10 27.75 -4.35
C GLY D 251 -9.80 28.03 -5.04
N ALA D 252 -9.20 29.18 -4.69
CA ALA D 252 -7.90 29.51 -5.26
C ALA D 252 -7.15 30.46 -4.37
N GLY D 253 -5.84 30.37 -4.45
CA GLY D 253 -4.95 31.26 -3.74
C GLY D 253 -3.90 31.76 -4.70
N LEU D 254 -3.75 33.09 -4.82
CA LEU D 254 -2.92 33.69 -5.85
C LEU D 254 -2.00 34.78 -5.27
N ASP D 255 -0.70 34.61 -5.53
CA ASP D 255 0.32 35.59 -5.15
C ASP D 255 0.75 36.41 -6.36
N VAL D 256 0.33 36.02 -7.56
CA VAL D 256 0.78 36.64 -8.83
C VAL D 256 -0.39 36.74 -9.81
N PHE D 257 -0.31 37.73 -10.70
CA PHE D 257 -1.42 38.16 -11.57
C PHE D 257 -0.90 38.53 -12.96
N GLU D 258 -1.77 38.44 -13.95
CA GLU D 258 -1.39 38.76 -15.35
C GLU D 258 -0.77 40.15 -15.50
N ASN D 259 -1.40 41.14 -14.86
CA ASN D 259 -1.00 42.53 -15.01
C ASN D 259 -0.93 43.24 -13.67
N GLU D 260 0.08 42.85 -12.90
CA GLU D 260 0.30 43.40 -11.56
C GLU D 260 0.66 44.87 -11.71
N PRO D 261 0.19 45.75 -10.82
CA PRO D 261 -0.45 45.38 -9.54
C PRO D 261 -1.97 45.34 -9.62
N ASN D 262 -2.52 45.24 -10.82
CA ASN D 262 -3.96 45.25 -11.00
C ASN D 262 -4.48 43.85 -10.81
N VAL D 263 -5.58 43.74 -10.07
CA VAL D 263 -6.25 42.47 -9.79
C VAL D 263 -7.70 42.68 -10.23
N PRO D 264 -8.24 41.77 -11.06
CA PRO D 264 -9.57 41.97 -11.62
C PRO D 264 -10.61 41.99 -10.52
N GLU D 265 -11.52 42.96 -10.56
CA GLU D 265 -12.57 43.13 -9.54
C GLU D 265 -13.31 41.82 -9.24
N ALA D 266 -13.51 40.96 -10.23
CA ALA D 266 -14.26 39.71 -10.04
C ALA D 266 -13.60 38.76 -9.02
N LEU D 267 -12.27 38.66 -9.08
CA LEU D 267 -11.49 37.89 -8.09
C LEU D 267 -11.62 38.41 -6.66
N LEU D 268 -11.81 39.71 -6.50
CA LEU D 268 -11.95 40.32 -5.17
C LEU D 268 -13.29 40.02 -4.48
N SER D 269 -14.29 39.57 -5.25
CA SER D 269 -15.64 39.31 -4.73
C SER D 269 -15.84 37.91 -4.13
N PHE D 270 -15.02 36.95 -4.54
CA PHE D 270 -15.19 35.55 -4.11
C PHE D 270 -14.82 35.35 -2.63
N PRO D 271 -15.69 34.68 -1.86
CA PRO D 271 -15.32 34.35 -0.47
C PRO D 271 -14.36 33.16 -0.31
N ASN D 272 -14.09 32.41 -1.38
CA ASN D 272 -13.24 31.22 -1.36
C ASN D 272 -11.84 31.43 -2.03
N VAL D 273 -11.40 32.67 -2.03
CA VAL D 273 -10.15 33.05 -2.70
C VAL D 273 -9.27 33.86 -1.77
N SER D 274 -7.98 33.52 -1.70
CA SER D 274 -7.01 34.31 -0.96
C SER D 274 -6.05 34.98 -1.96
N LEU D 275 -5.76 36.26 -1.75
CA LEU D 275 -5.01 37.10 -2.69
C LEU D 275 -3.88 37.77 -1.94
N LEU D 276 -2.67 37.67 -2.49
CA LEU D 276 -1.50 38.30 -1.91
C LEU D 276 -0.77 39.16 -2.92
N PRO D 277 -0.24 40.33 -2.49
CA PRO D 277 0.42 41.13 -3.51
C PRO D 277 1.90 40.72 -3.76
N HIS D 278 2.10 39.59 -4.41
CA HIS D 278 3.41 39.11 -4.80
C HIS D 278 4.45 39.16 -3.68
N VAL D 279 4.13 38.49 -2.55
CA VAL D 279 4.94 38.58 -1.33
C VAL D 279 5.78 37.33 -1.09
N ALA D 280 5.85 36.41 -2.04
CA ALA D 280 6.56 35.17 -1.82
C ALA D 280 7.95 35.25 -1.20
N SER D 281 8.78 36.21 -1.64
CA SER D 281 10.11 36.35 -1.08
C SER D 281 10.26 37.57 -0.14
N ALA D 282 9.15 38.22 0.16
CA ALA D 282 9.17 39.57 0.72
C ALA D 282 9.29 39.64 2.26
N SER D 283 10.40 39.11 2.77
CA SER D 283 10.84 39.36 4.12
C SER D 283 12.15 40.17 4.04
N VAL D 284 12.47 40.96 5.06
CA VAL D 284 13.74 41.70 5.14
C VAL D 284 14.94 40.76 4.94
N VAL D 285 14.99 39.63 5.66
CA VAL D 285 16.22 38.79 5.59
C VAL D 285 16.43 38.20 4.19
N THR D 286 15.37 37.75 3.55
CA THR D 286 15.46 37.13 2.24
C THR D 286 15.73 38.15 1.16
N ARG D 287 15.07 39.30 1.24
CA ARG D 287 15.38 40.38 0.28
C ARG D 287 16.81 40.93 0.45
N ASN D 288 17.32 40.98 1.69
CA ASN D 288 18.73 41.32 1.90
C ASN D 288 19.69 40.31 1.21
N ALA D 289 19.41 39.02 1.33
CA ALA D 289 20.20 38.00 0.68
C ALA D 289 20.12 38.12 -0.85
N MET D 290 18.94 38.45 -1.35
CA MET D 290 18.74 38.69 -2.79
C MET D 290 19.52 39.91 -3.29
N SER D 291 19.45 40.99 -2.51
CA SER D 291 20.23 42.19 -2.81
C SER D 291 21.71 41.88 -2.87
N ASP D 292 22.21 41.16 -1.88
CA ASP D 292 23.61 40.78 -1.87
C ASP D 292 24.04 39.96 -3.09
N LEU D 293 23.16 39.06 -3.54
CA LEU D 293 23.47 38.23 -4.69
C LEU D 293 23.47 39.02 -6.03
N VAL D 294 22.60 40.01 -6.15
CA VAL D 294 22.67 40.89 -7.31
C VAL D 294 24.06 41.56 -7.41
N VAL D 295 24.45 42.20 -6.31
CA VAL D 295 25.68 42.92 -6.23
C VAL D 295 26.87 41.99 -6.39
N ASP D 296 26.89 40.88 -5.66
CA ASP D 296 28.00 39.97 -5.72
C ASP D 296 28.20 39.34 -7.12
N ASN D 297 27.11 39.15 -7.84
CA ASN D 297 27.17 38.79 -9.25
C ASN D 297 27.91 39.83 -10.05
N LEU D 298 27.52 41.09 -9.88
CA LEU D 298 28.21 42.17 -10.60
C LEU D 298 29.72 42.23 -10.24
N LYS D 299 30.02 42.10 -8.97
CA LYS D 299 31.39 42.16 -8.50
C LYS D 299 32.21 40.99 -9.06
N ALA D 300 31.63 39.79 -9.04
CA ALA D 300 32.31 38.62 -9.59
C ALA D 300 32.55 38.76 -11.12
N TRP D 301 31.56 39.28 -11.82
CA TRP D 301 31.73 39.50 -13.28
C TRP D 301 32.87 40.44 -13.60
N PHE D 302 32.80 41.65 -13.08
CA PHE D 302 33.82 42.63 -13.36
C PHE D 302 35.18 42.29 -12.75
N SER D 303 35.25 41.50 -11.67
CA SER D 303 36.58 41.20 -11.08
C SER D 303 37.21 39.90 -11.55
N THR D 304 36.41 38.87 -11.79
CA THR D 304 36.93 37.55 -12.24
C THR D 304 36.50 37.18 -13.63
N GLY D 305 35.53 37.89 -14.19
CA GLY D 305 34.98 37.52 -15.50
C GLY D 305 33.97 36.37 -15.51
N GLU D 306 33.64 35.87 -14.32
CA GLU D 306 32.68 34.81 -14.16
C GLU D 306 31.58 35.26 -13.19
N ALA D 307 30.33 35.30 -13.64
CA ALA D 307 29.17 35.55 -12.77
C ALA D 307 28.92 34.38 -11.83
N LEU D 308 28.18 34.62 -10.75
CA LEU D 308 27.87 33.56 -9.78
C LEU D 308 26.65 32.74 -10.20
N THR D 309 25.59 33.42 -10.65
CA THR D 309 24.35 32.75 -11.05
C THR D 309 23.81 33.25 -12.35
N PRO D 310 24.61 33.10 -13.42
CA PRO D 310 24.10 33.42 -14.76
C PRO D 310 22.89 32.55 -15.06
N VAL D 311 22.02 33.03 -15.92
CA VAL D 311 20.88 32.23 -16.32
C VAL D 311 21.31 31.23 -17.36
N ALA D 312 20.47 30.22 -17.59
CA ALA D 312 20.81 29.12 -18.53
C ALA D 312 21.06 29.56 -19.97
N GLU D 313 20.29 30.54 -20.42
CA GLU D 313 20.41 31.10 -21.76
C GLU D 313 21.72 31.88 -22.00
N THR D 314 22.42 32.29 -20.93
CA THR D 314 23.64 33.07 -21.07
C THR D 314 24.77 32.50 -20.24
N PRO D 315 25.32 31.35 -20.61
CA PRO D 315 26.53 30.88 -19.84
C PRO D 315 27.86 31.52 -20.35
N PHE D 316 27.96 32.83 -20.16
CA PHE D 316 29.02 33.63 -20.75
C PHE D 316 30.12 33.87 -19.77
N ARG D 317 31.28 34.21 -20.32
CA ARG D 317 32.42 34.66 -19.57
C ARG D 317 32.78 35.99 -20.12
N ARG D 318 33.29 36.87 -19.24
CA ARG D 318 33.61 38.22 -19.67
C ARG D 318 34.81 38.30 -20.65
N ARG D 319 34.61 39.06 -21.73
CA ARG D 319 35.71 39.47 -22.58
C ARG D 319 35.95 40.99 -22.47
N ALA D 320 37.19 41.34 -22.13
CA ALA D 320 37.66 42.72 -21.95
C ALA D 320 38.97 42.88 -22.66
N ILE D 321 39.24 44.07 -23.18
CA ILE D 321 40.56 44.39 -23.80
C ILE D 321 41.70 44.48 -22.77
C ACT E . 17.81 -30.75 -10.66
O ACT E . 16.75 -31.19 -10.12
OXT ACT E . 18.95 -31.20 -10.34
CH3 ACT E . 17.73 -29.66 -11.69
CL CL F . 16.95 -42.81 -4.83
OP3 A2R G . 17.90 -20.75 12.56
P2' A2R G . 18.65 -20.28 11.32
OP1 A2R G . 18.73 -18.76 11.25
OP2 A2R G . 20.00 -20.93 11.21
O2' A2R G . 17.69 -20.74 10.10
C2' A2R G . 17.69 -22.07 9.55
C1' A2R G . 16.40 -22.75 10.00
N9 A2R G . 16.50 -23.34 11.33
C4 A2R G . 15.77 -22.99 12.45
N3 A2R G . 14.82 -22.04 12.54
C2 A2R G . 14.37 -21.94 13.79
N1 A2R G . 14.73 -22.64 14.87
C6 A2R G . 15.68 -23.59 14.75
N6 A2R G . 16.07 -24.26 15.84
C5 A2R G . 16.24 -23.79 13.47
N7 A2R G . 17.24 -24.64 13.01
C8 A2R G . 17.35 -24.34 11.75
O4' A2R G . 16.18 -23.78 9.05
C3' A2R G . 17.47 -22.05 8.05
O3' A2R G . 16.64 -20.95 7.69
C4' A2R G . 16.73 -23.36 7.78
C5' A2R G . 17.58 -24.47 7.20
O5' A2R G . 18.14 -24.00 5.95
P A2R G . 19.29 -24.83 5.24
O1 A2R G . 20.40 -25.18 6.17
O2 A2R G . 19.86 -24.06 4.07
O3 A2R G . 18.61 -26.17 4.70
P1 A2R G . 17.55 -26.52 3.55
O11 A2R G . 18.32 -26.92 2.32
O12 A2R G . 16.66 -25.34 3.24
O15' A2R G . 16.81 -27.82 4.12
C15' A2R G . 16.23 -27.84 5.44
C14' A2R G . 15.78 -29.24 5.76
C13' A2R G . 16.85 -30.33 5.74
O13' A2R G . 17.57 -30.43 6.96
C12' A2R G . 16.03 -31.58 5.44
O12' A2R G . 15.96 -32.46 6.55
C11' A2R G . 14.63 -31.04 5.14
O14' A2R G . 14.83 -29.68 4.77
O11' A2R G . 14.10 -31.76 4.10
C ACT H . -9.86 14.08 9.91
O ACT H . -9.76 15.33 10.11
OXT ACT H . -10.11 13.23 10.84
CH3 ACT H . -9.69 13.56 8.50
CL CL I . -18.84 22.45 15.04
CL CL J . -8.39 23.35 20.39
OP3 A2R K . 4.11 16.62 30.92
P2' A2R K . 3.71 15.38 30.13
OP1 A2R K . 4.99 14.55 29.87
OP2 A2R K . 2.60 14.62 30.75
O2' A2R K . 3.27 15.89 28.67
C2' A2R K . 1.93 16.28 28.27
C1' A2R K . 1.94 17.79 28.09
N9 A2R K . 1.72 18.52 29.32
C4 A2R K . 2.66 19.25 30.02
N3 A2R K . 3.94 19.48 29.68
C2 A2R K . 4.56 20.21 30.61
N1 A2R K . 4.08 20.69 31.77
C6 A2R K . 2.79 20.45 32.08
N6 A2R K . 2.31 20.92 33.24
C5 A2R K . 2.02 19.69 31.16
N7 A2R K . 0.69 19.27 31.18
C8 A2R K . 0.58 18.58 30.08
O4' A2R K . 0.86 18.04 27.20
C3' A2R K . 1.63 15.83 26.84
O3' A2R K . 2.86 15.79 26.12
C4' A2R K . 0.73 16.93 26.29
C5' A2R K . -0.73 16.55 26.15
O5' A2R K . -0.97 16.00 24.84
P A2R K . -2.23 15.01 24.59
O1 A2R K . -2.82 14.37 25.80
O2 A2R K . -1.89 13.92 23.59
O3 A2R K . -3.35 15.91 23.87
P1 A2R K . -3.42 16.62 22.45
O11 A2R K . -4.35 15.84 21.52
O12 A2R K . -2.05 16.73 21.87
O15' A2R K . -4.15 17.99 22.84
C15' A2R K . -3.50 18.93 23.72
C14' A2R K . -4.41 20.10 24.03
C13' A2R K . -5.82 19.77 24.53
O13' A2R K . -5.83 19.54 25.93
C12' A2R K . -6.63 21.00 24.10
O12' A2R K . -7.03 21.79 25.22
C11' A2R K . -5.67 21.79 23.18
O14' A2R K . -4.65 20.86 22.84
O11' A2R K . -6.36 22.23 22.05
C ACT L . -11.90 -15.32 -4.27
O ACT L . -12.96 -14.75 -4.67
OXT ACT L . -11.73 -16.55 -4.37
CH3 ACT L . -10.81 -14.48 -3.66
CL CL M . -21.27 -25.02 -6.65
CL CL N . -13.83 -23.93 -15.76
OP3 A2R O . -7.33 -15.46 -29.21
P2' A2R O . -7.36 -14.28 -28.24
OP1 A2R O . -6.20 -13.32 -28.52
OP2 A2R O . -8.69 -13.60 -28.18
O2' A2R O . -7.07 -14.88 -26.76
C2' A2R O . -8.04 -15.60 -25.98
C1' A2R O . -7.76 -17.09 -26.09
N9 A2R O . -8.38 -17.72 -27.26
C4 A2R O . -7.74 -18.32 -28.32
N3 A2R O . -6.42 -18.47 -28.49
C2 A2R O . -6.16 -19.10 -29.65
N1 A2R O . -7.00 -19.55 -30.57
C6 A2R O . -8.33 -19.38 -30.37
N6 A2R O . -9.17 -19.79 -31.32
C5 A2R O . -8.73 -18.74 -29.18
N7 A2R O . -9.99 -18.43 -28.66
C8 A2R O . -9.72 -17.83 -27.53
O4' A2R O . -8.32 -17.65 -24.93
C3' A2R O . -7.74 -15.38 -24.51
O3' A2R O . -6.35 -15.16 -24.33
C4' A2R O . -8.17 -16.71 -23.84
C5' A2R O . -9.42 -16.66 -23.03
O5' A2R O . -9.25 -15.72 -21.96
P A2R O . -10.51 -14.98 -21.28
O1 A2R O . -11.61 -14.55 -22.22
O2 A2R O . -10.00 -13.79 -20.46
O3 A2R O . -11.14 -16.00 -20.23
P1 A2R O . -10.53 -16.80 -19.00
O11 A2R O . -11.09 -16.18 -17.71
O12 A2R O . -9.05 -16.79 -19.00
O15' A2R O . -11.20 -18.25 -19.24
C15' A2R O . -10.92 -19.00 -20.43
C14' A2R O . -11.67 -20.30 -20.39
C13' A2R O . -13.18 -20.15 -20.32
O13' A2R O . -13.72 -19.92 -21.61
C12' A2R O . -13.61 -21.49 -19.70
O12' A2R O . -14.18 -22.41 -20.62
C11' A2R O . -12.33 -22.06 -19.09
O14' A2R O . -11.36 -21.02 -19.18
O11' A2R O . -12.58 -22.38 -17.77
CL CL P . 12.89 44.70 -1.70
CL CL Q . 8.30 35.15 -7.63
OP3 A2R R . 10.34 21.38 -17.61
P2' A2R R . 11.58 21.26 -16.77
OP1 A2R R . 12.01 19.76 -16.54
OP2 A2R R . 12.68 22.11 -17.21
O2' A2R R . 11.10 21.70 -15.32
C2' A2R R . 11.06 23.07 -14.90
C1' A2R R . 9.61 23.54 -14.85
N9 A2R R . 9.08 23.92 -16.16
C4 A2R R . 8.00 23.34 -16.80
N3 A2R R . 7.26 22.31 -16.38
C2 A2R R . 6.29 22.03 -17.26
N1 A2R R . 6.02 22.62 -18.43
C6 A2R R . 6.81 23.64 -18.85
N6 A2R R . 6.58 24.16 -20.05
C5 A2R R . 7.86 24.05 -17.99
N7 A2R R . 8.81 25.04 -18.10
C8 A2R R . 9.51 24.92 -16.98
O4' A2R R . 9.66 24.66 -14.01
C3' A2R R . 11.39 23.15 -13.40
O3' A2R R . 10.88 21.99 -12.74
C4' A2R R . 10.62 24.39 -12.96
C5' A2R R . 11.47 25.61 -12.72
O5' A2R R . 12.47 25.29 -11.72
P A2R R . 13.70 26.27 -11.49
O1 A2R R . 14.40 26.60 -12.77
O2 A2R R . 14.71 25.62 -10.50
O3 A2R R . 13.21 27.60 -10.77
P1 A2R R . 12.63 27.84 -9.31
O11 A2R R . 13.77 28.37 -8.42
O12 A2R R . 12.10 26.58 -8.75
O15' A2R R . 11.51 28.97 -9.57
C15' A2R R . 10.52 28.75 -10.58
C14' A2R R . 9.74 30.02 -10.83
C13' A2R R . 10.58 31.25 -11.13
O13' A2R R . 10.85 31.36 -12.52
C12' A2R R . 9.68 32.39 -10.62
O12' A2R R . 9.25 33.22 -11.69
C11' A2R R . 8.49 31.66 -10.01
O14' A2R R . 8.98 30.38 -9.66
O11' A2R R . 8.00 32.36 -8.90
#